data_6HK1
#
_entry.id   6HK1
#
_cell.length_a   216.863
_cell.length_b   216.863
_cell.length_c   207.250
_cell.angle_alpha   90.00
_cell.angle_beta   90.00
_cell.angle_gamma   90.00
#
_symmetry.space_group_name_H-M   'I 4 2 2'
#
loop_
_entity.id
_entity.type
_entity.pdbx_description
1 polymer 'Thiazole synthase'
2 non-polymer 'TERBIUM(III) ION'
3 non-polymer '[[(2R,3S,4R,5R)-5-(6-aminopurin-9-yl)-3,4-bis(oxidanyl)oxolan-2-yl]methoxy-oxidanyl-phosphoryl] [(2R,3R)-2,3,5-tris(oxidanyl)-4-oxidanylidene-pentyl] hydrogen phosphate'
4 non-polymer GLYCEROL
5 non-polymer 'TRIETHYLENE GLYCOL'
6 non-polymer DI(HYDROXYETHYL)ETHER
7 non-polymer 'SODIUM ION'
8 water water
#
_entity_poly.entity_id   1
_entity_poly.type   'polypeptide(L)'
_entity_poly.pdbx_seq_one_letter_code
;MDYKLKADEYNVTKAILSSAFKMWMDVIEVDVAIVGGGPSGLTAGKYLAKEGLKVVILERHLSFGGGTWGGGMGFPYIVV
EEPADEILRDAGIKLEKVEDVEGYYIADSVEVPAKLGASAIDAGAKILTSVAVEDLILREDKVAGVVVQGYAIEKAGLHV
DPITINAKYVIDATGHDASVTTTLARKNKDLGIEVPGEKSMWADKGENSLLRNTREVYPGLFVCGMAANAVHAGYRMGAI
FGGMYLSGKKCAEMILEKLNK
;
_entity_poly.pdbx_strand_id   A,B,C,D,E,F
#
loop_
_chem_comp.id
_chem_comp.type
_chem_comp.name
_chem_comp.formula
48F non-polymer '[[(2R,3S,4R,5R)-5-(6-aminopurin-9-yl)-3,4-bis(oxidanyl)oxolan-2-yl]methoxy-oxidanyl-phosphoryl] [(2R,3R)-2,3,5-tris(oxidanyl)-4-oxidanylidene-pentyl] hydrogen phosphate' 'C15 H23 N5 O14 P2'
GOL non-polymer GLYCEROL 'C3 H8 O3'
NA non-polymer 'SODIUM ION' 'Na 1'
PEG non-polymer DI(HYDROXYETHYL)ETHER 'C4 H10 O3'
PGE non-polymer 'TRIETHYLENE GLYCOL' 'C6 H14 O4'
TB non-polymer 'TERBIUM(III) ION' 'Tb 3'
#
# COMPACT_ATOMS: atom_id res chain seq x y z
N MET A 1 44.53 27.06 28.53
CA MET A 1 43.16 27.14 28.03
C MET A 1 43.01 26.32 26.75
N ASP A 2 42.19 25.26 26.80
CA ASP A 2 41.94 24.37 25.66
C ASP A 2 40.53 24.66 25.16
N TYR A 3 40.41 24.97 23.88
CA TYR A 3 39.13 25.33 23.27
C TYR A 3 38.39 24.14 22.69
N LYS A 4 37.05 24.19 22.72
CA LYS A 4 36.22 23.14 22.14
C LYS A 4 36.15 23.53 20.68
N LEU A 5 36.72 22.72 19.81
CA LEU A 5 36.79 23.02 18.39
C LEU A 5 35.68 22.43 17.54
N LYS A 6 35.17 23.25 16.61
CA LYS A 6 34.12 22.85 15.67
C LYS A 6 34.80 22.15 14.50
N ALA A 7 34.50 20.87 14.30
CA ALA A 7 35.13 20.11 13.21
C ALA A 7 34.22 18.99 12.75
N ASP A 8 34.27 18.70 11.45
CA ASP A 8 33.48 17.63 10.83
C ASP A 8 34.19 17.22 9.55
N GLU A 9 33.64 16.27 8.81
CA GLU A 9 34.25 15.82 7.56
C GLU A 9 33.55 16.44 6.37
N TYR A 10 32.21 16.41 6.34
CA TYR A 10 31.42 16.91 5.21
C TYR A 10 31.68 18.37 4.83
N ASN A 11 31.57 19.29 5.77
CA ASN A 11 31.76 20.71 5.46
C ASN A 11 33.19 21.09 5.15
N VAL A 12 34.16 20.30 5.64
CA VAL A 12 35.57 20.58 5.35
C VAL A 12 35.80 20.21 3.89
N THR A 13 35.35 19.01 3.49
CA THR A 13 35.49 18.54 2.11
C THR A 13 34.76 19.46 1.15
N LYS A 14 33.52 19.84 1.49
CA LYS A 14 32.71 20.71 0.63
C LYS A 14 33.37 22.08 0.42
N ALA A 15 33.92 22.66 1.50
CA ALA A 15 34.58 23.96 1.45
C ALA A 15 35.83 23.90 0.56
N ILE A 16 36.61 22.84 0.68
CA ILE A 16 37.83 22.66 -0.11
C ILE A 16 37.49 22.48 -1.59
N LEU A 17 36.50 21.65 -1.91
CA LEU A 17 36.08 21.42 -3.30
C LEU A 17 35.52 22.69 -3.92
N SER A 18 34.71 23.45 -3.18
CA SER A 18 34.13 24.69 -3.70
C SER A 18 35.19 25.71 -4.02
N SER A 19 36.15 25.91 -3.10
CA SER A 19 37.22 26.87 -3.32
C SER A 19 38.12 26.45 -4.48
N ALA A 20 38.48 25.17 -4.55
CA ALA A 20 39.33 24.64 -5.63
C ALA A 20 38.65 24.77 -6.99
N PHE A 21 37.34 24.55 -7.07
CA PHE A 21 36.69 24.68 -8.37
C PHE A 21 36.52 26.13 -8.76
N LYS A 22 36.19 27.02 -7.81
CA LYS A 22 36.10 28.43 -8.15
C LYS A 22 37.47 28.91 -8.65
N MET A 23 38.54 28.40 -8.02
CA MET A 23 39.91 28.73 -8.38
C MET A 23 40.21 28.27 -9.81
N TRP A 24 39.94 26.99 -10.12
CA TRP A 24 40.21 26.43 -11.45
C TRP A 24 39.46 27.17 -12.54
N MET A 25 38.22 27.57 -12.30
CA MET A 25 37.42 28.29 -13.29
C MET A 25 38.05 29.64 -13.64
N ASP A 26 38.74 30.24 -12.67
CA ASP A 26 39.40 31.53 -12.85
C ASP A 26 40.80 31.42 -13.48
N VAL A 27 41.56 30.37 -13.17
CA VAL A 27 42.92 30.19 -13.68
C VAL A 27 43.04 29.73 -15.14
N ILE A 28 41.97 29.20 -15.75
CA ILE A 28 42.04 28.69 -17.14
C ILE A 28 42.30 29.75 -18.20
N GLU A 29 42.20 31.02 -17.84
CA GLU A 29 42.52 32.13 -18.74
C GLU A 29 43.30 33.14 -17.90
N VAL A 30 44.56 33.39 -18.26
CA VAL A 30 45.40 34.34 -17.52
C VAL A 30 46.10 35.27 -18.50
N ASP A 31 46.80 36.29 -17.98
CA ASP A 31 47.55 37.22 -18.82
C ASP A 31 48.89 36.55 -19.08
N VAL A 32 49.52 36.03 -18.01
CA VAL A 32 50.82 35.36 -18.11
C VAL A 32 50.81 34.03 -17.35
N ALA A 33 51.36 32.98 -17.95
CA ALA A 33 51.48 31.67 -17.31
C ALA A 33 52.98 31.46 -17.16
N ILE A 34 53.49 31.43 -15.92
CA ILE A 34 54.91 31.23 -15.66
C ILE A 34 55.14 29.77 -15.34
N VAL A 35 56.03 29.11 -16.09
CA VAL A 35 56.32 27.70 -15.86
C VAL A 35 57.62 27.60 -15.06
N GLY A 36 57.51 27.10 -13.84
CA GLY A 36 58.63 26.94 -12.93
C GLY A 36 58.51 27.88 -11.75
N GLY A 37 58.55 27.31 -10.55
CA GLY A 37 58.43 28.10 -9.32
C GLY A 37 59.78 28.31 -8.66
N GLY A 38 60.81 28.53 -9.46
CA GLY A 38 62.16 28.79 -8.95
C GLY A 38 62.41 30.26 -8.72
N PRO A 39 63.65 30.65 -8.38
CA PRO A 39 63.93 32.08 -8.12
C PRO A 39 63.52 33.07 -9.21
N SER A 40 63.81 32.77 -10.49
CA SER A 40 63.46 33.68 -11.59
C SER A 40 61.95 33.68 -11.86
N GLY A 41 61.30 32.52 -11.80
CA GLY A 41 59.85 32.40 -12.01
C GLY A 41 59.05 33.11 -10.93
N LEU A 42 59.47 32.96 -9.66
CA LEU A 42 58.79 33.63 -8.56
C LEU A 42 58.97 35.14 -8.63
N THR A 43 60.14 35.60 -9.13
CA THR A 43 60.40 37.03 -9.25
C THR A 43 59.58 37.60 -10.39
N ALA A 44 59.57 36.95 -11.55
CA ALA A 44 58.78 37.43 -12.68
C ALA A 44 57.30 37.51 -12.34
N GLY A 45 56.78 36.51 -11.64
CA GLY A 45 55.39 36.48 -11.23
C GLY A 45 55.04 37.63 -10.29
N LYS A 46 55.92 37.93 -9.33
CA LYS A 46 55.72 39.02 -8.38
C LYS A 46 55.62 40.37 -9.09
N TYR A 47 56.59 40.67 -9.94
CA TYR A 47 56.62 41.96 -10.64
C TYR A 47 55.51 42.11 -11.69
N LEU A 48 54.94 41.02 -12.21
CA LEU A 48 53.84 41.12 -13.18
C LEU A 48 52.55 41.34 -12.38
N ALA A 49 52.31 40.54 -11.33
CA ALA A 49 51.12 40.64 -10.49
C ALA A 49 51.06 41.99 -9.79
N LYS A 50 52.22 42.51 -9.38
CA LYS A 50 52.37 43.80 -8.70
C LYS A 50 51.70 44.92 -9.53
N GLU A 51 51.71 44.78 -10.87
CA GLU A 51 51.12 45.77 -11.78
C GLU A 51 49.66 45.49 -12.15
N GLY A 52 49.00 44.56 -11.46
CA GLY A 52 47.60 44.25 -11.73
C GLY A 52 47.31 43.16 -12.75
N LEU A 53 48.34 42.48 -13.29
CA LEU A 53 48.11 41.42 -14.26
C LEU A 53 47.63 40.14 -13.60
N LYS A 54 46.87 39.33 -14.34
CA LYS A 54 46.37 38.04 -13.87
C LYS A 54 47.46 37.05 -14.21
N VAL A 55 48.17 36.55 -13.19
CA VAL A 55 49.31 35.66 -13.37
C VAL A 55 49.19 34.35 -12.59
N VAL A 56 49.69 33.25 -13.18
CA VAL A 56 49.72 31.96 -12.52
C VAL A 56 51.11 31.38 -12.70
N ILE A 57 51.72 30.89 -11.60
CA ILE A 57 53.03 30.27 -11.61
C ILE A 57 52.74 28.79 -11.45
N LEU A 58 53.21 27.98 -12.40
CA LEU A 58 52.97 26.54 -12.37
C LEU A 58 54.23 25.78 -12.01
N GLU A 59 54.20 25.05 -10.89
CA GLU A 59 55.33 24.28 -10.41
C GLU A 59 55.02 22.79 -10.40
N ARG A 60 55.91 21.96 -10.98
CA ARG A 60 55.75 20.51 -11.06
C ARG A 60 55.72 19.84 -9.68
N HIS A 61 56.67 20.18 -8.82
CA HIS A 61 56.74 19.57 -7.49
C HIS A 61 55.70 20.10 -6.54
N LEU A 62 55.48 19.39 -5.42
CA LEU A 62 54.49 19.78 -4.41
C LEU A 62 54.81 21.11 -3.79
N SER A 63 56.09 21.46 -3.70
CA SER A 63 56.52 22.74 -3.13
C SER A 63 57.32 23.50 -4.18
N PHE A 64 57.33 24.84 -4.08
CA PHE A 64 58.10 25.68 -5.01
C PHE A 64 59.49 25.97 -4.42
N GLY A 65 60.28 26.78 -5.13
CA GLY A 65 61.61 27.17 -4.69
C GLY A 65 62.72 26.72 -5.62
N GLY A 66 62.48 25.63 -6.35
CA GLY A 66 63.46 25.09 -7.29
C GLY A 66 64.75 24.64 -6.62
N GLY A 67 65.88 25.12 -7.15
CA GLY A 67 67.20 24.77 -6.65
C GLY A 67 67.76 25.67 -5.57
N THR A 68 66.93 26.49 -4.91
CA THR A 68 67.43 27.37 -3.86
C THR A 68 67.60 26.63 -2.52
N TRP A 69 66.61 25.81 -2.12
CA TRP A 69 66.59 25.06 -0.85
C TRP A 69 67.93 24.47 -0.39
N GLY A 70 68.61 23.73 -1.26
CA GLY A 70 69.86 23.07 -0.92
C GLY A 70 71.12 23.93 -0.84
N GLY A 71 71.04 25.18 -1.27
CA GLY A 71 72.19 26.07 -1.25
C GLY A 71 73.29 25.58 -2.19
N GLY A 72 74.50 25.43 -1.67
CA GLY A 72 75.63 24.94 -2.44
C GLY A 72 76.11 23.60 -1.91
N MET A 73 75.90 22.51 -2.66
CA MET A 73 76.33 21.16 -2.26
C MET A 73 75.73 20.74 -0.90
N GLY A 74 74.55 21.25 -0.57
CA GLY A 74 73.91 20.94 0.70
C GLY A 74 74.16 21.98 1.78
N PHE A 75 75.22 22.80 1.64
CA PHE A 75 75.53 23.87 2.62
C PHE A 75 74.37 24.86 2.42
N PRO A 76 73.53 25.09 3.45
CA PRO A 76 72.32 25.90 3.23
C PRO A 76 72.43 27.43 3.17
N TYR A 77 73.23 27.95 2.22
CA TYR A 77 73.38 29.38 2.03
C TYR A 77 73.55 29.65 0.55
N ILE A 78 73.10 30.81 0.09
CA ILE A 78 73.23 31.20 -1.32
C ILE A 78 73.76 32.61 -1.38
N VAL A 79 74.45 32.98 -2.46
CA VAL A 79 75.01 34.30 -2.61
C VAL A 79 74.20 35.13 -3.59
N VAL A 80 74.11 36.42 -3.33
CA VAL A 80 73.43 37.37 -4.19
C VAL A 80 74.38 38.56 -4.31
N GLU A 81 74.54 39.13 -5.49
CA GLU A 81 75.43 40.27 -5.63
C GLU A 81 74.65 41.53 -5.96
N GLU A 82 75.24 42.70 -5.68
CA GLU A 82 74.59 43.99 -5.95
C GLU A 82 74.38 44.18 -7.46
N PRO A 83 73.25 44.75 -7.90
CA PRO A 83 72.12 45.30 -7.13
C PRO A 83 70.95 44.32 -6.89
N ALA A 84 71.12 43.05 -7.27
CA ALA A 84 70.07 42.05 -7.11
C ALA A 84 69.67 41.79 -5.66
N ASP A 85 70.54 42.12 -4.70
CA ASP A 85 70.21 41.95 -3.28
C ASP A 85 68.95 42.75 -2.88
N GLU A 86 68.66 43.90 -3.57
CA GLU A 86 67.49 44.74 -3.28
C GLU A 86 66.17 43.98 -3.53
N ILE A 87 66.18 43.04 -4.48
CA ILE A 87 65.00 42.24 -4.78
C ILE A 87 64.70 41.33 -3.59
N LEU A 88 65.74 40.74 -2.98
CA LEU A 88 65.57 39.88 -1.81
C LEU A 88 65.17 40.71 -0.59
N ARG A 89 65.71 41.93 -0.48
CA ARG A 89 65.36 42.82 0.64
C ARG A 89 63.89 43.18 0.57
N ASP A 90 63.37 43.38 -0.65
CA ASP A 90 61.96 43.72 -0.87
C ASP A 90 61.03 42.59 -0.41
N ALA A 91 61.54 41.35 -0.38
CA ALA A 91 60.77 40.20 0.07
C ALA A 91 60.94 39.96 1.58
N GLY A 92 61.70 40.82 2.24
CA GLY A 92 61.95 40.72 3.67
C GLY A 92 63.02 39.72 4.06
N ILE A 93 63.87 39.31 3.09
CA ILE A 93 64.92 38.32 3.35
C ILE A 93 66.10 38.99 4.05
N LYS A 94 66.58 38.35 5.11
CA LYS A 94 67.71 38.82 5.90
C LYS A 94 69.01 38.53 5.16
N LEU A 95 69.84 39.55 4.92
CA LEU A 95 71.09 39.39 4.19
C LEU A 95 72.26 39.82 5.05
N GLU A 96 73.40 39.13 4.88
CA GLU A 96 74.62 39.45 5.60
C GLU A 96 75.68 39.74 4.57
N LYS A 97 76.56 40.71 4.85
CA LYS A 97 77.63 41.06 3.94
C LYS A 97 78.71 40.01 3.96
N VAL A 98 79.24 39.64 2.79
CA VAL A 98 80.35 38.68 2.73
C VAL A 98 81.58 39.57 3.03
N GLU A 99 82.36 39.23 4.03
CA GLU A 99 83.51 40.04 4.47
C GLU A 99 84.61 40.36 3.44
N ASP A 100 85.16 39.35 2.76
CA ASP A 100 86.25 39.58 1.81
C ASP A 100 85.83 40.15 0.46
N VAL A 101 84.52 40.24 0.17
CA VAL A 101 84.04 40.66 -1.15
C VAL A 101 82.97 41.72 -1.08
N GLU A 102 83.29 42.95 -1.49
CA GLU A 102 82.31 44.03 -1.50
C GLU A 102 81.34 43.78 -2.64
N GLY A 103 80.05 43.84 -2.34
CA GLY A 103 79.02 43.60 -3.35
C GLY A 103 78.33 42.25 -3.17
N TYR A 104 78.96 41.33 -2.42
CA TYR A 104 78.39 39.99 -2.17
C TYR A 104 77.62 39.97 -0.87
N TYR A 105 76.46 39.30 -0.89
CA TYR A 105 75.60 39.14 0.27
C TYR A 105 75.25 37.67 0.35
N ILE A 106 75.06 37.15 1.55
CA ILE A 106 74.73 35.74 1.72
C ILE A 106 73.39 35.64 2.45
N ALA A 107 72.57 34.64 2.10
CA ALA A 107 71.28 34.45 2.73
C ALA A 107 71.00 32.99 3.00
N ASP A 108 70.15 32.72 3.98
CA ASP A 108 69.76 31.36 4.35
C ASP A 108 68.97 30.80 3.15
N SER A 109 69.45 29.69 2.57
CA SER A 109 68.83 29.06 1.40
C SER A 109 67.39 28.56 1.62
N VAL A 110 66.95 28.42 2.88
CA VAL A 110 65.59 27.97 3.21
C VAL A 110 64.67 29.20 3.35
N GLU A 111 65.21 30.33 3.80
CA GLU A 111 64.45 31.58 3.97
C GLU A 111 64.08 32.20 2.62
N VAL A 112 64.99 32.14 1.64
CA VAL A 112 64.78 32.73 0.31
C VAL A 112 63.53 32.20 -0.41
N PRO A 113 63.43 30.89 -0.70
CA PRO A 113 62.24 30.41 -1.42
C PRO A 113 60.92 30.70 -0.71
N ALA A 114 60.87 30.51 0.61
CA ALA A 114 59.67 30.77 1.41
C ALA A 114 59.21 32.21 1.26
N LYS A 115 60.13 33.18 1.42
CA LYS A 115 59.80 34.59 1.32
C LYS A 115 59.56 35.07 -0.12
N LEU A 116 60.26 34.51 -1.10
CA LEU A 116 60.03 34.90 -2.51
C LEU A 116 58.63 34.46 -2.94
N GLY A 117 58.23 33.27 -2.52
CA GLY A 117 56.92 32.73 -2.83
C GLY A 117 55.83 33.52 -2.14
N ALA A 118 56.04 33.84 -0.85
CA ALA A 118 55.07 34.62 -0.08
C ALA A 118 54.91 36.01 -0.69
N SER A 119 56.02 36.60 -1.16
CA SER A 119 56.00 37.93 -1.78
C SER A 119 55.23 37.91 -3.11
N ALA A 120 55.39 36.84 -3.91
CA ALA A 120 54.69 36.72 -5.18
C ALA A 120 53.19 36.59 -4.93
N ILE A 121 52.81 35.81 -3.90
CA ILE A 121 51.40 35.62 -3.53
C ILE A 121 50.82 36.93 -3.06
N ASP A 122 51.57 37.68 -2.24
CA ASP A 122 51.10 38.98 -1.73
C ASP A 122 50.97 40.01 -2.84
N ALA A 123 51.75 39.87 -3.92
CA ALA A 123 51.68 40.78 -5.06
C ALA A 123 50.44 40.46 -5.91
N GLY A 124 49.81 39.32 -5.68
CA GLY A 124 48.62 38.90 -6.40
C GLY A 124 48.81 37.73 -7.34
N ALA A 125 50.00 37.12 -7.37
CA ALA A 125 50.25 35.98 -8.25
C ALA A 125 49.69 34.70 -7.65
N LYS A 126 49.16 33.82 -8.50
CA LYS A 126 48.63 32.56 -8.03
C LYS A 126 49.71 31.51 -8.24
N ILE A 127 50.05 30.73 -7.21
CA ILE A 127 51.06 29.68 -7.37
C ILE A 127 50.36 28.35 -7.26
N LEU A 128 50.47 27.52 -8.29
CA LEU A 128 49.87 26.19 -8.28
C LEU A 128 51.01 25.18 -8.32
N THR A 129 51.10 24.33 -7.29
CA THR A 129 52.15 23.31 -7.23
C THR A 129 51.56 21.98 -7.64
N SER A 130 52.40 20.97 -7.85
CA SER A 130 51.95 19.64 -8.24
C SER A 130 51.29 19.67 -9.63
N VAL A 131 51.67 20.64 -10.48
CA VAL A 131 51.12 20.82 -11.82
C VAL A 131 52.26 20.88 -12.82
N ALA A 132 52.34 19.90 -13.72
CA ALA A 132 53.39 19.82 -14.73
C ALA A 132 52.92 20.37 -16.06
N VAL A 133 53.71 21.25 -16.70
CA VAL A 133 53.37 21.78 -18.02
C VAL A 133 53.99 20.79 -18.98
N GLU A 134 53.16 20.06 -19.74
CA GLU A 134 53.68 19.05 -20.66
C GLU A 134 53.72 19.50 -22.11
N ASP A 135 53.07 20.60 -22.45
CA ASP A 135 53.05 21.08 -23.84
C ASP A 135 52.54 22.52 -23.87
N LEU A 136 52.49 23.10 -25.07
CA LEU A 136 52.03 24.46 -25.26
C LEU A 136 50.83 24.51 -26.16
N ILE A 137 50.07 25.61 -26.08
CA ILE A 137 48.92 25.82 -26.95
C ILE A 137 49.46 26.72 -28.05
N LEU A 138 49.24 26.35 -29.32
CA LEU A 138 49.75 27.16 -30.41
C LEU A 138 48.65 27.80 -31.23
N ARG A 139 49.01 28.86 -31.91
CA ARG A 139 48.15 29.60 -32.83
C ARG A 139 49.06 29.92 -33.99
N GLU A 140 48.55 30.57 -35.02
CA GLU A 140 49.38 30.93 -36.16
C GLU A 140 50.54 31.84 -35.71
N ASP A 141 51.78 31.36 -35.85
CA ASP A 141 52.99 32.11 -35.50
C ASP A 141 53.09 32.59 -34.04
N LYS A 142 52.50 31.86 -33.08
CA LYS A 142 52.58 32.27 -31.69
C LYS A 142 52.16 31.21 -30.70
N VAL A 143 52.63 31.35 -29.45
CA VAL A 143 52.27 30.46 -28.33
C VAL A 143 51.08 31.17 -27.68
N ALA A 144 50.03 30.42 -27.33
CA ALA A 144 48.83 31.03 -26.75
C ALA A 144 48.43 30.41 -25.40
N GLY A 145 49.32 29.68 -24.75
CA GLY A 145 49.01 29.07 -23.46
C GLY A 145 49.82 27.82 -23.19
N VAL A 146 49.42 27.09 -22.13
CA VAL A 146 50.12 25.87 -21.71
C VAL A 146 49.17 24.70 -21.51
N VAL A 147 49.70 23.49 -21.64
CA VAL A 147 48.94 22.24 -21.45
C VAL A 147 49.43 21.68 -20.13
N VAL A 148 48.55 21.58 -19.14
CA VAL A 148 48.93 21.11 -17.81
C VAL A 148 48.43 19.72 -17.46
N GLN A 149 49.22 19.01 -16.66
CA GLN A 149 48.87 17.68 -16.19
C GLN A 149 49.26 17.60 -14.71
N GLY A 150 48.55 16.79 -13.96
CA GLY A 150 48.85 16.61 -12.54
C GLY A 150 50.18 15.89 -12.42
N TYR A 151 51.04 16.35 -11.51
CA TYR A 151 52.34 15.76 -11.31
C TYR A 151 52.23 14.29 -10.87
N ALA A 152 51.27 13.97 -9.99
CA ALA A 152 51.07 12.59 -9.53
C ALA A 152 50.67 11.68 -10.70
N ILE A 153 49.79 12.17 -11.60
CA ILE A 153 49.34 11.41 -12.76
C ILE A 153 50.54 11.16 -13.67
N GLU A 154 51.36 12.19 -13.88
CA GLU A 154 52.55 12.10 -14.71
C GLU A 154 53.54 11.11 -14.09
N LYS A 155 53.82 11.26 -12.78
CA LYS A 155 54.75 10.38 -12.08
C LYS A 155 54.27 8.93 -12.05
N ALA A 156 52.96 8.72 -11.84
CA ALA A 156 52.37 7.37 -11.79
C ALA A 156 52.31 6.70 -13.17
N GLY A 157 52.62 7.46 -14.23
CA GLY A 157 52.62 6.93 -15.58
C GLY A 157 51.24 6.63 -16.14
N LEU A 158 50.19 7.20 -15.54
CA LEU A 158 48.82 6.97 -16.00
C LEU A 158 48.57 7.64 -17.34
N HIS A 159 47.84 6.97 -18.24
CA HIS A 159 47.53 7.52 -19.55
C HIS A 159 46.26 8.34 -19.37
N VAL A 160 46.41 9.65 -19.14
CA VAL A 160 45.29 10.56 -18.90
C VAL A 160 45.48 11.84 -19.70
N ASP A 161 44.40 12.39 -20.24
CA ASP A 161 44.45 13.63 -21.02
C ASP A 161 44.70 14.82 -20.09
N PRO A 162 45.35 15.87 -20.58
CA PRO A 162 45.60 17.03 -19.71
C PRO A 162 44.49 18.06 -19.89
N ILE A 163 44.62 19.21 -19.23
CA ILE A 163 43.69 20.31 -19.38
C ILE A 163 44.54 21.49 -19.83
N THR A 164 43.94 22.65 -20.06
CA THR A 164 44.70 23.79 -20.58
C THR A 164 44.51 25.09 -19.84
N ILE A 165 45.46 26.01 -20.07
CA ILE A 165 45.42 27.35 -19.50
C ILE A 165 45.78 28.32 -20.64
N ASN A 166 44.83 29.16 -21.04
CA ASN A 166 45.07 30.14 -22.11
C ASN A 166 45.80 31.32 -21.52
N ALA A 167 46.81 31.83 -22.22
CA ALA A 167 47.59 32.95 -21.73
C ALA A 167 48.05 33.84 -22.88
N LYS A 168 48.24 35.13 -22.63
CA LYS A 168 48.72 36.04 -23.65
C LYS A 168 50.21 35.79 -23.83
N TYR A 169 50.91 35.51 -22.71
CA TYR A 169 52.35 35.23 -22.71
C TYR A 169 52.69 34.08 -21.79
N VAL A 170 53.67 33.27 -22.18
CA VAL A 170 54.13 32.14 -21.38
C VAL A 170 55.59 32.40 -21.08
N ILE A 171 56.02 32.07 -19.86
CA ILE A 171 57.42 32.27 -19.48
C ILE A 171 58.02 30.93 -19.17
N ASP A 172 59.13 30.60 -19.82
CA ASP A 172 59.82 29.36 -19.54
C ASP A 172 60.87 29.71 -18.48
N ALA A 173 60.58 29.37 -17.21
CA ALA A 173 61.48 29.61 -16.08
C ALA A 173 61.74 28.26 -15.41
N THR A 174 61.89 27.20 -16.24
CA THR A 174 62.09 25.84 -15.76
C THR A 174 63.53 25.45 -15.43
N GLY A 175 64.44 26.41 -15.43
CA GLY A 175 65.84 26.13 -15.11
C GLY A 175 66.65 25.67 -16.29
N HIS A 176 67.81 25.06 -16.01
CA HIS A 176 68.73 24.59 -17.06
C HIS A 176 68.12 23.59 -18.04
N ASP A 177 67.01 22.94 -17.67
CA ASP A 177 66.36 21.98 -18.56
C ASP A 177 65.59 22.70 -19.67
N ALA A 178 65.16 23.98 -19.45
CA ALA A 178 64.39 24.73 -20.45
C ALA A 178 63.38 23.77 -21.08
N SER A 179 62.62 23.06 -20.23
CA SER A 179 61.67 22.04 -20.67
C SER A 179 60.57 22.56 -21.59
N VAL A 180 60.05 23.77 -21.35
CA VAL A 180 58.99 24.32 -22.19
C VAL A 180 59.49 24.60 -23.61
N THR A 181 60.61 25.32 -23.73
CA THR A 181 61.18 25.63 -25.05
C THR A 181 61.66 24.35 -25.74
N THR A 182 62.22 23.39 -24.97
CA THR A 182 62.69 22.13 -25.54
C THR A 182 61.51 21.34 -26.10
N THR A 183 60.36 21.33 -25.40
CA THR A 183 59.17 20.61 -25.87
C THR A 183 58.65 21.26 -27.14
N LEU A 184 58.61 22.60 -27.16
CA LEU A 184 58.14 23.33 -28.34
C LEU A 184 59.01 22.96 -29.54
N ALA A 185 60.33 22.97 -29.36
CA ALA A 185 61.27 22.65 -30.43
C ALA A 185 61.23 21.20 -30.88
N ARG A 186 61.08 20.27 -29.94
CA ARG A 186 61.05 18.84 -30.24
C ARG A 186 59.79 18.41 -30.99
N LYS A 187 58.62 18.91 -30.57
CA LYS A 187 57.34 18.56 -31.18
C LYS A 187 56.98 19.35 -32.43
N ASN A 188 57.62 20.52 -32.64
CA ASN A 188 57.33 21.36 -33.80
C ASN A 188 58.63 21.65 -34.53
N LYS A 189 59.17 20.65 -35.23
CA LYS A 189 60.43 20.76 -35.99
C LYS A 189 60.35 21.84 -37.06
N ASP A 190 59.17 22.09 -37.62
CA ASP A 190 58.96 23.11 -38.65
C ASP A 190 59.33 24.53 -38.19
N LEU A 191 59.34 24.79 -36.88
CA LEU A 191 59.66 26.13 -36.34
C LEU A 191 61.16 26.46 -36.34
N GLY A 192 62.01 25.46 -36.50
CA GLY A 192 63.46 25.66 -36.52
C GLY A 192 64.08 26.13 -35.22
N ILE A 193 63.45 25.81 -34.07
CA ILE A 193 64.00 26.22 -32.78
C ILE A 193 65.03 25.18 -32.32
N GLU A 194 66.15 25.65 -31.74
CA GLU A 194 67.22 24.78 -31.23
C GLU A 194 67.50 25.14 -29.78
N VAL A 195 67.65 24.13 -28.93
CA VAL A 195 67.97 24.35 -27.51
C VAL A 195 69.31 23.63 -27.29
N PRO A 196 70.43 24.35 -27.43
CA PRO A 196 71.74 23.69 -27.26
C PRO A 196 72.07 23.23 -25.85
N GLY A 197 71.53 23.93 -24.85
CA GLY A 197 71.80 23.62 -23.45
C GLY A 197 72.92 24.51 -22.94
N GLU A 198 73.06 24.58 -21.61
CA GLU A 198 74.07 25.42 -20.98
C GLU A 198 75.49 24.93 -21.28
N LYS A 199 76.46 25.83 -21.14
CA LYS A 199 77.85 25.50 -21.35
C LYS A 199 78.43 25.16 -19.98
N SER A 200 79.74 25.00 -19.87
CA SER A 200 80.34 24.68 -18.58
C SER A 200 80.33 25.91 -17.67
N MET A 201 80.86 25.78 -16.46
CA MET A 201 80.85 26.89 -15.50
C MET A 201 81.89 28.02 -15.73
N TRP A 202 81.39 29.26 -15.70
CA TRP A 202 82.15 30.49 -15.84
C TRP A 202 81.22 31.57 -15.28
N ALA A 203 81.19 31.72 -13.95
CA ALA A 203 80.29 32.66 -13.27
C ALA A 203 80.29 34.07 -13.83
N ASP A 204 81.46 34.66 -14.07
CA ASP A 204 81.56 36.01 -14.59
C ASP A 204 80.79 36.16 -15.91
N LYS A 205 81.04 35.28 -16.87
CA LYS A 205 80.36 35.34 -18.17
C LYS A 205 78.93 34.84 -18.12
N GLY A 206 78.67 33.80 -17.34
CA GLY A 206 77.33 33.24 -17.20
C GLY A 206 76.34 34.25 -16.62
N GLU A 207 76.73 34.95 -15.55
CA GLU A 207 75.87 35.96 -14.92
C GLU A 207 75.64 37.17 -15.82
N ASN A 208 76.66 37.57 -16.58
CA ASN A 208 76.55 38.75 -17.44
C ASN A 208 75.92 38.51 -18.83
N SER A 209 75.37 37.31 -19.08
CA SER A 209 74.71 37.03 -20.36
C SER A 209 73.22 36.76 -20.13
N LEU A 210 72.83 36.50 -18.86
CA LEU A 210 71.44 36.20 -18.50
C LEU A 210 70.45 37.27 -18.95
N LEU A 211 70.75 38.54 -18.71
CA LEU A 211 69.83 39.62 -19.09
C LEU A 211 69.70 39.75 -20.61
N ARG A 212 70.82 39.64 -21.31
CA ARG A 212 70.85 39.70 -22.77
C ARG A 212 70.03 38.53 -23.34
N ASN A 213 70.13 37.34 -22.70
CA ASN A 213 69.42 36.13 -23.11
C ASN A 213 67.96 36.06 -22.65
N THR A 214 67.52 36.98 -21.78
CA THR A 214 66.13 36.99 -21.33
C THR A 214 65.36 37.70 -22.42
N ARG A 215 64.64 36.94 -23.22
CA ARG A 215 63.92 37.53 -24.34
C ARG A 215 62.84 36.60 -24.82
N GLU A 216 62.12 37.05 -25.85
CA GLU A 216 61.05 36.32 -26.50
C GLU A 216 61.71 35.42 -27.56
N VAL A 217 61.72 34.09 -27.32
CA VAL A 217 62.34 33.13 -28.24
C VAL A 217 61.42 32.78 -29.41
N TYR A 218 60.11 32.85 -29.17
CA TYR A 218 59.09 32.57 -30.17
C TYR A 218 57.94 33.49 -29.77
N PRO A 219 57.15 34.04 -30.70
CA PRO A 219 56.07 34.95 -30.28
C PRO A 219 55.16 34.35 -29.19
N GLY A 220 55.05 35.06 -28.09
CA GLY A 220 54.24 34.63 -26.96
C GLY A 220 55.01 33.83 -25.92
N LEU A 221 56.25 33.45 -26.22
CA LEU A 221 57.04 32.66 -25.29
C LEU A 221 58.33 33.36 -24.92
N PHE A 222 58.48 33.70 -23.63
CA PHE A 222 59.66 34.35 -23.10
C PHE A 222 60.46 33.31 -22.33
N VAL A 223 61.75 33.54 -22.19
CA VAL A 223 62.61 32.63 -21.45
C VAL A 223 63.33 33.49 -20.42
N CYS A 224 63.50 32.99 -19.19
CA CYS A 224 64.20 33.75 -18.16
C CYS A 224 64.89 32.79 -17.20
N GLY A 225 65.78 33.32 -16.36
CA GLY A 225 66.52 32.48 -15.42
C GLY A 225 67.55 31.63 -16.14
N MET A 226 67.94 30.47 -15.57
CA MET A 226 68.92 29.60 -16.23
C MET A 226 68.41 29.10 -17.58
N ALA A 227 67.07 28.99 -17.76
CA ALA A 227 66.53 28.53 -19.03
C ALA A 227 67.00 29.46 -20.17
N ALA A 228 67.20 30.75 -19.87
CA ALA A 228 67.67 31.74 -20.84
C ALA A 228 69.07 31.39 -21.33
N ASN A 229 69.94 30.96 -20.41
CA ASN A 229 71.31 30.57 -20.78
C ASN A 229 71.31 29.18 -21.44
N ALA A 230 70.36 28.31 -21.10
CA ALA A 230 70.28 26.97 -21.71
C ALA A 230 69.85 27.08 -23.18
N VAL A 231 68.90 27.97 -23.47
CA VAL A 231 68.39 28.18 -24.81
C VAL A 231 69.41 28.91 -25.70
N HIS A 232 70.28 29.76 -25.10
CA HIS A 232 71.28 30.52 -25.85
C HIS A 232 72.72 30.06 -25.60
N ALA A 233 72.92 28.85 -25.07
CA ALA A 233 74.26 28.30 -24.80
C ALA A 233 75.16 29.27 -24.02
N GLY A 234 74.69 29.68 -22.86
CA GLY A 234 75.44 30.56 -21.97
C GLY A 234 76.10 29.70 -20.90
N TYR A 235 77.08 30.26 -20.19
CA TYR A 235 77.78 29.52 -19.14
C TYR A 235 76.97 29.43 -17.85
N ARG A 236 77.37 28.52 -16.95
CA ARG A 236 76.73 28.34 -15.65
C ARG A 236 77.39 29.30 -14.68
N MET A 237 76.70 29.65 -13.58
CA MET A 237 77.20 30.60 -12.59
C MET A 237 77.29 30.03 -11.18
N GLY A 238 76.80 28.84 -10.95
CA GLY A 238 76.88 28.29 -9.61
C GLY A 238 75.82 28.81 -8.65
N ALA A 239 76.11 28.75 -7.32
CA ALA A 239 75.19 29.20 -6.26
C ALA A 239 75.13 30.74 -6.05
N ILE A 240 75.29 31.52 -7.12
CA ILE A 240 75.17 32.99 -7.07
C ILE A 240 73.87 33.27 -7.83
N PHE A 241 72.90 33.94 -7.19
CA PHE A 241 71.59 34.14 -7.80
C PHE A 241 71.20 35.55 -8.28
N GLY A 242 72.10 36.50 -8.24
CA GLY A 242 71.77 37.87 -8.65
C GLY A 242 71.14 37.98 -10.03
N GLY A 243 71.73 37.29 -10.98
CA GLY A 243 71.24 37.24 -12.35
C GLY A 243 69.88 36.59 -12.50
N MET A 244 69.59 35.57 -11.67
CA MET A 244 68.29 34.88 -11.71
C MET A 244 67.17 35.86 -11.34
N TYR A 245 67.38 36.65 -10.29
CA TYR A 245 66.38 37.62 -9.84
C TYR A 245 66.23 38.75 -10.84
N LEU A 246 67.35 39.33 -11.30
CA LEU A 246 67.28 40.42 -12.27
C LEU A 246 66.69 39.95 -13.60
N SER A 247 66.94 38.69 -13.98
CA SER A 247 66.40 38.11 -15.21
C SER A 247 64.87 38.00 -15.12
N GLY A 248 64.37 37.54 -13.98
CA GLY A 248 62.94 37.41 -13.74
C GLY A 248 62.25 38.77 -13.76
N LYS A 249 62.86 39.78 -13.12
CA LYS A 249 62.32 41.13 -13.09
C LYS A 249 62.35 41.75 -14.50
N LYS A 250 63.43 41.53 -15.27
CA LYS A 250 63.52 42.04 -16.64
C LYS A 250 62.42 41.41 -17.49
N CYS A 251 62.21 40.10 -17.33
CA CYS A 251 61.17 39.39 -18.07
C CYS A 251 59.81 40.02 -17.82
N ALA A 252 59.50 40.32 -16.55
CA ALA A 252 58.24 40.96 -16.20
C ALA A 252 58.13 42.31 -16.92
N GLU A 253 59.18 43.15 -16.81
CA GLU A 253 59.22 44.47 -17.42
C GLU A 253 59.02 44.41 -18.94
N MET A 254 59.63 43.42 -19.60
CA MET A 254 59.49 43.26 -21.06
C MET A 254 58.05 42.90 -21.42
N ILE A 255 57.39 42.03 -20.65
CA ILE A 255 56.01 41.63 -20.92
C ILE A 255 55.07 42.79 -20.60
N LEU A 256 55.35 43.56 -19.54
CA LEU A 256 54.50 44.71 -19.18
C LEU A 256 54.52 45.74 -20.31
N GLU A 257 55.67 45.91 -20.97
CA GLU A 257 55.77 46.85 -22.07
C GLU A 257 54.93 46.36 -23.24
N LYS A 258 54.92 45.06 -23.53
CA LYS A 258 54.13 44.49 -24.63
C LYS A 258 52.64 44.58 -24.36
N LEU A 259 52.22 44.39 -23.11
CA LEU A 259 50.81 44.48 -22.74
C LEU A 259 50.40 45.92 -22.45
N ASN A 260 51.37 46.86 -22.57
CA ASN A 260 51.15 48.28 -22.32
C ASN A 260 50.64 48.51 -20.90
N LYS A 261 51.06 47.70 -19.92
CA LYS A 261 50.60 47.85 -18.54
C LYS A 261 51.74 47.60 -17.58
N LYS B 4 -35.44 -22.59 -35.78
CA LYS B 4 -35.44 -23.88 -35.10
C LYS B 4 -34.06 -24.18 -34.53
N LEU B 5 -33.95 -24.17 -33.20
CA LEU B 5 -32.69 -24.42 -32.54
C LEU B 5 -32.44 -25.91 -32.43
N LYS B 6 -31.23 -26.34 -32.83
CA LYS B 6 -30.85 -27.74 -32.77
C LYS B 6 -30.34 -28.00 -31.36
N ALA B 7 -30.99 -28.91 -30.65
CA ALA B 7 -30.58 -29.22 -29.29
C ALA B 7 -30.93 -30.67 -28.97
N ASP B 8 -30.08 -31.30 -28.18
CA ASP B 8 -30.26 -32.68 -27.73
C ASP B 8 -29.46 -32.83 -26.44
N GLU B 9 -29.49 -34.01 -25.83
CA GLU B 9 -28.75 -34.25 -24.60
C GLU B 9 -27.44 -34.97 -24.87
N TYR B 10 -27.48 -36.04 -25.65
CA TYR B 10 -26.30 -36.86 -25.96
C TYR B 10 -25.10 -36.11 -26.54
N ASN B 11 -25.30 -35.39 -27.64
CA ASN B 11 -24.19 -34.68 -28.28
C ASN B 11 -23.67 -33.49 -27.48
N VAL B 12 -24.49 -32.91 -26.61
CA VAL B 12 -24.05 -31.80 -25.78
C VAL B 12 -23.11 -32.38 -24.72
N THR B 13 -23.53 -33.46 -24.06
CA THR B 13 -22.73 -34.12 -23.03
C THR B 13 -21.43 -34.64 -23.63
N LYS B 14 -21.50 -35.29 -24.80
CA LYS B 14 -20.32 -35.84 -25.46
C LYS B 14 -19.31 -34.75 -25.82
N ALA B 15 -19.79 -33.62 -26.36
CA ALA B 15 -18.94 -32.50 -26.73
C ALA B 15 -18.23 -31.92 -25.52
N ILE B 16 -18.95 -31.76 -24.40
CA ILE B 16 -18.37 -31.21 -23.16
C ILE B 16 -17.31 -32.16 -22.59
N LEU B 17 -17.62 -33.46 -22.54
CA LEU B 17 -16.68 -34.45 -22.01
C LEU B 17 -15.42 -34.53 -22.87
N SER B 18 -15.58 -34.50 -24.20
CA SER B 18 -14.42 -34.57 -25.10
C SER B 18 -13.53 -33.35 -24.93
N SER B 19 -14.11 -32.15 -24.90
CA SER B 19 -13.31 -30.93 -24.77
C SER B 19 -12.61 -30.89 -23.41
N ALA B 20 -13.32 -31.27 -22.34
CA ALA B 20 -12.75 -31.28 -20.99
C ALA B 20 -11.62 -32.29 -20.89
N PHE B 21 -11.79 -33.44 -21.57
CA PHE B 21 -10.83 -34.54 -21.67
C PHE B 21 -9.55 -34.04 -22.34
N LYS B 22 -9.69 -33.45 -23.52
CA LYS B 22 -8.55 -32.95 -24.27
C LYS B 22 -7.84 -31.86 -23.46
N MET B 23 -8.61 -31.02 -22.75
CA MET B 23 -8.07 -29.95 -21.93
C MET B 23 -7.23 -30.50 -20.79
N TRP B 24 -7.78 -31.44 -20.02
CA TRP B 24 -7.06 -32.04 -18.89
C TRP B 24 -5.77 -32.73 -19.30
N MET B 25 -5.77 -33.41 -20.45
CA MET B 25 -4.57 -34.10 -20.95
C MET B 25 -3.46 -33.11 -21.25
N ASP B 26 -3.82 -31.88 -21.63
CA ASP B 26 -2.87 -30.82 -21.96
C ASP B 26 -2.40 -30.01 -20.72
N VAL B 27 -3.29 -29.76 -19.74
CA VAL B 27 -2.93 -28.97 -18.57
C VAL B 27 -2.08 -29.69 -17.51
N ILE B 28 -1.96 -31.04 -17.56
CA ILE B 28 -1.20 -31.75 -16.52
C ILE B 28 0.32 -31.51 -16.55
N GLU B 29 0.83 -30.81 -17.57
CA GLU B 29 2.23 -30.41 -17.67
C GLU B 29 2.21 -28.99 -18.21
N VAL B 30 2.70 -28.02 -17.44
CA VAL B 30 2.72 -26.62 -17.86
C VAL B 30 4.09 -26.02 -17.56
N ASP B 31 4.32 -24.80 -18.02
CA ASP B 31 5.58 -24.13 -17.75
C ASP B 31 5.42 -23.50 -16.37
N VAL B 32 4.29 -22.78 -16.16
CA VAL B 32 3.99 -22.12 -14.88
C VAL B 32 2.58 -22.42 -14.42
N ALA B 33 2.43 -22.73 -13.13
CA ALA B 33 1.12 -22.97 -12.53
C ALA B 33 0.91 -21.83 -11.54
N ILE B 34 -0.07 -20.96 -11.81
CA ILE B 34 -0.34 -19.82 -10.93
C ILE B 34 -1.49 -20.19 -10.02
N VAL B 35 -1.28 -20.11 -8.69
CA VAL B 35 -2.32 -20.45 -7.73
C VAL B 35 -2.97 -19.17 -7.25
N GLY B 36 -4.25 -18.99 -7.58
CA GLY B 36 -4.99 -17.80 -7.20
C GLY B 36 -5.31 -16.94 -8.41
N GLY B 37 -6.59 -16.70 -8.63
CA GLY B 37 -7.06 -15.91 -9.75
C GLY B 37 -7.43 -14.49 -9.40
N GLY B 38 -6.66 -13.88 -8.51
CA GLY B 38 -6.88 -12.50 -8.10
C GLY B 38 -6.14 -11.53 -9.00
N PRO B 39 -6.13 -10.23 -8.65
CA PRO B 39 -5.44 -9.24 -9.50
C PRO B 39 -3.99 -9.54 -9.87
N SER B 40 -3.17 -9.95 -8.90
CA SER B 40 -1.75 -10.26 -9.17
C SER B 40 -1.58 -11.56 -9.99
N GLY B 41 -2.36 -12.59 -9.67
CA GLY B 41 -2.31 -13.86 -10.37
C GLY B 41 -2.74 -13.74 -11.82
N LEU B 42 -3.80 -12.96 -12.09
CA LEU B 42 -4.30 -12.74 -13.44
C LEU B 42 -3.31 -11.93 -14.25
N THR B 43 -2.59 -11.00 -13.59
CA THR B 43 -1.60 -10.17 -14.28
C THR B 43 -0.37 -11.03 -14.61
N ALA B 44 0.12 -11.80 -13.64
CA ALA B 44 1.29 -12.66 -13.88
C ALA B 44 1.02 -13.65 -15.02
N GLY B 45 -0.17 -14.22 -15.03
CA GLY B 45 -0.56 -15.17 -16.07
C GLY B 45 -0.59 -14.55 -17.45
N LYS B 46 -1.11 -13.32 -17.55
CA LYS B 46 -1.19 -12.60 -18.82
C LYS B 46 0.20 -12.32 -19.38
N TYR B 47 1.10 -11.76 -18.56
CA TYR B 47 2.45 -11.42 -19.02
C TYR B 47 3.34 -12.64 -19.29
N LEU B 48 3.00 -13.80 -18.70
CA LEU B 48 3.78 -15.01 -18.96
C LEU B 48 3.30 -15.62 -20.26
N ALA B 49 1.96 -15.76 -20.42
CA ALA B 49 1.34 -16.32 -21.63
C ALA B 49 1.65 -15.46 -22.85
N LYS B 50 1.68 -14.14 -22.66
CA LYS B 50 1.98 -13.15 -23.70
C LYS B 50 3.31 -13.49 -24.39
N GLU B 51 4.26 -14.08 -23.65
CA GLU B 51 5.57 -14.46 -24.18
C GLU B 51 5.67 -15.89 -24.71
N GLY B 52 4.54 -16.57 -24.88
CA GLY B 52 4.52 -17.92 -25.41
C GLY B 52 4.62 -19.06 -24.43
N LEU B 53 4.64 -18.78 -23.12
CA LEU B 53 4.73 -19.86 -22.14
C LEU B 53 3.37 -20.55 -21.95
N LYS B 54 3.40 -21.84 -21.58
CA LYS B 54 2.20 -22.64 -21.32
C LYS B 54 1.89 -22.38 -19.85
N VAL B 55 0.80 -21.64 -19.59
CA VAL B 55 0.43 -21.24 -18.24
C VAL B 55 -0.98 -21.63 -17.85
N VAL B 56 -1.18 -21.97 -16.57
CA VAL B 56 -2.51 -22.29 -16.05
C VAL B 56 -2.69 -21.51 -14.74
N ILE B 57 -3.85 -20.86 -14.59
CA ILE B 57 -4.19 -20.12 -13.39
C ILE B 57 -5.22 -20.99 -12.70
N LEU B 58 -4.95 -21.39 -11.45
CA LEU B 58 -5.85 -22.26 -10.70
C LEU B 58 -6.56 -21.48 -9.61
N GLU B 59 -7.89 -21.39 -9.70
CA GLU B 59 -8.70 -20.65 -8.74
C GLU B 59 -9.64 -21.61 -8.00
N ARG B 60 -9.65 -21.52 -6.66
CA ARG B 60 -10.48 -22.38 -5.80
C ARG B 60 -11.96 -22.16 -6.04
N HIS B 61 -12.41 -20.91 -6.07
CA HIS B 61 -13.82 -20.60 -6.25
C HIS B 61 -14.29 -20.79 -7.68
N LEU B 62 -15.61 -20.84 -7.88
CA LEU B 62 -16.21 -21.02 -9.20
C LEU B 62 -15.87 -19.87 -10.14
N SER B 63 -15.69 -18.68 -9.61
CA SER B 63 -15.35 -17.51 -10.41
C SER B 63 -14.03 -16.92 -9.90
N PHE B 64 -13.29 -16.26 -10.79
CA PHE B 64 -12.01 -15.63 -10.43
C PHE B 64 -12.25 -14.16 -10.05
N GLY B 65 -11.17 -13.44 -9.77
CA GLY B 65 -11.23 -12.03 -9.40
C GLY B 65 -10.76 -11.73 -7.99
N GLY B 66 -10.84 -12.71 -7.11
CA GLY B 66 -10.41 -12.56 -5.74
C GLY B 66 -11.16 -11.50 -4.95
N GLY B 67 -10.42 -10.60 -4.32
CA GLY B 67 -10.98 -9.52 -3.49
C GLY B 67 -11.27 -8.20 -4.20
N THR B 68 -11.29 -8.19 -5.54
CA THR B 68 -11.57 -6.97 -6.29
C THR B 68 -13.07 -6.66 -6.32
N TRP B 69 -13.90 -7.66 -6.68
CA TRP B 69 -15.36 -7.51 -6.82
C TRP B 69 -16.04 -6.55 -5.84
N GLY B 70 -15.80 -6.71 -4.55
CA GLY B 70 -16.41 -5.89 -3.51
C GLY B 70 -15.90 -4.47 -3.30
N GLY B 71 -14.79 -4.11 -3.95
CA GLY B 71 -14.23 -2.78 -3.82
C GLY B 71 -13.76 -2.51 -2.40
N GLY B 72 -14.22 -1.41 -1.82
CA GLY B 72 -13.87 -1.03 -0.45
C GLY B 72 -15.09 -1.02 0.45
N MET B 73 -15.17 -1.98 1.39
CA MET B 73 -16.30 -2.10 2.33
C MET B 73 -17.64 -2.25 1.58
N GLY B 74 -17.62 -2.84 0.41
CA GLY B 74 -18.83 -3.03 -0.38
C GLY B 74 -19.06 -1.94 -1.41
N PHE B 75 -18.43 -0.75 -1.24
CA PHE B 75 -18.54 0.36 -2.20
C PHE B 75 -17.81 -0.16 -3.43
N PRO B 76 -18.49 -0.31 -4.58
CA PRO B 76 -17.85 -0.97 -5.74
C PRO B 76 -16.86 -0.20 -6.61
N TYR B 77 -15.78 0.30 -5.99
CA TYR B 77 -14.74 1.03 -6.73
C TYR B 77 -13.41 0.70 -6.12
N ILE B 78 -12.35 0.71 -6.92
CA ILE B 78 -11.01 0.43 -6.43
C ILE B 78 -10.07 1.48 -6.99
N VAL B 79 -8.97 1.78 -6.28
CA VAL B 79 -8.02 2.78 -6.72
C VAL B 79 -6.76 2.12 -7.28
N VAL B 80 -6.17 2.75 -8.29
CA VAL B 80 -4.93 2.29 -8.92
C VAL B 80 -4.11 3.56 -9.09
N GLU B 81 -2.83 3.51 -8.71
CA GLU B 81 -1.95 4.67 -8.85
C GLU B 81 -1.00 4.47 -10.01
N GLU B 82 -0.52 5.56 -10.61
CA GLU B 82 0.43 5.42 -11.71
C GLU B 82 1.76 4.84 -11.20
N PRO B 83 2.49 4.06 -12.01
CA PRO B 83 2.23 3.69 -13.41
C PRO B 83 1.39 2.43 -13.60
N ALA B 84 0.84 1.85 -12.51
CA ALA B 84 0.02 0.64 -12.62
C ALA B 84 -1.27 0.83 -13.43
N ASP B 85 -1.73 2.08 -13.60
CA ASP B 85 -2.94 2.38 -14.37
C ASP B 85 -2.79 1.91 -15.81
N GLU B 86 -1.56 1.87 -16.34
CA GLU B 86 -1.30 1.42 -17.70
C GLU B 86 -1.65 -0.07 -17.87
N ILE B 87 -1.45 -0.88 -16.82
CA ILE B 87 -1.75 -2.31 -16.88
C ILE B 87 -3.26 -2.49 -17.07
N LEU B 88 -4.06 -1.69 -16.36
CA LEU B 88 -5.51 -1.75 -16.47
C LEU B 88 -5.95 -1.23 -17.83
N ARG B 89 -5.32 -0.16 -18.32
CA ARG B 89 -5.66 0.41 -19.62
C ARG B 89 -5.43 -0.62 -20.72
N ASP B 90 -4.36 -1.43 -20.57
CA ASP B 90 -4.02 -2.48 -21.54
C ASP B 90 -5.10 -3.56 -21.59
N ALA B 91 -5.88 -3.71 -20.52
CA ALA B 91 -6.97 -4.69 -20.46
C ALA B 91 -8.31 -4.06 -20.92
N GLY B 92 -8.27 -2.78 -21.29
CA GLY B 92 -9.45 -2.06 -21.75
C GLY B 92 -10.33 -1.52 -20.63
N ILE B 93 -9.78 -1.41 -19.40
CA ILE B 93 -10.56 -0.92 -18.27
C ILE B 93 -10.72 0.60 -18.27
N LYS B 94 -11.96 1.10 -18.05
CA LYS B 94 -12.22 2.54 -18.01
C LYS B 94 -11.70 3.07 -16.70
N LEU B 95 -10.94 4.16 -16.74
CA LEU B 95 -10.40 4.77 -15.54
C LEU B 95 -10.81 6.23 -15.46
N GLU B 96 -11.01 6.73 -14.25
CA GLU B 96 -11.38 8.12 -14.01
C GLU B 96 -10.32 8.70 -13.08
N LYS B 97 -9.91 9.96 -13.31
CA LYS B 97 -8.92 10.60 -12.47
C LYS B 97 -9.53 10.98 -11.13
N VAL B 98 -8.80 10.74 -10.04
CA VAL B 98 -9.30 11.14 -8.72
C VAL B 98 -8.96 12.64 -8.65
N GLU B 99 -9.94 13.47 -8.33
CA GLU B 99 -9.80 14.93 -8.31
C GLU B 99 -8.66 15.54 -7.46
N ASP B 100 -8.66 15.31 -6.15
CA ASP B 100 -7.65 15.90 -5.25
C ASP B 100 -6.27 15.24 -5.27
N VAL B 101 -6.10 14.14 -6.01
CA VAL B 101 -4.83 13.41 -5.97
C VAL B 101 -4.29 13.08 -7.34
N GLU B 102 -3.18 13.71 -7.73
CA GLU B 102 -2.55 13.44 -9.02
C GLU B 102 -1.86 12.08 -8.93
N GLY B 103 -2.12 11.22 -9.91
CA GLY B 103 -1.54 9.88 -9.92
C GLY B 103 -2.55 8.80 -9.55
N TYR B 104 -3.67 9.17 -8.93
CA TYR B 104 -4.71 8.23 -8.52
C TYR B 104 -5.79 8.13 -9.58
N TYR B 105 -6.23 6.90 -9.84
CA TYR B 105 -7.29 6.62 -10.80
C TYR B 105 -8.28 5.70 -10.11
N ILE B 106 -9.54 5.79 -10.45
CA ILE B 106 -10.56 4.95 -9.85
C ILE B 106 -11.24 4.11 -10.94
N ALA B 107 -11.56 2.84 -10.62
CA ALA B 107 -12.19 1.94 -11.58
C ALA B 107 -13.32 1.17 -10.94
N ASP B 108 -14.32 0.79 -11.76
CA ASP B 108 -15.47 0.00 -11.31
C ASP B 108 -14.90 -1.35 -10.88
N SER B 109 -15.11 -1.73 -9.61
CA SER B 109 -14.59 -2.98 -9.05
C SER B 109 -15.11 -4.27 -9.71
N VAL B 110 -16.20 -4.18 -10.48
CA VAL B 110 -16.79 -5.32 -11.19
C VAL B 110 -16.17 -5.43 -12.60
N GLU B 111 -15.81 -4.29 -13.20
CA GLU B 111 -15.22 -4.25 -14.54
C GLU B 111 -13.79 -4.78 -14.53
N VAL B 112 -13.02 -4.48 -13.47
CA VAL B 112 -11.62 -4.90 -13.35
C VAL B 112 -11.42 -6.43 -13.45
N PRO B 113 -12.00 -7.24 -12.54
CA PRO B 113 -11.77 -8.70 -12.62
C PRO B 113 -12.20 -9.32 -13.95
N ALA B 114 -13.34 -8.90 -14.48
CA ALA B 114 -13.85 -9.42 -15.75
C ALA B 114 -12.86 -9.16 -16.89
N LYS B 115 -12.38 -7.92 -17.01
CA LYS B 115 -11.43 -7.56 -18.08
C LYS B 115 -10.01 -8.11 -17.86
N LEU B 116 -9.55 -8.22 -16.60
CA LEU B 116 -8.22 -8.76 -16.34
C LEU B 116 -8.21 -10.25 -16.70
N GLY B 117 -9.27 -10.95 -16.38
CA GLY B 117 -9.40 -12.37 -16.69
C GLY B 117 -9.50 -12.59 -18.19
N ALA B 118 -10.30 -11.75 -18.89
CA ALA B 118 -10.45 -11.85 -20.34
C ALA B 118 -9.12 -11.56 -21.03
N SER B 119 -8.35 -10.60 -20.50
CA SER B 119 -7.04 -10.25 -21.07
C SER B 119 -6.04 -11.39 -20.89
N ALA B 120 -6.07 -12.07 -19.74
CA ALA B 120 -5.16 -13.20 -19.49
C ALA B 120 -5.49 -14.34 -20.45
N ILE B 121 -6.79 -14.60 -20.67
CA ILE B 121 -7.23 -15.66 -21.58
C ILE B 121 -6.81 -15.32 -23.01
N ASP B 122 -6.96 -14.04 -23.41
CA ASP B 122 -6.58 -13.62 -24.75
C ASP B 122 -5.07 -13.67 -24.96
N ALA B 123 -4.28 -13.55 -23.88
CA ALA B 123 -2.82 -13.63 -23.98
C ALA B 123 -2.38 -15.09 -24.13
N GLY B 124 -3.30 -16.04 -23.89
CA GLY B 124 -3.02 -17.46 -24.02
C GLY B 124 -3.02 -18.24 -22.72
N ALA B 125 -3.34 -17.59 -21.59
CA ALA B 125 -3.34 -18.29 -20.30
C ALA B 125 -4.63 -19.09 -20.12
N LYS B 126 -4.53 -20.26 -19.49
CA LYS B 126 -5.70 -21.08 -19.24
C LYS B 126 -6.14 -20.80 -17.81
N ILE B 127 -7.42 -20.49 -17.59
CA ILE B 127 -7.92 -20.25 -16.23
C ILE B 127 -8.85 -21.39 -15.86
N LEU B 128 -8.53 -22.10 -14.77
CA LEU B 128 -9.37 -23.20 -14.30
C LEU B 128 -9.93 -22.79 -12.96
N THR B 129 -11.27 -22.72 -12.84
CA THR B 129 -11.91 -22.35 -11.58
C THR B 129 -12.42 -23.60 -10.92
N SER B 130 -12.85 -23.50 -9.66
CA SER B 130 -13.37 -24.64 -8.90
C SER B 130 -12.28 -25.71 -8.69
N VAL B 131 -10.99 -25.29 -8.68
CA VAL B 131 -9.85 -26.18 -8.50
C VAL B 131 -8.99 -25.66 -7.36
N ALA B 132 -8.87 -26.42 -6.28
CA ALA B 132 -8.08 -26.02 -5.11
C ALA B 132 -6.71 -26.68 -5.11
N VAL B 133 -5.64 -25.91 -4.88
CA VAL B 133 -4.29 -26.45 -4.80
C VAL B 133 -4.13 -26.81 -3.32
N GLU B 134 -4.00 -28.10 -3.02
CA GLU B 134 -3.89 -28.56 -1.63
C GLU B 134 -2.48 -28.89 -1.20
N ASP B 135 -1.54 -29.03 -2.14
CA ASP B 135 -0.17 -29.35 -1.81
C ASP B 135 0.73 -29.09 -3.01
N LEU B 136 2.03 -29.32 -2.84
CA LEU B 136 3.00 -29.10 -3.90
C LEU B 136 3.71 -30.38 -4.25
N ILE B 137 4.31 -30.43 -5.44
CA ILE B 137 5.08 -31.59 -5.88
C ILE B 137 6.52 -31.18 -5.58
N LEU B 138 7.27 -32.03 -4.90
CA LEU B 138 8.65 -31.68 -4.59
C LEU B 138 9.64 -32.57 -5.30
N ARG B 139 10.86 -32.07 -5.41
CA ARG B 139 12.00 -32.75 -5.98
C ARG B 139 13.15 -32.34 -5.08
N GLU B 140 14.35 -32.85 -5.32
CA GLU B 140 15.48 -32.47 -4.49
C GLU B 140 15.72 -30.95 -4.59
N ASP B 141 15.58 -30.24 -3.46
CA ASP B 141 15.79 -28.80 -3.36
C ASP B 141 14.94 -27.93 -4.30
N LYS B 142 13.76 -28.39 -4.72
CA LYS B 142 12.95 -27.57 -5.61
C LYS B 142 11.50 -28.01 -5.59
N VAL B 143 10.62 -27.11 -6.05
CA VAL B 143 9.19 -27.36 -6.17
C VAL B 143 9.05 -27.72 -7.64
N ALA B 144 8.25 -28.73 -7.96
CA ALA B 144 8.09 -29.17 -9.35
C ALA B 144 6.64 -29.23 -9.83
N GLY B 145 5.72 -28.61 -9.11
CA GLY B 145 4.33 -28.63 -9.51
C GLY B 145 3.37 -28.47 -8.36
N VAL B 146 2.08 -28.69 -8.63
CA VAL B 146 1.01 -28.55 -7.63
C VAL B 146 0.12 -29.79 -7.57
N VAL B 147 -0.51 -29.99 -6.41
CA VAL B 147 -1.43 -31.10 -6.19
C VAL B 147 -2.80 -30.44 -6.15
N VAL B 148 -3.67 -30.80 -7.10
CA VAL B 148 -4.99 -30.18 -7.20
C VAL B 148 -6.13 -31.09 -6.79
N GLN B 149 -7.18 -30.48 -6.25
CA GLN B 149 -8.38 -31.19 -5.84
C GLN B 149 -9.57 -30.34 -6.25
N GLY B 150 -10.69 -30.97 -6.54
CA GLY B 150 -11.91 -30.26 -6.89
C GLY B 150 -12.41 -29.49 -5.69
N TYR B 151 -12.81 -28.25 -5.87
CA TYR B 151 -13.28 -27.41 -4.78
C TYR B 151 -14.53 -28.02 -4.12
N ALA B 152 -15.45 -28.59 -4.92
CA ALA B 152 -16.65 -29.21 -4.37
C ALA B 152 -16.29 -30.42 -3.50
N ILE B 153 -15.31 -31.23 -3.93
CA ILE B 153 -14.86 -32.41 -3.17
C ILE B 153 -14.26 -31.93 -1.85
N GLU B 154 -13.45 -30.88 -1.91
CA GLU B 154 -12.80 -30.30 -0.74
C GLU B 154 -13.88 -29.74 0.22
N LYS B 155 -14.80 -28.94 -0.32
CA LYS B 155 -15.87 -28.34 0.48
C LYS B 155 -16.79 -29.40 1.09
N ALA B 156 -17.11 -30.45 0.33
CA ALA B 156 -17.98 -31.54 0.81
C ALA B 156 -17.29 -32.43 1.85
N GLY B 157 -15.99 -32.26 2.04
CA GLY B 157 -15.22 -33.03 3.00
C GLY B 157 -15.01 -34.48 2.61
N LEU B 158 -15.18 -34.81 1.32
CA LEU B 158 -15.01 -36.19 0.86
C LEU B 158 -13.56 -36.62 0.90
N HIS B 159 -13.31 -37.87 1.30
CA HIS B 159 -11.95 -38.40 1.35
C HIS B 159 -11.63 -38.94 -0.04
N VAL B 160 -11.01 -38.10 -0.88
CA VAL B 160 -10.68 -38.46 -2.25
C VAL B 160 -9.26 -38.03 -2.57
N ASP B 161 -8.53 -38.85 -3.33
CA ASP B 161 -7.16 -38.53 -3.71
C ASP B 161 -7.17 -37.41 -4.74
N PRO B 162 -6.12 -36.58 -4.78
CA PRO B 162 -6.09 -35.51 -5.78
C PRO B 162 -5.37 -35.97 -7.02
N ILE B 163 -5.18 -35.05 -7.97
CA ILE B 163 -4.41 -35.34 -9.16
C ILE B 163 -3.31 -34.29 -9.18
N THR B 164 -2.43 -34.31 -10.17
CA THR B 164 -1.31 -33.38 -10.18
C THR B 164 -1.10 -32.61 -11.46
N ILE B 165 -0.34 -31.52 -11.36
CA ILE B 165 0.03 -30.69 -12.49
C ILE B 165 1.52 -30.41 -12.36
N ASN B 166 2.32 -30.91 -13.30
CA ASN B 166 3.77 -30.69 -13.26
C ASN B 166 4.05 -29.31 -13.83
N ALA B 167 4.94 -28.56 -13.21
CA ALA B 167 5.26 -27.22 -13.66
C ALA B 167 6.71 -26.91 -13.37
N LYS B 168 7.33 -26.06 -14.20
CA LYS B 168 8.71 -25.66 -14.00
C LYS B 168 8.73 -24.67 -12.83
N TYR B 169 7.70 -23.80 -12.76
CA TYR B 169 7.57 -22.81 -11.69
C TYR B 169 6.15 -22.72 -11.20
N VAL B 170 5.99 -22.45 -9.90
CA VAL B 170 4.69 -22.31 -9.27
C VAL B 170 4.65 -20.91 -8.69
N ILE B 171 3.50 -20.23 -8.79
CA ILE B 171 3.37 -18.90 -8.22
C ILE B 171 2.31 -18.92 -7.15
N ASP B 172 2.65 -18.46 -5.94
CA ASP B 172 1.69 -18.38 -4.86
C ASP B 172 1.10 -16.97 -4.96
N ALA B 173 -0.10 -16.89 -5.55
CA ALA B 173 -0.81 -15.63 -5.73
C ALA B 173 -2.15 -15.75 -5.01
N THR B 174 -2.15 -16.43 -3.84
CA THR B 174 -3.34 -16.70 -3.03
C THR B 174 -3.78 -15.59 -2.05
N GLY B 175 -3.20 -14.40 -2.12
CA GLY B 175 -3.57 -13.30 -1.25
C GLY B 175 -2.90 -13.33 0.11
N HIS B 176 -3.45 -12.57 1.06
CA HIS B 176 -2.90 -12.48 2.42
C HIS B 176 -2.76 -13.83 3.14
N ASP B 177 -3.48 -14.87 2.70
CA ASP B 177 -3.39 -16.19 3.32
C ASP B 177 -2.12 -16.93 2.92
N ALA B 178 -1.51 -16.59 1.75
CA ALA B 178 -0.29 -17.25 1.27
C ALA B 178 -0.41 -18.75 1.56
N SER B 179 -1.54 -19.34 1.15
CA SER B 179 -1.85 -20.74 1.41
C SER B 179 -0.84 -21.75 0.84
N VAL B 180 -0.30 -21.51 -0.35
CA VAL B 180 0.66 -22.43 -0.96
C VAL B 180 1.96 -22.47 -0.17
N THR B 181 2.54 -21.29 0.13
CA THR B 181 3.78 -21.20 0.90
C THR B 181 3.54 -21.72 2.32
N THR B 182 2.38 -21.41 2.92
CA THR B 182 2.07 -21.86 4.27
C THR B 182 1.99 -23.40 4.30
N THR B 183 1.39 -24.03 3.28
CA THR B 183 1.29 -25.50 3.22
C THR B 183 2.67 -26.10 3.08
N LEU B 184 3.52 -25.52 2.22
CA LEU B 184 4.88 -26.01 2.02
C LEU B 184 5.61 -25.98 3.35
N ALA B 185 5.51 -24.86 4.07
CA ALA B 185 6.18 -24.68 5.36
C ALA B 185 5.66 -25.59 6.47
N ARG B 186 4.34 -25.77 6.51
CA ARG B 186 3.70 -26.60 7.55
C ARG B 186 3.99 -28.08 7.38
N LYS B 187 3.93 -28.60 6.15
CA LYS B 187 4.16 -30.02 5.86
C LYS B 187 5.63 -30.41 5.73
N ASN B 188 6.52 -29.45 5.49
CA ASN B 188 7.95 -29.72 5.35
C ASN B 188 8.74 -28.83 6.30
N LYS B 189 8.69 -29.17 7.60
CA LYS B 189 9.38 -28.42 8.66
C LYS B 189 10.90 -28.36 8.46
N ASP B 190 11.47 -29.40 7.83
CA ASP B 190 12.90 -29.48 7.55
C ASP B 190 13.42 -28.35 6.66
N LEU B 191 12.54 -27.70 5.87
CA LEU B 191 12.94 -26.61 4.97
C LEU B 191 13.19 -25.28 5.67
N GLY B 192 12.71 -25.14 6.91
CA GLY B 192 12.90 -23.91 7.68
C GLY B 192 12.19 -22.69 7.15
N ILE B 193 11.07 -22.88 6.43
CA ILE B 193 10.31 -21.76 5.89
C ILE B 193 9.33 -21.25 6.96
N GLU B 194 9.18 -19.92 7.06
CA GLU B 194 8.30 -19.27 8.02
C GLU B 194 7.38 -18.29 7.30
N VAL B 195 6.08 -18.31 7.62
CA VAL B 195 5.11 -17.40 7.03
C VAL B 195 4.55 -16.57 8.19
N PRO B 196 5.14 -15.41 8.49
CA PRO B 196 4.66 -14.60 9.63
C PRO B 196 3.28 -13.97 9.46
N GLY B 197 2.89 -13.67 8.23
CA GLY B 197 1.63 -13.03 7.93
C GLY B 197 1.81 -11.53 7.80
N GLU B 198 0.83 -10.85 7.22
CA GLU B 198 0.88 -9.39 7.01
C GLU B 198 0.88 -8.62 8.33
N LYS B 199 1.38 -7.37 8.29
CA LYS B 199 1.40 -6.51 9.45
C LYS B 199 0.14 -5.66 9.40
N SER B 200 0.02 -4.65 10.24
CA SER B 200 -1.17 -3.80 10.23
C SER B 200 -1.14 -2.88 9.00
N MET B 201 -2.15 -2.03 8.84
CA MET B 201 -2.22 -1.14 7.68
C MET B 201 -1.32 0.11 7.70
N TRP B 202 -0.61 0.30 6.58
CA TRP B 202 0.29 1.43 6.31
C TRP B 202 0.47 1.41 4.80
N ALA B 203 -0.47 1.99 4.06
CA ALA B 203 -0.47 1.98 2.60
C ALA B 203 0.83 2.41 1.94
N ASP B 204 1.41 3.51 2.40
CA ASP B 204 2.66 4.01 1.84
C ASP B 204 3.77 2.96 1.89
N LYS B 205 4.00 2.36 3.07
CA LYS B 205 5.03 1.34 3.21
C LYS B 205 4.63 -0.02 2.63
N GLY B 206 3.36 -0.39 2.78
CA GLY B 206 2.87 -1.66 2.25
C GLY B 206 2.99 -1.76 0.74
N GLU B 207 2.59 -0.69 0.02
CA GLU B 207 2.67 -0.67 -1.44
C GLU B 207 4.11 -0.65 -1.94
N ASN B 208 5.01 0.03 -1.22
CA ASN B 208 6.39 0.15 -1.64
C ASN B 208 7.31 -1.01 -1.20
N SER B 209 6.77 -2.10 -0.64
CA SER B 209 7.56 -3.26 -0.26
C SER B 209 7.16 -4.48 -1.10
N LEU B 210 5.98 -4.41 -1.78
CA LEU B 210 5.47 -5.50 -2.60
C LEU B 210 6.44 -5.98 -3.67
N LEU B 211 7.06 -5.06 -4.40
CA LEU B 211 7.99 -5.45 -5.46
C LEU B 211 9.23 -6.10 -4.88
N ARG B 212 9.78 -5.55 -3.80
CA ARG B 212 10.97 -6.12 -3.14
C ARG B 212 10.65 -7.51 -2.62
N ASN B 213 9.41 -7.72 -2.13
CA ASN B 213 8.96 -9.00 -1.59
C ASN B 213 8.49 -10.00 -2.64
N THR B 214 8.33 -9.57 -3.90
CA THR B 214 7.93 -10.47 -4.98
C THR B 214 9.20 -11.20 -5.36
N ARG B 215 9.33 -12.47 -4.96
CA ARG B 215 10.56 -13.21 -5.25
C ARG B 215 10.37 -14.70 -5.08
N GLU B 216 11.44 -15.46 -5.33
CA GLU B 216 11.47 -16.90 -5.20
C GLU B 216 11.75 -17.21 -3.74
N VAL B 217 10.75 -17.74 -3.03
CA VAL B 217 10.91 -18.07 -1.60
C VAL B 217 11.58 -19.43 -1.39
N TYR B 218 11.40 -20.34 -2.35
CA TYR B 218 12.00 -21.67 -2.34
C TYR B 218 12.22 -22.00 -3.81
N PRO B 219 13.28 -22.71 -4.21
CA PRO B 219 13.47 -22.97 -5.64
C PRO B 219 12.24 -23.54 -6.33
N GLY B 220 11.78 -22.86 -7.37
CA GLY B 220 10.61 -23.27 -8.12
C GLY B 220 9.31 -22.64 -7.64
N LEU B 221 9.35 -21.97 -6.48
CA LEU B 221 8.16 -21.35 -5.93
C LEU B 221 8.34 -19.85 -5.75
N PHE B 222 7.54 -19.06 -6.49
CA PHE B 222 7.54 -17.60 -6.43
C PHE B 222 6.34 -17.15 -5.64
N VAL B 223 6.42 -15.94 -5.09
CA VAL B 223 5.31 -15.38 -4.33
C VAL B 223 5.05 -13.98 -4.91
N CYS B 224 3.78 -13.61 -5.08
CA CYS B 224 3.46 -12.28 -5.62
C CYS B 224 2.13 -11.79 -5.05
N GLY B 225 1.83 -10.52 -5.24
CA GLY B 225 0.60 -9.93 -4.72
C GLY B 225 0.68 -9.80 -3.22
N MET B 226 -0.48 -9.79 -2.54
CA MET B 226 -0.49 -9.66 -1.09
C MET B 226 0.21 -10.85 -0.40
N ALA B 227 0.29 -12.04 -1.06
CA ALA B 227 0.99 -13.20 -0.47
C ALA B 227 2.47 -12.84 -0.25
N ALA B 228 3.01 -11.92 -1.09
CA ALA B 228 4.41 -11.46 -0.98
C ALA B 228 4.63 -10.74 0.33
N ASN B 229 3.68 -9.89 0.71
CA ASN B 229 3.77 -9.13 1.97
C ASN B 229 3.45 -10.04 3.16
N ALA B 230 2.60 -11.07 2.97
CA ALA B 230 2.26 -12.00 4.05
C ALA B 230 3.46 -12.89 4.41
N VAL B 231 4.20 -13.35 3.40
CA VAL B 231 5.37 -14.19 3.59
C VAL B 231 6.56 -13.39 4.17
N HIS B 232 6.64 -12.09 3.88
CA HIS B 232 7.73 -11.24 4.36
C HIS B 232 7.31 -10.20 5.41
N ALA B 233 6.15 -10.39 6.06
CA ALA B 233 5.67 -9.47 7.09
C ALA B 233 5.68 -7.99 6.66
N GLY B 234 5.01 -7.70 5.57
CA GLY B 234 4.87 -6.35 5.05
C GLY B 234 3.54 -5.78 5.50
N TYR B 235 3.38 -4.45 5.40
CA TYR B 235 2.14 -3.81 5.81
C TYR B 235 1.03 -3.98 4.78
N ARG B 236 -0.22 -3.72 5.19
CA ARG B 236 -1.37 -3.79 4.30
C ARG B 236 -1.54 -2.42 3.66
N MET B 237 -2.32 -2.33 2.57
CA MET B 237 -2.53 -1.04 1.93
C MET B 237 -3.98 -0.71 1.62
N GLY B 238 -4.88 -1.65 1.84
CA GLY B 238 -6.30 -1.40 1.58
C GLY B 238 -6.70 -1.58 0.13
N ALA B 239 -7.71 -0.83 -0.30
CA ALA B 239 -8.28 -0.91 -1.65
C ALA B 239 -7.50 -0.18 -2.75
N ILE B 240 -6.16 -0.12 -2.65
CA ILE B 240 -5.32 0.50 -3.69
C ILE B 240 -4.61 -0.71 -4.30
N PHE B 241 -4.73 -0.91 -5.62
CA PHE B 241 -4.17 -2.10 -6.26
C PHE B 241 -2.97 -1.95 -7.18
N GLY B 242 -2.38 -0.77 -7.29
CA GLY B 242 -1.23 -0.59 -8.17
C GLY B 242 -0.12 -1.61 -7.93
N GLY B 243 0.23 -1.81 -6.68
CA GLY B 243 1.28 -2.75 -6.29
C GLY B 243 0.93 -4.19 -6.65
N MET B 244 -0.35 -4.57 -6.57
CA MET B 244 -0.78 -5.94 -6.91
C MET B 244 -0.50 -6.21 -8.39
N TYR B 245 -0.83 -5.26 -9.26
CA TYR B 245 -0.62 -5.42 -10.71
C TYR B 245 0.86 -5.42 -11.04
N LEU B 246 1.62 -4.45 -10.49
CA LEU B 246 3.06 -4.38 -10.74
C LEU B 246 3.79 -5.60 -10.18
N SER B 247 3.31 -6.14 -9.05
CA SER B 247 3.91 -7.32 -8.43
C SER B 247 3.72 -8.55 -9.34
N GLY B 248 2.53 -8.70 -9.91
CA GLY B 248 2.23 -9.80 -10.82
C GLY B 248 3.07 -9.72 -12.08
N LYS B 249 3.21 -8.51 -12.63
CA LYS B 249 4.01 -8.29 -13.84
C LYS B 249 5.49 -8.57 -13.55
N LYS B 250 5.99 -8.13 -12.38
CA LYS B 250 7.38 -8.38 -11.99
C LYS B 250 7.62 -9.88 -11.87
N CYS B 251 6.67 -10.58 -11.24
CA CYS B 251 6.78 -12.03 -11.07
C CYS B 251 6.94 -12.73 -12.42
N ALA B 252 6.13 -12.31 -13.41
CA ALA B 252 6.22 -12.87 -14.76
C ALA B 252 7.61 -12.60 -15.36
N GLU B 253 8.09 -11.35 -15.24
CA GLU B 253 9.40 -10.96 -15.75
C GLU B 253 10.53 -11.76 -15.10
N MET B 254 10.43 -12.01 -13.78
CA MET B 254 11.45 -12.78 -13.08
C MET B 254 11.48 -14.24 -13.54
N ILE B 255 10.30 -14.84 -13.78
CA ILE B 255 10.23 -16.23 -14.25
C ILE B 255 10.70 -16.33 -15.69
N LEU B 256 10.39 -15.31 -16.52
CA LEU B 256 10.83 -15.30 -17.91
C LEU B 256 12.36 -15.32 -17.97
N GLU B 257 13.04 -14.68 -17.01
CA GLU B 257 14.51 -14.71 -16.94
C GLU B 257 15.00 -16.15 -16.65
N LYS B 258 14.28 -16.91 -15.79
CA LYS B 258 14.63 -18.28 -15.42
C LYS B 258 14.40 -19.28 -16.56
N LEU B 259 13.40 -19.03 -17.41
CA LEU B 259 13.04 -19.93 -18.51
C LEU B 259 13.64 -19.53 -19.85
N ASN B 260 14.01 -18.27 -20.04
CA ASN B 260 14.59 -17.82 -21.31
C ASN B 260 16.11 -17.97 -21.29
N LYS B 261 16.58 -19.22 -21.34
CA LYS B 261 18.01 -19.52 -21.32
C LYS B 261 18.28 -20.96 -21.75
N LYS C 4 -10.60 4.68 46.62
CA LYS C 4 -10.87 3.24 46.67
C LYS C 4 -12.36 2.95 46.45
N LEU C 5 -12.68 2.22 45.36
CA LEU C 5 -14.06 1.87 45.02
C LEU C 5 -14.52 0.66 45.83
N LYS C 6 -15.77 0.70 46.29
CA LYS C 6 -16.38 -0.38 47.07
C LYS C 6 -16.94 -1.39 46.07
N ALA C 7 -16.43 -2.63 46.08
CA ALA C 7 -16.90 -3.65 45.16
C ALA C 7 -16.69 -5.04 45.72
N ASP C 8 -17.66 -5.93 45.46
CA ASP C 8 -17.60 -7.31 45.90
C ASP C 8 -18.45 -8.14 44.95
N GLU C 9 -18.57 -9.45 45.18
CA GLU C 9 -19.37 -10.29 44.33
C GLU C 9 -20.74 -10.57 44.94
N TYR C 10 -20.77 -10.95 46.23
CA TYR C 10 -22.01 -11.29 46.93
C TYR C 10 -23.11 -10.23 46.90
N ASN C 11 -22.82 -9.01 47.34
CA ASN C 11 -23.82 -7.95 47.38
C ASN C 11 -24.26 -7.45 46.02
N VAL C 12 -23.40 -7.61 45.00
CA VAL C 12 -23.77 -7.20 43.65
C VAL C 12 -24.81 -8.19 43.14
N THR C 13 -24.52 -9.51 43.28
CA THR C 13 -25.42 -10.57 42.85
C THR C 13 -26.75 -10.49 43.60
N LYS C 14 -26.69 -10.30 44.92
CA LYS C 14 -27.89 -10.20 45.75
C LYS C 14 -28.78 -9.04 45.35
N ALA C 15 -28.18 -7.88 45.10
CA ALA C 15 -28.91 -6.67 44.69
C ALA C 15 -29.60 -6.87 43.35
N ILE C 16 -28.91 -7.50 42.39
CA ILE C 16 -29.46 -7.75 41.06
C ILE C 16 -30.64 -8.73 41.15
N LEU C 17 -30.47 -9.82 41.90
CA LEU C 17 -31.52 -10.83 42.05
C LEU C 17 -32.75 -10.25 42.76
N SER C 18 -32.54 -9.44 43.80
CA SER C 18 -33.66 -8.83 44.53
C SER C 18 -34.45 -7.88 43.65
N SER C 19 -33.75 -7.01 42.90
CA SER C 19 -34.44 -6.07 42.02
C SER C 19 -35.19 -6.80 40.91
N ALA C 20 -34.55 -7.81 40.30
CA ALA C 20 -35.16 -8.58 39.22
C ALA C 20 -36.39 -9.33 39.68
N PHE C 21 -36.38 -9.91 40.88
CA PHE C 21 -37.57 -10.63 41.32
C PHE C 21 -38.67 -9.66 41.72
N LYS C 22 -38.35 -8.50 42.36
CA LYS C 22 -39.38 -7.52 42.68
C LYS C 22 -40.03 -7.05 41.37
N MET C 23 -39.20 -6.90 40.32
CA MET C 23 -39.65 -6.48 39.00
C MET C 23 -40.60 -7.53 38.41
N TRP C 24 -40.18 -8.81 38.38
CA TRP C 24 -41.00 -9.89 37.83
C TRP C 24 -42.34 -10.03 38.55
N MET C 25 -42.37 -9.86 39.87
CA MET C 25 -43.62 -9.96 40.64
C MET C 25 -44.60 -8.87 40.24
N ASP C 26 -44.09 -7.72 39.80
CA ASP C 26 -44.91 -6.59 39.38
C ASP C 26 -45.36 -6.67 37.92
N VAL C 27 -44.51 -7.17 37.01
CA VAL C 27 -44.84 -7.23 35.58
C VAL C 27 -45.77 -8.38 35.16
N ILE C 28 -46.04 -9.37 36.02
CA ILE C 28 -46.90 -10.49 35.62
C ILE C 28 -48.40 -10.12 35.46
N GLU C 29 -48.78 -8.89 35.83
CA GLU C 29 -50.14 -8.38 35.61
C GLU C 29 -49.95 -6.93 35.17
N VAL C 30 -50.37 -6.60 33.95
CA VAL C 30 -50.23 -5.24 33.42
C VAL C 30 -51.54 -4.80 32.78
N ASP C 31 -51.63 -3.54 32.39
CA ASP C 31 -52.81 -3.03 31.70
C ASP C 31 -52.66 -3.42 30.24
N VAL C 32 -51.48 -3.13 29.67
CA VAL C 32 -51.17 -3.42 28.28
C VAL C 32 -49.81 -4.10 28.13
N ALA C 33 -49.75 -5.16 27.32
CA ALA C 33 -48.50 -5.85 27.05
C ALA C 33 -48.22 -5.60 25.57
N ILE C 34 -47.15 -4.86 25.27
CA ILE C 34 -46.78 -4.55 23.89
C ILE C 34 -45.72 -5.53 23.44
N VAL C 35 -45.97 -6.26 22.35
CA VAL C 35 -45.01 -7.23 21.84
C VAL C 35 -44.25 -6.60 20.69
N GLY C 36 -42.96 -6.38 20.89
CA GLY C 36 -42.09 -5.77 19.90
C GLY C 36 -41.60 -4.41 20.36
N GLY C 37 -40.28 -4.25 20.42
CA GLY C 37 -39.68 -3.00 20.86
C GLY C 37 -39.20 -2.15 19.70
N GLY C 38 -39.95 -2.15 18.62
CA GLY C 38 -39.63 -1.36 17.44
C GLY C 38 -40.22 0.03 17.51
N PRO C 39 -40.09 0.82 16.42
CA PRO C 39 -40.63 2.19 16.45
C PRO C 39 -42.10 2.35 16.86
N SER C 40 -43.02 1.50 16.33
CA SER C 40 -44.44 1.59 16.68
C SER C 40 -44.71 1.12 18.12
N GLY C 41 -44.06 0.04 18.53
CA GLY C 41 -44.21 -0.51 19.88
C GLY C 41 -43.71 0.44 20.94
N LEU C 42 -42.55 1.08 20.70
CA LEU C 42 -41.99 2.05 21.65
C LEU C 42 -42.86 3.30 21.74
N THR C 43 -43.50 3.69 20.63
CA THR C 43 -44.38 4.86 20.60
C THR C 43 -45.67 4.55 21.35
N ALA C 44 -46.29 3.41 21.06
CA ALA C 44 -47.53 3.02 21.73
C ALA C 44 -47.32 2.93 23.24
N GLY C 45 -46.19 2.36 23.66
CA GLY C 45 -45.85 2.22 25.07
C GLY C 45 -45.69 3.56 25.78
N LYS C 46 -45.05 4.52 25.10
CA LYS C 46 -44.84 5.85 25.65
C LYS C 46 -46.17 6.57 25.88
N TYR C 47 -47.04 6.60 24.86
CA TYR C 47 -48.32 7.30 24.96
C TYR C 47 -49.31 6.60 25.90
N LEU C 48 -49.14 5.30 26.16
CA LEU C 48 -50.03 4.58 27.09
C LEU C 48 -49.56 4.85 28.52
N ALA C 49 -48.24 4.74 28.78
CA ALA C 49 -47.63 4.98 30.09
C ALA C 49 -47.78 6.44 30.50
N LYS C 50 -47.68 7.36 29.52
CA LYS C 50 -47.83 8.80 29.72
C LYS C 50 -49.15 9.12 30.44
N GLU C 51 -50.19 8.30 30.21
CA GLU C 51 -51.51 8.48 30.81
C GLU C 51 -51.72 7.71 32.11
N GLY C 52 -50.66 7.16 32.69
CA GLY C 52 -50.74 6.44 33.96
C GLY C 52 -51.01 4.94 33.89
N LEU C 53 -51.06 4.35 32.68
CA LEU C 53 -51.30 2.91 32.58
C LEU C 53 -50.06 2.10 32.90
N LYS C 54 -50.26 0.86 33.39
CA LYS C 54 -49.16 -0.06 33.71
C LYS C 54 -48.88 -0.79 32.41
N VAL C 55 -47.73 -0.50 31.78
CA VAL C 55 -47.37 -1.05 30.48
C VAL C 55 -46.03 -1.75 30.46
N VAL C 56 -45.92 -2.83 29.67
CA VAL C 56 -44.66 -3.55 29.49
C VAL C 56 -44.45 -3.76 27.99
N ILE C 57 -43.26 -3.44 27.50
CA ILE C 57 -42.91 -3.64 26.10
C ILE C 57 -41.97 -4.84 26.12
N LEU C 58 -42.33 -5.93 25.42
CA LEU C 58 -41.54 -7.15 25.39
C LEU C 58 -40.79 -7.29 24.08
N GLU C 59 -39.46 -7.34 24.13
CA GLU C 59 -38.61 -7.44 22.95
C GLU C 59 -37.81 -8.75 22.99
N ARG C 60 -37.84 -9.53 21.91
CA ARG C 60 -37.12 -10.81 21.85
C ARG C 60 -35.59 -10.64 21.86
N HIS C 61 -35.04 -9.67 21.13
CA HIS C 61 -33.59 -9.48 21.13
C HIS C 61 -33.09 -8.81 22.39
N LEU C 62 -31.78 -8.87 22.63
CA LEU C 62 -31.16 -8.27 23.81
C LEU C 62 -31.33 -6.76 23.85
N SER C 63 -31.41 -6.13 22.69
CA SER C 63 -31.61 -4.69 22.58
C SER C 63 -32.87 -4.40 21.80
N PHE C 64 -33.51 -3.25 22.06
CA PHE C 64 -34.73 -2.85 21.36
C PHE C 64 -34.36 -1.96 20.17
N GLY C 65 -35.37 -1.48 19.45
CA GLY C 65 -35.18 -0.62 18.29
C GLY C 65 -35.68 -1.22 16.99
N GLY C 66 -35.73 -2.54 16.92
CA GLY C 66 -36.20 -3.24 15.74
C GLY C 66 -35.37 -2.99 14.49
N GLY C 67 -36.02 -2.61 13.41
CA GLY C 67 -35.37 -2.36 12.13
C GLY C 67 -34.91 -0.93 11.88
N THR C 68 -34.85 -0.09 12.93
CA THR C 68 -34.41 1.30 12.75
C THR C 68 -32.89 1.40 12.63
N TRP C 69 -32.14 0.76 13.56
CA TRP C 69 -30.68 0.78 13.64
C TRP C 69 -29.93 0.85 12.30
N GLY C 70 -30.24 -0.07 11.40
CA GLY C 70 -29.57 -0.16 10.10
C GLY C 70 -29.94 0.85 9.04
N GLY C 71 -30.97 1.65 9.29
CA GLY C 71 -31.41 2.66 8.32
C GLY C 71 -31.91 2.00 7.04
N GLY C 72 -31.36 2.43 5.91
CA GLY C 72 -31.73 1.89 4.60
C GLY C 72 -30.55 1.19 3.95
N MET C 73 -30.59 -0.15 3.85
CA MET C 73 -29.52 -0.95 3.24
C MET C 73 -28.16 -0.73 3.95
N GLY C 74 -28.19 -0.43 5.24
CA GLY C 74 -26.97 -0.19 6.00
C GLY C 74 -26.61 1.28 6.10
N PHE C 75 -27.13 2.14 5.20
CA PHE C 75 -26.87 3.59 5.24
C PHE C 75 -27.60 4.04 6.51
N PRO C 76 -26.90 4.59 7.52
CA PRO C 76 -27.56 4.87 8.80
C PRO C 76 -28.43 6.12 8.96
N TYR C 77 -29.46 6.24 8.14
CA TYR C 77 -30.39 7.37 8.22
C TYR C 77 -31.78 6.86 7.89
N ILE C 78 -32.80 7.48 8.48
CA ILE C 78 -34.19 7.10 8.23
C ILE C 78 -34.98 8.36 7.98
N VAL C 79 -36.07 8.25 7.20
CA VAL C 79 -36.89 9.41 6.88
C VAL C 79 -38.19 9.40 7.69
N VAL C 80 -38.67 10.59 8.06
CA VAL C 80 -39.93 10.75 8.78
C VAL C 80 -40.64 11.91 8.09
N GLU C 81 -41.92 11.77 7.75
CA GLU C 81 -42.66 12.83 7.09
C GLU C 81 -43.60 13.49 8.08
N GLU C 82 -43.93 14.77 7.86
CA GLU C 82 -44.84 15.47 8.76
C GLU C 82 -46.24 14.84 8.69
N PRO C 83 -47.02 14.84 9.79
CA PRO C 83 -46.73 15.43 11.12
C PRO C 83 -46.03 14.49 12.10
N ALA C 84 -45.60 13.29 11.66
CA ALA C 84 -44.93 12.34 12.54
C ALA C 84 -43.60 12.86 13.12
N ASP C 85 -42.99 13.85 12.45
CA ASP C 85 -41.74 14.47 12.90
C ASP C 85 -41.88 15.04 14.33
N GLU C 86 -43.09 15.45 14.71
CA GLU C 86 -43.34 16.00 16.05
C GLU C 86 -43.15 14.93 17.12
N ILE C 87 -43.45 13.66 16.80
CA ILE C 87 -43.30 12.56 17.76
C ILE C 87 -41.80 12.38 18.06
N LEU C 88 -40.96 12.48 17.02
CA LEU C 88 -39.51 12.35 17.17
C LEU C 88 -38.94 13.53 17.94
N ARG C 89 -39.46 14.74 17.69
CA ARG C 89 -38.98 15.93 18.40
C ARG C 89 -39.30 15.86 19.88
N ASP C 90 -40.46 15.28 20.22
CA ASP C 90 -40.89 15.13 21.62
C ASP C 90 -39.90 14.20 22.37
N ALA C 91 -39.20 13.30 21.65
CA ALA C 91 -38.21 12.38 22.24
C ALA C 91 -36.80 13.01 22.24
N GLY C 92 -36.67 14.23 21.73
CA GLY C 92 -35.40 14.94 21.65
C GLY C 92 -34.53 14.53 20.46
N ILE C 93 -35.13 13.90 19.44
CA ILE C 93 -34.38 13.46 18.28
C ILE C 93 -34.08 14.62 17.34
N LYS C 94 -32.80 14.79 17.01
CA LYS C 94 -32.34 15.83 16.10
C LYS C 94 -32.83 15.47 14.68
N LEU C 95 -33.48 16.43 13.98
CA LEU C 95 -33.99 16.21 12.63
C LEU C 95 -33.47 17.28 11.67
N GLU C 96 -33.22 16.90 10.41
CA GLU C 96 -32.76 17.82 9.38
C GLU C 96 -33.79 17.77 8.27
N LYS C 97 -34.08 18.91 7.65
CA LYS C 97 -35.05 18.95 6.56
C LYS C 97 -34.41 18.39 5.30
N VAL C 98 -35.16 17.57 4.55
CA VAL C 98 -34.68 17.01 3.29
C VAL C 98 -34.81 18.14 2.28
N GLU C 99 -33.70 18.44 1.60
CA GLU C 99 -33.54 19.54 0.63
C GLU C 99 -34.66 19.76 -0.38
N ASP C 100 -34.93 18.79 -1.25
CA ASP C 100 -35.91 18.97 -2.32
C ASP C 100 -37.32 18.42 -2.04
N VAL C 101 -37.61 18.00 -0.82
CA VAL C 101 -38.93 17.46 -0.48
C VAL C 101 -39.48 18.13 0.77
N GLU C 102 -40.50 18.97 0.62
CA GLU C 102 -41.11 19.64 1.78
C GLU C 102 -41.94 18.60 2.52
N GLY C 103 -41.76 18.52 3.82
CA GLY C 103 -42.48 17.55 4.65
C GLY C 103 -41.61 16.39 5.08
N TYR C 104 -40.46 16.18 4.41
CA TYR C 104 -39.54 15.09 4.74
C TYR C 104 -38.45 15.57 5.68
N TYR C 105 -38.13 14.74 6.67
CA TYR C 105 -37.06 15.01 7.64
C TYR C 105 -36.21 13.76 7.72
N ILE C 106 -34.93 13.92 7.97
CA ILE C 106 -34.03 12.78 8.05
C ILE C 106 -33.40 12.76 9.45
N ALA C 107 -33.21 11.56 10.01
CA ALA C 107 -32.64 11.39 11.34
C ALA C 107 -31.62 10.28 11.36
N ASP C 108 -30.64 10.39 12.27
CA ASP C 108 -29.60 9.39 12.45
C ASP C 108 -30.33 8.13 12.94
N SER C 109 -30.20 7.02 12.20
CA SER C 109 -30.87 5.76 12.52
C SER C 109 -30.46 5.14 13.86
N VAL C 110 -29.34 5.56 14.45
CA VAL C 110 -28.85 5.06 15.74
C VAL C 110 -29.42 5.92 16.88
N GLU C 111 -29.64 7.22 16.62
CA GLU C 111 -30.18 8.15 17.61
C GLU C 111 -31.66 7.88 17.89
N VAL C 112 -32.42 7.54 16.86
CA VAL C 112 -33.87 7.30 16.97
C VAL C 112 -34.21 6.19 17.98
N PRO C 113 -33.77 4.93 17.80
CA PRO C 113 -34.14 3.88 18.76
C PRO C 113 -33.74 4.17 20.20
N ALA C 114 -32.53 4.71 20.40
CA ALA C 114 -32.04 5.05 21.73
C ALA C 114 -32.95 6.05 22.43
N LYS C 115 -33.31 7.15 21.74
CA LYS C 115 -34.16 8.19 22.32
C LYS C 115 -35.63 7.79 22.42
N LEU C 116 -36.15 6.97 21.49
CA LEU C 116 -37.54 6.52 21.58
C LEU C 116 -37.71 5.60 22.79
N GLY C 117 -36.72 4.74 23.02
CA GLY C 117 -36.74 3.82 24.16
C GLY C 117 -36.60 4.56 25.46
N ALA C 118 -35.70 5.55 25.51
CA ALA C 118 -35.49 6.36 26.71
C ALA C 118 -36.77 7.17 27.03
N SER C 119 -37.45 7.66 26.00
CA SER C 119 -38.68 8.44 26.17
C SER C 119 -39.81 7.55 26.71
N ALA C 120 -39.91 6.30 26.24
CA ALA C 120 -40.94 5.37 26.70
C ALA C 120 -40.68 5.03 28.17
N ILE C 121 -39.41 4.83 28.54
CA ILE C 121 -39.05 4.53 29.93
C ILE C 121 -39.37 5.73 30.83
N ASP C 122 -39.07 6.94 30.36
CA ASP C 122 -39.35 8.16 31.14
C ASP C 122 -40.84 8.39 31.29
N ALA C 123 -41.66 7.92 30.33
CA ALA C 123 -43.12 8.06 30.41
C ALA C 123 -43.70 7.07 31.42
N GLY C 124 -42.91 6.08 31.84
CA GLY C 124 -43.32 5.07 32.81
C GLY C 124 -43.46 3.67 32.26
N ALA C 125 -43.12 3.44 30.99
CA ALA C 125 -43.23 2.10 30.40
C ALA C 125 -42.05 1.23 30.79
N LYS C 126 -42.30 -0.07 31.01
CA LYS C 126 -41.23 -0.99 31.36
C LYS C 126 -40.82 -1.70 30.08
N ILE C 127 -39.53 -1.74 29.75
CA ILE C 127 -39.07 -2.43 28.55
C ILE C 127 -38.27 -3.64 29.00
N LEU C 128 -38.69 -4.85 28.58
CA LEU C 128 -37.99 -6.08 28.91
C LEU C 128 -37.44 -6.65 27.61
N THR C 129 -36.11 -6.82 27.52
CA THR C 129 -35.48 -7.37 26.34
C THR C 129 -35.13 -8.82 26.60
N SER C 130 -34.74 -9.57 25.56
CA SER C 130 -34.38 -10.97 25.68
C SER C 130 -35.59 -11.82 26.14
N VAL C 131 -36.81 -11.37 25.81
CA VAL C 131 -38.05 -12.04 26.18
C VAL C 131 -38.89 -12.22 24.92
N ALA C 132 -39.11 -13.45 24.50
CA ALA C 132 -39.89 -13.73 23.31
C ALA C 132 -41.31 -14.13 23.68
N VAL C 133 -42.32 -13.57 23.00
CA VAL C 133 -43.71 -13.94 23.24
C VAL C 133 -43.93 -15.13 22.30
N GLU C 134 -44.26 -16.29 22.85
CA GLU C 134 -44.48 -17.47 22.03
C GLU C 134 -45.95 -17.84 21.85
N ASP C 135 -46.85 -17.28 22.66
CA ASP C 135 -48.27 -17.61 22.56
C ASP C 135 -49.08 -16.58 23.32
N LEU C 136 -50.40 -16.72 23.30
CA LEU C 136 -51.31 -15.81 23.98
C LEU C 136 -52.13 -16.52 25.02
N ILE C 137 -52.67 -15.75 25.97
CA ILE C 137 -53.55 -16.30 26.99
C ILE C 137 -54.93 -16.01 26.47
N LEU C 138 -55.81 -17.02 26.43
CA LEU C 138 -57.15 -16.80 25.92
C LEU C 138 -58.22 -16.94 27.00
N ARG C 139 -59.34 -16.25 26.79
CA ARG C 139 -60.52 -16.27 27.65
C ARG C 139 -61.65 -16.43 26.67
N GLU C 140 -62.90 -16.57 27.13
CA GLU C 140 -63.99 -16.72 26.19
C GLU C 140 -64.08 -15.50 25.26
N ASP C 141 -63.90 -15.70 23.95
CA ASP C 141 -63.99 -14.64 22.94
C ASP C 141 -63.02 -13.46 23.16
N LYS C 142 -61.84 -13.69 23.74
CA LYS C 142 -60.89 -12.59 23.94
C LYS C 142 -59.48 -13.06 24.31
N VAL C 143 -58.50 -12.18 24.08
CA VAL C 143 -57.10 -12.41 24.42
C VAL C 143 -56.97 -11.77 25.80
N ALA C 144 -56.30 -12.45 26.74
CA ALA C 144 -56.16 -11.94 28.10
C ALA C 144 -54.70 -11.84 28.58
N GLY C 145 -53.75 -11.90 27.67
CA GLY C 145 -52.35 -11.81 28.04
C GLY C 145 -51.42 -12.49 27.06
N VAL C 146 -50.13 -12.61 27.46
CA VAL C 146 -49.08 -13.21 26.63
C VAL C 146 -48.34 -14.33 27.36
N VAL C 147 -47.79 -15.29 26.58
CA VAL C 147 -46.99 -16.40 27.11
C VAL C 147 -45.55 -16.06 26.72
N VAL C 148 -44.69 -15.85 27.72
CA VAL C 148 -43.31 -15.44 27.50
C VAL C 148 -42.29 -16.53 27.76
N GLN C 149 -41.22 -16.51 26.97
CA GLN C 149 -40.12 -17.45 27.11
C GLN C 149 -38.83 -16.66 26.94
N GLY C 150 -37.77 -17.11 27.58
CA GLY C 150 -36.47 -16.46 27.47
C GLY C 150 -35.96 -16.66 26.06
N TYR C 151 -35.43 -15.60 25.45
CA TYR C 151 -34.91 -15.67 24.09
C TYR C 151 -33.78 -16.68 23.97
N ALA C 152 -32.87 -16.74 24.95
CA ALA C 152 -31.76 -17.69 24.93
C ALA C 152 -32.28 -19.13 24.97
N ILE C 153 -33.30 -19.41 25.80
CA ILE C 153 -33.90 -20.74 25.90
C ILE C 153 -34.52 -21.11 24.57
N GLU C 154 -35.23 -20.17 23.96
CA GLU C 154 -35.88 -20.37 22.66
C GLU C 154 -34.81 -20.63 21.59
N LYS C 155 -33.79 -19.77 21.54
CA LYS C 155 -32.72 -19.91 20.55
C LYS C 155 -31.93 -21.21 20.74
N ALA C 156 -31.66 -21.60 22.00
CA ALA C 156 -30.91 -22.82 22.30
C ALA C 156 -31.72 -24.09 22.02
N GLY C 157 -33.00 -23.93 21.73
CA GLY C 157 -33.87 -25.06 21.43
C GLY C 157 -34.19 -25.94 22.61
N LEU C 158 -34.00 -25.42 23.84
CA LEU C 158 -34.28 -26.20 25.04
C LEU C 158 -35.77 -26.40 25.21
N HIS C 159 -36.18 -27.59 25.65
CA HIS C 159 -37.59 -27.88 25.86
C HIS C 159 -37.92 -27.43 27.28
N VAL C 160 -38.41 -26.19 27.43
CA VAL C 160 -38.71 -25.61 28.73
C VAL C 160 -40.07 -24.91 28.69
N ASP C 161 -40.84 -25.01 29.78
CA ASP C 161 -42.15 -24.36 29.86
C ASP C 161 -41.98 -22.85 29.99
N PRO C 162 -42.94 -22.06 29.50
CA PRO C 162 -42.83 -20.62 29.63
C PRO C 162 -43.55 -20.13 30.88
N ILE C 163 -43.61 -18.81 31.06
CA ILE C 163 -44.35 -18.21 32.15
C ILE C 163 -45.34 -17.26 31.48
N THR C 164 -46.17 -16.55 32.24
CA THR C 164 -47.18 -15.70 31.64
C THR C 164 -47.28 -14.28 32.18
N ILE C 165 -47.93 -13.41 31.41
CA ILE C 165 -48.17 -12.02 31.78
C ILE C 165 -49.63 -11.73 31.45
N ASN C 166 -50.45 -11.46 32.47
CA ASN C 166 -51.86 -11.16 32.28
C ASN C 166 -51.98 -9.70 31.86
N ALA C 167 -52.83 -9.40 30.89
CA ALA C 167 -53.00 -8.04 30.41
C ALA C 167 -54.42 -7.80 29.97
N LYS C 168 -54.90 -6.55 30.06
CA LYS C 168 -56.25 -6.23 29.62
C LYS C 168 -56.23 -6.17 28.10
N TYR C 169 -55.13 -5.65 27.52
CA TYR C 169 -54.95 -5.55 26.08
C TYR C 169 -53.54 -5.93 25.68
N VAL C 170 -53.41 -6.56 24.51
CA VAL C 170 -52.11 -6.98 23.97
C VAL C 170 -51.95 -6.25 22.65
N ILE C 171 -50.74 -5.79 22.35
CA ILE C 171 -50.50 -5.11 21.08
C ILE C 171 -49.50 -5.91 20.30
N ASP C 172 -49.84 -6.27 19.06
CA ASP C 172 -48.91 -6.98 18.20
C ASP C 172 -48.17 -5.90 17.42
N ALA C 173 -46.93 -5.58 17.82
CA ALA C 173 -46.09 -4.58 17.16
C ALA C 173 -44.78 -5.28 16.77
N THR C 174 -44.90 -6.54 16.32
CA THR C 174 -43.75 -7.38 15.94
C THR C 174 -43.23 -7.18 14.52
N GLY C 175 -43.72 -6.17 13.81
CA GLY C 175 -43.27 -5.91 12.46
C GLY C 175 -43.99 -6.71 11.41
N HIS C 176 -43.40 -6.80 10.22
CA HIS C 176 -43.99 -7.52 9.10
C HIS C 176 -44.29 -8.99 9.36
N ASP C 177 -43.66 -9.59 10.38
CA ASP C 177 -43.90 -10.99 10.70
C ASP C 177 -45.25 -11.18 11.41
N ALA C 178 -45.78 -10.12 12.08
CA ALA C 178 -47.05 -10.19 12.81
C ALA C 178 -47.08 -11.55 13.51
N SER C 179 -46.01 -11.88 14.25
CA SER C 179 -45.86 -13.17 14.93
C SER C 179 -46.95 -13.48 15.94
N VAL C 180 -47.42 -12.49 16.69
CA VAL C 180 -48.45 -12.72 17.70
C VAL C 180 -49.78 -13.10 17.05
N THR C 181 -50.24 -12.31 16.08
CA THR C 181 -51.50 -12.59 15.38
C THR C 181 -51.38 -13.89 14.57
N THR C 182 -50.21 -14.14 13.96
CA THR C 182 -50.01 -15.37 13.19
C THR C 182 -50.10 -16.60 14.09
N THR C 183 -49.52 -16.52 15.30
CA THR C 183 -49.56 -17.63 16.25
C THR C 183 -51.00 -17.87 16.69
N LEU C 184 -51.74 -16.79 16.98
CA LEU C 184 -53.13 -16.91 17.39
C LEU C 184 -53.93 -17.64 16.31
N ALA C 185 -53.75 -17.21 15.04
CA ALA C 185 -54.46 -17.80 13.91
C ALA C 185 -54.06 -19.24 13.61
N ARG C 186 -52.78 -19.55 13.72
CA ARG C 186 -52.26 -20.89 13.44
C ARG C 186 -52.68 -21.93 14.47
N LYS C 187 -52.63 -21.59 15.77
CA LYS C 187 -52.99 -22.49 16.85
C LYS C 187 -54.48 -22.56 17.15
N ASN C 188 -55.26 -21.57 16.73
CA ASN C 188 -56.71 -21.54 16.97
C ASN C 188 -57.45 -21.36 15.66
N LYS C 189 -57.49 -22.43 14.84
CA LYS C 189 -58.14 -22.41 13.52
C LYS C 189 -59.63 -22.07 13.60
N ASP C 190 -60.28 -22.45 14.72
CA ASP C 190 -61.70 -22.18 14.96
C ASP C 190 -62.05 -20.70 14.95
N LEU C 191 -61.08 -19.80 15.19
CA LEU C 191 -61.33 -18.36 15.22
C LEU C 191 -61.48 -17.72 13.83
N GLY C 192 -61.06 -18.42 12.78
CA GLY C 192 -61.16 -17.91 11.43
C GLY C 192 -60.30 -16.70 11.12
N ILE C 193 -59.17 -16.53 11.83
CA ILE C 193 -58.27 -15.40 11.59
C ILE C 193 -57.32 -15.77 10.45
N GLU C 194 -57.02 -14.82 9.56
CA GLU C 194 -56.12 -15.02 8.43
C GLU C 194 -55.05 -13.94 8.45
N VAL C 195 -53.79 -14.31 8.25
CA VAL C 195 -52.69 -13.34 8.19
C VAL C 195 -52.09 -13.51 6.81
N PRO C 196 -52.55 -12.72 5.83
CA PRO C 196 -52.02 -12.88 4.46
C PRO C 196 -50.57 -12.45 4.28
N GLY C 197 -50.12 -11.50 5.08
CA GLY C 197 -48.77 -10.96 4.98
C GLY C 197 -48.79 -9.71 4.14
N GLU C 198 -47.72 -8.93 4.22
CA GLU C 198 -47.60 -7.67 3.47
C GLU C 198 -47.56 -7.92 1.97
N LYS C 199 -47.95 -6.91 1.20
CA LYS C 199 -47.92 -6.97 -0.26
C LYS C 199 -46.55 -6.41 -0.65
N SER C 200 -46.28 -6.19 -1.93
CA SER C 200 -44.99 -5.66 -2.37
C SER C 200 -44.88 -4.17 -2.00
N MET C 201 -43.77 -3.52 -2.38
CA MET C 201 -43.57 -2.12 -2.03
C MET C 201 -44.33 -1.07 -2.87
N TRP C 202 -44.99 -0.14 -2.17
CA TRP C 202 -45.74 0.98 -2.71
C TRP C 202 -45.90 1.95 -1.53
N ALA C 203 -44.86 2.77 -1.29
CA ALA C 203 -44.82 3.69 -0.15
C ALA C 203 -46.06 4.56 0.02
N ASP C 204 -46.53 5.18 -1.06
CA ASP C 204 -47.70 6.04 -0.99
C ASP C 204 -48.92 5.30 -0.41
N LYS C 205 -49.24 4.13 -0.95
CA LYS C 205 -50.38 3.36 -0.47
C LYS C 205 -50.12 2.66 0.86
N GLY C 206 -48.91 2.16 1.03
CA GLY C 206 -48.53 1.47 2.26
C GLY C 206 -48.61 2.36 3.48
N GLU C 207 -48.08 3.59 3.39
CA GLU C 207 -48.11 4.55 4.50
C GLU C 207 -49.51 5.04 4.81
N ASN C 208 -50.35 5.20 3.78
CA ASN C 208 -51.71 5.69 3.99
C ASN C 208 -52.76 4.63 4.35
N SER C 209 -52.36 3.39 4.62
CA SER C 209 -53.29 2.35 5.03
C SER C 209 -52.99 1.92 6.47
N LEU C 210 -51.80 2.27 6.99
CA LEU C 210 -51.38 1.89 8.34
C LEU C 210 -52.35 2.31 9.43
N LEU C 211 -52.84 3.56 9.40
CA LEU C 211 -53.76 4.02 10.42
C LEU C 211 -55.10 3.31 10.34
N ARG C 212 -55.63 3.10 9.13
CA ARG C 212 -56.89 2.40 8.90
C ARG C 212 -56.76 0.96 9.43
N ASN C 213 -55.58 0.35 9.19
CA ASN C 213 -55.29 -1.04 9.60
C ASN C 213 -54.89 -1.18 11.07
N THR C 214 -54.65 -0.08 11.78
CA THR C 214 -54.30 -0.13 13.20
C THR C 214 -55.64 -0.30 13.91
N ARG C 215 -55.93 -1.52 14.37
CA ARG C 215 -57.21 -1.79 15.01
C ARG C 215 -57.16 -3.06 15.83
N GLU C 216 -58.30 -3.37 16.45
CA GLU C 216 -58.48 -4.58 17.26
C GLU C 216 -58.85 -5.71 16.29
N VAL C 217 -57.95 -6.67 16.07
CA VAL C 217 -58.20 -7.80 15.16
C VAL C 217 -59.01 -8.90 15.81
N TYR C 218 -58.89 -9.04 17.12
CA TYR C 218 -59.60 -10.03 17.92
C TYR C 218 -59.80 -9.35 19.26
N PRO C 219 -60.90 -9.56 19.99
CA PRO C 219 -61.06 -8.85 21.28
C PRO C 219 -59.86 -8.98 22.21
N GLY C 220 -59.30 -7.85 22.61
CA GLY C 220 -58.14 -7.81 23.49
C GLY C 220 -56.82 -7.74 22.76
N LEU C 221 -56.83 -7.93 21.43
CA LEU C 221 -55.59 -7.90 20.66
C LEU C 221 -55.64 -6.82 19.59
N PHE C 222 -54.73 -5.85 19.71
CA PHE C 222 -54.60 -4.75 18.77
C PHE C 222 -53.39 -5.02 17.92
N VAL C 223 -53.36 -4.44 16.73
CA VAL C 223 -52.22 -4.61 15.83
C VAL C 223 -51.79 -3.20 15.42
N CYS C 224 -50.48 -2.93 15.38
CA CYS C 224 -50.00 -1.61 14.99
C CYS C 224 -48.65 -1.75 14.29
N GLY C 225 -48.21 -0.67 13.66
CA GLY C 225 -46.95 -0.69 12.92
C GLY C 225 -47.06 -1.53 11.68
N MET C 226 -45.94 -2.08 11.19
CA MET C 226 -45.97 -2.89 9.99
C MET C 226 -46.81 -4.16 10.16
N ALA C 227 -47.00 -4.66 11.40
CA ALA C 227 -47.84 -5.84 11.64
C ALA C 227 -49.28 -5.56 11.18
N ALA C 228 -49.72 -4.29 11.28
CA ALA C 228 -51.07 -3.87 10.86
C ALA C 228 -51.25 -4.09 9.35
N ASN C 229 -50.22 -3.77 8.56
CA ASN C 229 -50.27 -3.96 7.12
C ASN C 229 -50.10 -5.44 6.76
N ALA C 230 -49.35 -6.20 7.57
CA ALA C 230 -49.16 -7.63 7.32
C ALA C 230 -50.45 -8.40 7.53
N VAL C 231 -51.21 -8.04 8.57
CA VAL C 231 -52.47 -8.69 8.90
C VAL C 231 -53.59 -8.32 7.92
N HIS C 232 -53.51 -7.12 7.32
CA HIS C 232 -54.53 -6.65 6.37
C HIS C 232 -54.04 -6.57 4.93
N ALA C 233 -52.92 -7.23 4.60
CA ALA C 233 -52.37 -7.24 3.24
C ALA C 233 -52.18 -5.84 2.64
N GLY C 234 -51.47 -5.00 3.36
CA GLY C 234 -51.15 -3.65 2.92
C GLY C 234 -49.76 -3.66 2.29
N TYR C 235 -49.44 -2.62 1.54
CA TYR C 235 -48.15 -2.52 0.88
C TYR C 235 -47.04 -2.11 1.85
N ARG C 236 -45.78 -2.31 1.43
CA ARG C 236 -44.61 -1.92 2.22
C ARG C 236 -44.27 -0.49 1.85
N MET C 237 -43.46 0.19 2.67
CA MET C 237 -43.09 1.57 2.37
C MET C 237 -41.60 1.86 2.47
N GLY C 238 -40.81 0.90 2.94
CA GLY C 238 -39.38 1.10 3.05
C GLY C 238 -38.95 1.86 4.29
N ALA C 239 -37.83 2.60 4.17
CA ALA C 239 -37.23 3.34 5.28
C ALA C 239 -37.88 4.68 5.63
N ILE C 240 -39.20 4.81 5.47
CA ILE C 240 -39.93 6.03 5.84
C ILE C 240 -40.75 5.56 7.05
N PHE C 241 -40.61 6.23 8.21
CA PHE C 241 -41.27 5.78 9.44
C PHE C 241 -42.43 6.61 10.00
N GLY C 242 -42.88 7.65 9.32
CA GLY C 242 -43.97 8.44 9.84
C GLY C 242 -45.19 7.64 10.25
N GLY C 243 -45.61 6.73 9.39
CA GLY C 243 -46.76 5.87 9.64
C GLY C 243 -46.57 4.95 10.83
N MET C 244 -45.33 4.48 11.06
CA MET C 244 -45.03 3.60 12.19
C MET C 244 -45.29 4.34 13.50
N TYR C 245 -44.82 5.59 13.60
CA TYR C 245 -44.99 6.39 14.82
C TYR C 245 -46.45 6.77 15.01
N LEU C 246 -47.12 7.25 13.95
CA LEU C 246 -48.53 7.63 14.05
C LEU C 246 -49.41 6.42 14.36
N SER C 247 -49.05 5.24 13.83
CA SER C 247 -49.79 4.01 14.07
C SER C 247 -49.70 3.62 15.56
N GLY C 248 -48.51 3.73 16.13
CA GLY C 248 -48.29 3.42 17.54
C GLY C 248 -49.06 4.36 18.45
N LYS C 249 -49.05 5.67 18.12
CA LYS C 249 -49.77 6.67 18.89
C LYS C 249 -51.28 6.46 18.78
N LYS C 250 -51.78 6.11 17.58
CA LYS C 250 -53.20 5.85 17.38
C LYS C 250 -53.62 4.63 18.21
N CYS C 251 -52.78 3.59 18.20
CA CYS C 251 -53.05 2.36 18.97
C CYS C 251 -53.22 2.69 20.45
N ALA C 252 -52.34 3.55 20.99
CA ALA C 252 -52.41 3.96 22.39
C ALA C 252 -53.73 4.70 22.65
N GLU C 253 -54.09 5.65 21.77
CA GLU C 253 -55.31 6.43 21.88
C GLU C 253 -56.57 5.54 21.83
N MET C 254 -56.56 4.51 20.97
CA MET C 254 -57.69 3.60 20.86
C MET C 254 -57.87 2.78 22.13
N ILE C 255 -56.75 2.30 22.72
CA ILE C 255 -56.81 1.51 23.96
C ILE C 255 -57.21 2.40 25.14
N LEU C 256 -56.73 3.65 25.17
CA LEU C 256 -57.06 4.57 26.24
C LEU C 256 -58.57 4.84 26.27
N GLU C 257 -59.22 4.91 25.09
CA GLU C 257 -60.67 5.13 25.03
C GLU C 257 -61.39 3.91 25.58
N LYS C 258 -60.91 2.70 25.26
CA LYS C 258 -61.53 1.47 25.74
C LYS C 258 -61.40 1.32 27.25
N LEU C 259 -60.27 1.74 27.82
CA LEU C 259 -60.06 1.64 29.27
C LEU C 259 -60.66 2.80 30.08
N ASN C 260 -61.11 3.88 29.42
CA ASN C 260 -61.70 5.01 30.15
C ASN C 260 -63.18 5.12 29.82
N MET D 1 12.24 -0.79 -8.07
CA MET D 1 11.73 0.35 -8.83
C MET D 1 12.30 1.66 -8.29
N ASP D 2 12.89 2.50 -9.17
CA ASP D 2 13.46 3.80 -8.80
C ASP D 2 12.35 4.72 -8.31
N TYR D 3 11.19 4.67 -9.01
CA TYR D 3 10.02 5.47 -8.67
C TYR D 3 9.38 4.92 -7.38
N LYS D 4 8.88 5.82 -6.53
CA LYS D 4 8.21 5.44 -5.29
C LYS D 4 6.72 5.59 -5.57
N LEU D 5 5.91 4.56 -5.23
CA LEU D 5 4.47 4.63 -5.50
C LEU D 5 3.76 5.49 -4.47
N LYS D 6 2.83 6.33 -4.95
CA LYS D 6 2.06 7.21 -4.09
C LYS D 6 0.88 6.42 -3.55
N ALA D 7 0.80 6.25 -2.23
CA ALA D 7 -0.28 5.50 -1.61
C ALA D 7 -0.53 5.99 -0.20
N ASP D 8 -1.80 6.01 0.20
CA ASP D 8 -2.21 6.45 1.53
C ASP D 8 -3.54 5.80 1.83
N GLU D 9 -4.11 6.07 3.00
CA GLU D 9 -5.40 5.49 3.38
C GLU D 9 -6.54 6.47 3.17
N TYR D 10 -6.38 7.72 3.63
CA TYR D 10 -7.43 8.74 3.53
C TYR D 10 -7.97 9.02 2.14
N ASN D 11 -7.08 9.35 1.19
CA ASN D 11 -7.52 9.67 -0.16
C ASN D 11 -8.05 8.48 -0.93
N VAL D 12 -7.64 7.26 -0.57
CA VAL D 12 -8.13 6.06 -1.25
C VAL D 12 -9.59 5.87 -0.80
N THR D 13 -9.83 5.93 0.53
CA THR D 13 -11.17 5.78 1.09
C THR D 13 -12.09 6.87 0.58
N LYS D 14 -11.62 8.13 0.57
CA LYS D 14 -12.43 9.25 0.11
C LYS D 14 -12.82 9.09 -1.36
N ALA D 15 -11.88 8.68 -2.21
CA ALA D 15 -12.13 8.49 -3.65
C ALA D 15 -13.16 7.39 -3.87
N ILE D 16 -13.06 6.28 -3.13
CA ILE D 16 -14.00 5.17 -3.26
C ILE D 16 -15.40 5.57 -2.81
N LEU D 17 -15.51 6.27 -1.67
CA LEU D 17 -16.81 6.71 -1.16
C LEU D 17 -17.46 7.72 -2.09
N SER D 18 -16.67 8.66 -2.64
CA SER D 18 -17.21 9.66 -3.56
C SER D 18 -17.74 9.02 -4.83
N SER D 19 -16.98 8.10 -5.42
CA SER D 19 -17.41 7.42 -6.65
C SER D 19 -18.64 6.58 -6.39
N ALA D 20 -18.65 5.82 -5.29
CA ALA D 20 -19.79 4.95 -4.93
C ALA D 20 -21.05 5.76 -4.69
N PHE D 21 -20.95 6.91 -4.02
CA PHE D 21 -22.15 7.69 -3.78
C PHE D 21 -22.63 8.39 -5.06
N LYS D 22 -21.72 8.88 -5.92
CA LYS D 22 -22.15 9.47 -7.18
C LYS D 22 -22.86 8.38 -8.00
N MET D 23 -22.35 7.14 -7.93
CA MET D 23 -22.92 5.99 -8.63
C MET D 23 -24.33 5.69 -8.12
N TRP D 24 -24.48 5.56 -6.78
CA TRP D 24 -25.78 5.26 -6.17
C TRP D 24 -26.83 6.32 -6.47
N MET D 25 -26.45 7.60 -6.51
CA MET D 25 -27.39 8.69 -6.81
C MET D 25 -27.91 8.58 -8.22
N ASP D 26 -27.12 8.01 -9.13
CA ASP D 26 -27.50 7.84 -10.52
C ASP D 26 -28.30 6.56 -10.79
N VAL D 27 -27.99 5.44 -10.11
CA VAL D 27 -28.67 4.16 -10.34
C VAL D 27 -30.05 4.03 -9.70
N ILE D 28 -30.46 4.93 -8.78
CA ILE D 28 -31.77 4.78 -8.14
C ILE D 28 -32.97 5.04 -9.07
N GLU D 29 -32.73 5.50 -10.31
CA GLU D 29 -33.77 5.67 -11.33
C GLU D 29 -33.12 5.19 -12.63
N VAL D 30 -33.67 4.13 -13.23
CA VAL D 30 -33.13 3.58 -14.47
C VAL D 30 -34.26 3.31 -15.45
N ASP D 31 -33.93 2.97 -16.70
CA ASP D 31 -34.96 2.66 -17.69
C ASP D 31 -35.32 1.19 -17.44
N VAL D 32 -34.31 0.33 -17.30
CA VAL D 32 -34.51 -1.10 -17.07
C VAL D 32 -33.63 -1.62 -15.93
N ALA D 33 -34.21 -2.43 -15.04
CA ALA D 33 -33.46 -3.05 -13.95
C ALA D 33 -33.47 -4.54 -14.25
N ILE D 34 -32.31 -5.13 -14.54
CA ILE D 34 -32.21 -6.56 -14.86
C ILE D 34 -31.80 -7.29 -13.60
N VAL D 35 -32.60 -8.28 -13.17
CA VAL D 35 -32.28 -9.06 -11.97
C VAL D 35 -31.66 -10.38 -12.40
N GLY D 36 -30.39 -10.55 -12.07
CA GLY D 36 -29.64 -11.73 -12.42
C GLY D 36 -28.53 -11.43 -13.43
N GLY D 37 -27.31 -11.76 -13.05
CA GLY D 37 -26.16 -11.52 -13.91
C GLY D 37 -25.69 -12.76 -14.64
N GLY D 38 -26.63 -13.59 -15.08
CA GLY D 38 -26.33 -14.80 -15.81
C GLY D 38 -26.27 -14.56 -17.31
N PRO D 39 -26.14 -15.63 -18.12
CA PRO D 39 -26.05 -15.43 -19.58
C PRO D 39 -27.16 -14.61 -20.23
N SER D 40 -28.42 -14.87 -19.88
CA SER D 40 -29.54 -14.14 -20.48
C SER D 40 -29.62 -12.68 -19.97
N GLY D 41 -29.38 -12.47 -18.69
CA GLY D 41 -29.41 -11.13 -18.11
C GLY D 41 -28.30 -10.26 -18.67
N LEU D 42 -27.08 -10.81 -18.78
CA LEU D 42 -25.94 -10.05 -19.32
C LEU D 42 -26.18 -9.71 -20.80
N THR D 43 -26.87 -10.60 -21.54
CA THR D 43 -27.16 -10.36 -22.95
C THR D 43 -28.24 -9.28 -23.07
N ALA D 44 -29.32 -9.39 -22.29
CA ALA D 44 -30.38 -8.39 -22.33
C ALA D 44 -29.84 -7.00 -21.99
N GLY D 45 -28.98 -6.93 -20.98
CA GLY D 45 -28.38 -5.67 -20.55
C GLY D 45 -27.52 -5.03 -21.63
N LYS D 46 -26.74 -5.86 -22.34
CA LYS D 46 -25.88 -5.37 -23.41
C LYS D 46 -26.70 -4.77 -24.56
N TYR D 47 -27.70 -5.50 -25.04
CA TYR D 47 -28.53 -5.03 -26.15
C TYR D 47 -29.44 -3.85 -25.79
N LEU D 48 -29.74 -3.64 -24.50
CA LEU D 48 -30.57 -2.49 -24.09
C LEU D 48 -29.66 -1.26 -24.01
N ALA D 49 -28.50 -1.40 -23.33
CA ALA D 49 -27.52 -0.33 -23.17
C ALA D 49 -26.97 0.13 -24.52
N LYS D 50 -26.77 -0.84 -25.43
CA LYS D 50 -26.26 -0.60 -26.79
C LYS D 50 -27.11 0.46 -27.49
N GLU D 51 -28.41 0.53 -27.18
CA GLU D 51 -29.34 1.49 -27.79
C GLU D 51 -29.50 2.80 -27.01
N GLY D 52 -28.65 3.06 -26.03
CA GLY D 52 -28.70 4.29 -25.25
C GLY D 52 -29.55 4.29 -23.99
N LEU D 53 -30.13 3.14 -23.62
CA LEU D 53 -30.96 3.11 -22.41
C LEU D 53 -30.10 3.06 -21.15
N LYS D 54 -30.65 3.57 -20.04
CA LYS D 54 -30.00 3.57 -18.74
C LYS D 54 -30.38 2.23 -18.11
N VAL D 55 -29.41 1.31 -18.02
CA VAL D 55 -29.66 -0.03 -17.52
C VAL D 55 -28.76 -0.45 -16.37
N VAL D 56 -29.30 -1.23 -15.43
CA VAL D 56 -28.54 -1.75 -14.30
C VAL D 56 -28.83 -3.25 -14.20
N ILE D 57 -27.76 -4.07 -14.05
CA ILE D 57 -27.88 -5.51 -13.90
C ILE D 57 -27.59 -5.79 -12.45
N LEU D 58 -28.52 -6.38 -11.72
CA LEU D 58 -28.37 -6.64 -10.31
C LEU D 58 -28.09 -8.10 -10.03
N GLU D 59 -26.90 -8.40 -9.47
CA GLU D 59 -26.49 -9.77 -9.17
C GLU D 59 -26.32 -9.95 -7.66
N ARG D 60 -26.94 -11.01 -7.11
CA ARG D 60 -26.88 -11.33 -5.69
C ARG D 60 -25.46 -11.66 -5.22
N HIS D 61 -24.76 -12.53 -5.94
CA HIS D 61 -23.41 -12.93 -5.55
C HIS D 61 -22.38 -11.86 -5.84
N LEU D 62 -21.18 -12.01 -5.25
CA LEU D 62 -20.09 -11.05 -5.43
C LEU D 62 -19.62 -10.97 -6.87
N SER D 63 -19.74 -12.07 -7.61
CA SER D 63 -19.35 -12.10 -9.01
C SER D 63 -20.55 -12.50 -9.87
N PHE D 64 -20.57 -12.08 -11.13
CA PHE D 64 -21.65 -12.42 -12.06
C PHE D 64 -21.28 -13.68 -12.86
N GLY D 65 -22.15 -14.08 -13.79
CA GLY D 65 -21.94 -15.24 -14.65
C GLY D 65 -22.94 -16.35 -14.44
N GLY D 66 -23.54 -16.42 -13.26
CA GLY D 66 -24.55 -17.43 -12.95
C GLY D 66 -24.05 -18.85 -13.00
N GLY D 67 -24.76 -19.70 -13.76
CA GLY D 67 -24.45 -21.11 -13.90
C GLY D 67 -23.52 -21.49 -15.05
N THR D 68 -22.85 -20.52 -15.67
CA THR D 68 -21.94 -20.81 -16.77
C THR D 68 -20.60 -21.36 -16.27
N TRP D 69 -19.97 -20.66 -15.31
CA TRP D 69 -18.66 -21.02 -14.76
C TRP D 69 -18.33 -22.51 -14.70
N GLY D 70 -19.20 -23.31 -14.10
CA GLY D 70 -18.99 -24.75 -13.93
C GLY D 70 -19.17 -25.66 -15.14
N GLY D 71 -19.68 -25.12 -16.24
CA GLY D 71 -19.88 -25.90 -17.45
C GLY D 71 -20.91 -27.00 -17.23
N GLY D 72 -20.54 -28.24 -17.55
CA GLY D 72 -21.41 -29.40 -17.37
C GLY D 72 -20.83 -30.39 -16.39
N MET D 73 -21.45 -30.52 -15.20
CA MET D 73 -20.98 -31.43 -14.14
C MET D 73 -19.53 -31.12 -13.72
N GLY D 74 -19.12 -29.85 -13.83
CA GLY D 74 -17.76 -29.45 -13.46
C GLY D 74 -16.81 -29.43 -14.63
N PHE D 75 -17.13 -30.13 -15.75
CA PHE D 75 -16.29 -30.13 -16.96
C PHE D 75 -16.43 -28.70 -17.49
N PRO D 76 -15.34 -27.92 -17.56
CA PRO D 76 -15.48 -26.50 -17.91
C PRO D 76 -15.68 -26.08 -19.37
N TYR D 77 -16.76 -26.58 -19.99
CA TYR D 77 -17.08 -26.22 -21.37
C TYR D 77 -18.59 -26.15 -21.49
N ILE D 78 -19.09 -25.29 -22.38
CA ILE D 78 -20.52 -25.14 -22.60
C ILE D 78 -20.77 -25.14 -24.10
N VAL D 79 -21.95 -25.58 -24.52
CA VAL D 79 -22.29 -25.63 -25.93
C VAL D 79 -23.23 -24.49 -26.33
N VAL D 80 -23.07 -24.01 -27.56
CA VAL D 80 -23.92 -22.96 -28.11
C VAL D 80 -24.22 -23.42 -29.53
N GLU D 81 -25.50 -23.35 -29.93
CA GLU D 81 -25.89 -23.76 -31.27
C GLU D 81 -26.19 -22.54 -32.12
N GLU D 82 -26.04 -22.66 -33.43
CA GLU D 82 -26.31 -21.52 -34.31
C GLU D 82 -27.81 -21.19 -34.29
N PRO D 83 -28.19 -19.90 -34.45
CA PRO D 83 -27.36 -18.71 -34.71
C PRO D 83 -26.88 -17.96 -33.45
N ALA D 84 -27.08 -18.51 -32.25
CA ALA D 84 -26.66 -17.85 -31.02
C ALA D 84 -25.14 -17.71 -30.92
N ASP D 85 -24.39 -18.51 -31.70
CA ASP D 85 -22.92 -18.45 -31.71
C ASP D 85 -22.43 -17.03 -32.04
N GLU D 86 -23.20 -16.29 -32.86
CA GLU D 86 -22.85 -14.93 -33.26
C GLU D 86 -22.87 -13.97 -32.07
N ILE D 87 -23.74 -14.20 -31.09
CA ILE D 87 -23.82 -13.35 -29.91
C ILE D 87 -22.52 -13.49 -29.11
N LEU D 88 -22.01 -14.72 -29.00
CA LEU D 88 -20.75 -14.96 -28.28
C LEU D 88 -19.57 -14.40 -29.06
N ARG D 89 -19.60 -14.51 -30.39
CA ARG D 89 -18.52 -13.99 -31.23
C ARG D 89 -18.44 -12.47 -31.08
N ASP D 90 -19.60 -11.81 -30.94
CA ASP D 90 -19.68 -10.36 -30.78
C ASP D 90 -19.01 -9.92 -29.47
N ALA D 91 -18.93 -10.82 -28.49
CA ALA D 91 -18.29 -10.52 -27.21
C ALA D 91 -16.79 -10.92 -27.22
N GLY D 92 -16.31 -11.41 -28.36
CA GLY D 92 -14.92 -11.83 -28.53
C GLY D 92 -14.60 -13.20 -27.98
N ILE D 93 -15.64 -14.03 -27.74
CA ILE D 93 -15.42 -15.38 -27.20
C ILE D 93 -14.95 -16.32 -28.30
N LYS D 94 -13.90 -17.11 -28.00
CA LYS D 94 -13.36 -18.08 -28.95
C LYS D 94 -14.28 -19.28 -28.97
N LEU D 95 -14.66 -19.75 -30.17
CA LEU D 95 -15.55 -20.90 -30.33
C LEU D 95 -14.88 -21.94 -31.20
N GLU D 96 -15.15 -23.22 -30.91
CA GLU D 96 -14.61 -24.33 -31.67
C GLU D 96 -15.78 -25.14 -32.17
N LYS D 97 -15.71 -25.65 -33.41
CA LYS D 97 -16.81 -26.44 -33.97
C LYS D 97 -16.83 -27.82 -33.35
N VAL D 98 -18.03 -28.31 -33.00
CA VAL D 98 -18.13 -29.65 -32.45
C VAL D 98 -18.09 -30.57 -33.68
N GLU D 99 -17.15 -31.51 -33.69
CA GLU D 99 -17.04 -32.41 -34.83
C GLU D 99 -18.21 -33.39 -34.76
N ASP D 100 -18.81 -33.73 -35.90
CA ASP D 100 -19.95 -34.65 -35.95
C ASP D 100 -21.31 -33.98 -35.71
N VAL D 101 -21.39 -32.77 -35.07
CA VAL D 101 -22.69 -32.10 -34.93
C VAL D 101 -22.62 -30.74 -35.60
N GLU D 102 -23.23 -30.60 -36.79
CA GLU D 102 -23.22 -29.32 -37.49
C GLU D 102 -24.16 -28.36 -36.77
N GLY D 103 -23.68 -27.16 -36.48
CA GLY D 103 -24.47 -26.16 -35.78
C GLY D 103 -24.05 -25.98 -34.34
N TYR D 104 -23.30 -26.96 -33.78
CA TYR D 104 -22.84 -26.91 -32.39
C TYR D 104 -21.45 -26.32 -32.30
N TYR D 105 -21.24 -25.45 -31.30
CA TYR D 105 -19.96 -24.82 -31.03
C TYR D 105 -19.72 -25.00 -29.55
N ILE D 106 -18.45 -25.10 -29.14
CA ILE D 106 -18.10 -25.28 -27.74
C ILE D 106 -17.22 -24.12 -27.30
N ALA D 107 -17.41 -23.66 -26.05
CA ALA D 107 -16.62 -22.54 -25.52
C ALA D 107 -16.17 -22.83 -24.11
N ASP D 108 -15.04 -22.24 -23.71
CA ASP D 108 -14.48 -22.37 -22.37
C ASP D 108 -15.51 -21.72 -21.43
N SER D 109 -16.05 -22.48 -20.46
CA SER D 109 -17.08 -21.99 -19.53
C SER D 109 -16.63 -20.82 -18.63
N VAL D 110 -15.32 -20.58 -18.52
CA VAL D 110 -14.77 -19.48 -17.70
C VAL D 110 -14.62 -18.22 -18.57
N GLU D 111 -14.35 -18.39 -19.87
CA GLU D 111 -14.18 -17.28 -20.81
C GLU D 111 -15.51 -16.59 -21.10
N VAL D 112 -16.59 -17.36 -21.22
CA VAL D 112 -17.92 -16.84 -21.54
C VAL D 112 -18.42 -15.77 -20.55
N PRO D 113 -18.59 -16.09 -19.25
CA PRO D 113 -19.08 -15.06 -18.30
C PRO D 113 -18.23 -13.80 -18.25
N ALA D 114 -16.92 -13.95 -18.24
CA ALA D 114 -15.99 -12.81 -18.20
C ALA D 114 -16.19 -11.87 -19.39
N LYS D 115 -16.24 -12.42 -20.60
CA LYS D 115 -16.41 -11.63 -21.81
C LYS D 115 -17.84 -11.11 -22.00
N LEU D 116 -18.87 -11.85 -21.57
CA LEU D 116 -20.25 -11.37 -21.70
C LEU D 116 -20.46 -10.17 -20.78
N GLY D 117 -19.88 -10.23 -19.58
CA GLY D 117 -19.98 -9.14 -18.61
C GLY D 117 -19.22 -7.92 -19.08
N ALA D 118 -18.01 -8.13 -19.63
CA ALA D 118 -17.19 -7.03 -20.15
C ALA D 118 -17.90 -6.37 -21.34
N SER D 119 -18.57 -7.16 -22.17
CA SER D 119 -19.30 -6.65 -23.34
C SER D 119 -20.51 -5.80 -22.90
N ALA D 120 -21.22 -6.24 -21.85
CA ALA D 120 -22.37 -5.50 -21.35
C ALA D 120 -21.92 -4.17 -20.77
N ILE D 121 -20.78 -4.16 -20.06
CA ILE D 121 -20.22 -2.94 -19.47
C ILE D 121 -19.79 -1.99 -20.58
N ASP D 122 -19.16 -2.52 -21.64
CA ASP D 122 -18.71 -1.69 -22.76
C ASP D 122 -19.88 -1.12 -23.53
N ALA D 123 -21.04 -1.80 -23.52
CA ALA D 123 -22.24 -1.32 -24.21
C ALA D 123 -22.89 -0.18 -23.41
N GLY D 124 -22.48 -0.01 -22.16
CA GLY D 124 -22.99 1.05 -21.29
C GLY D 124 -23.82 0.56 -20.11
N ALA D 125 -23.95 -0.75 -19.93
CA ALA D 125 -24.75 -1.27 -18.82
C ALA D 125 -23.97 -1.24 -17.52
N LYS D 126 -24.65 -0.96 -16.41
CA LYS D 126 -24.00 -0.93 -15.11
C LYS D 126 -24.27 -2.28 -14.44
N ILE D 127 -23.22 -2.97 -13.95
CA ILE D 127 -23.42 -4.25 -13.27
C ILE D 127 -23.11 -4.04 -11.81
N LEU D 128 -24.07 -4.33 -10.92
CA LEU D 128 -23.87 -4.21 -9.49
C LEU D 128 -23.95 -5.60 -8.90
N THR D 129 -22.87 -6.07 -8.26
CA THR D 129 -22.86 -7.39 -7.63
C THR D 129 -23.06 -7.24 -6.14
N SER D 130 -23.30 -8.35 -5.43
CA SER D 130 -23.51 -8.33 -3.99
C SER D 130 -24.80 -7.55 -3.63
N VAL D 131 -25.77 -7.51 -4.56
CA VAL D 131 -27.04 -6.79 -4.38
C VAL D 131 -28.17 -7.75 -4.68
N ALA D 132 -28.99 -8.06 -3.66
CA ALA D 132 -30.11 -8.97 -3.81
C ALA D 132 -31.43 -8.23 -3.99
N VAL D 133 -32.23 -8.62 -4.97
CA VAL D 133 -33.54 -8.01 -5.19
C VAL D 133 -34.47 -8.84 -4.34
N GLU D 134 -35.05 -8.24 -3.30
CA GLU D 134 -35.94 -8.97 -2.38
C GLU D 134 -37.42 -8.73 -2.63
N ASP D 135 -37.77 -7.72 -3.41
CA ASP D 135 -39.16 -7.43 -3.67
C ASP D 135 -39.28 -6.48 -4.86
N LEU D 136 -40.50 -6.12 -5.24
CA LEU D 136 -40.75 -5.22 -6.35
C LEU D 136 -41.49 -4.00 -5.90
N ILE D 137 -41.42 -2.93 -6.70
CA ILE D 137 -42.14 -1.71 -6.44
C ILE D 137 -43.39 -1.83 -7.30
N LEU D 138 -44.57 -1.63 -6.72
CA LEU D 138 -45.79 -1.75 -7.49
C LEU D 138 -46.50 -0.43 -7.65
N ARG D 139 -47.33 -0.37 -8.67
CA ARG D 139 -48.19 0.76 -8.98
C ARG D 139 -49.48 0.12 -9.43
N GLU D 140 -50.49 0.92 -9.75
CA GLU D 140 -51.75 0.34 -10.19
C GLU D 140 -51.54 -0.48 -11.47
N ASP D 141 -51.80 -1.80 -11.39
CA ASP D 141 -51.68 -2.73 -12.52
C ASP D 141 -50.30 -2.78 -13.18
N LYS D 142 -49.21 -2.56 -12.43
CA LYS D 142 -47.87 -2.63 -13.02
C LYS D 142 -46.74 -2.67 -12.00
N VAL D 143 -45.57 -3.15 -12.45
CA VAL D 143 -44.34 -3.22 -11.65
C VAL D 143 -43.61 -1.92 -12.03
N ALA D 144 -43.06 -1.19 -11.05
CA ALA D 144 -42.39 0.08 -11.33
C ALA D 144 -40.96 0.18 -10.77
N GLY D 145 -40.36 -0.96 -10.45
CA GLY D 145 -39.00 -0.98 -9.91
C GLY D 145 -38.73 -2.19 -9.04
N VAL D 146 -37.56 -2.18 -8.38
CA VAL D 146 -37.12 -3.28 -7.53
C VAL D 146 -36.71 -2.79 -6.13
N VAL D 147 -36.79 -3.68 -5.15
CA VAL D 147 -36.41 -3.40 -3.78
C VAL D 147 -35.12 -4.17 -3.58
N VAL D 148 -34.02 -3.45 -3.32
CA VAL D 148 -32.72 -4.08 -3.18
C VAL D 148 -32.18 -4.10 -1.76
N GLN D 149 -31.42 -5.15 -1.46
CA GLN D 149 -30.79 -5.31 -0.15
C GLN D 149 -29.38 -5.82 -0.39
N GLY D 150 -28.47 -5.50 0.51
CA GLY D 150 -27.11 -5.98 0.40
C GLY D 150 -27.09 -7.48 0.64
N TYR D 151 -26.36 -8.22 -0.20
CA TYR D 151 -26.29 -9.67 -0.08
C TYR D 151 -25.73 -10.11 1.28
N ALA D 152 -24.70 -9.40 1.80
CA ALA D 152 -24.12 -9.73 3.09
C ALA D 152 -25.15 -9.53 4.21
N ILE D 153 -25.95 -8.46 4.15
CA ILE D 153 -26.98 -8.17 5.14
C ILE D 153 -28.02 -9.29 5.11
N GLU D 154 -28.41 -9.69 3.89
CA GLU D 154 -29.39 -10.75 3.69
C GLU D 154 -28.83 -12.07 4.23
N LYS D 155 -27.60 -12.41 3.85
CA LYS D 155 -26.95 -13.64 4.29
C LYS D 155 -26.73 -13.68 5.80
N ALA D 156 -26.35 -12.55 6.39
CA ALA D 156 -26.12 -12.44 7.84
C ALA D 156 -27.42 -12.48 8.65
N GLY D 157 -28.56 -12.39 7.97
CA GLY D 157 -29.87 -12.43 8.62
C GLY D 157 -30.20 -11.18 9.44
N LEU D 158 -29.51 -10.06 9.15
CA LEU D 158 -29.75 -8.82 9.88
C LEU D 158 -31.10 -8.23 9.50
N HIS D 159 -31.81 -7.68 10.50
CA HIS D 159 -33.10 -7.05 10.24
C HIS D 159 -32.82 -5.61 9.85
N VAL D 160 -32.72 -5.35 8.54
CA VAL D 160 -32.42 -4.02 8.02
C VAL D 160 -33.34 -3.71 6.86
N ASP D 161 -33.79 -2.45 6.75
CA ASP D 161 -34.68 -2.05 5.67
C ASP D 161 -33.89 -1.98 4.37
N PRO D 162 -34.54 -2.19 3.24
CA PRO D 162 -33.82 -2.11 1.96
C PRO D 162 -33.93 -0.72 1.37
N ILE D 163 -33.39 -0.53 0.17
CA ILE D 163 -33.51 0.73 -0.55
C ILE D 163 -34.17 0.36 -1.87
N THR D 164 -34.43 1.32 -2.73
CA THR D 164 -35.14 1.03 -3.97
C THR D 164 -34.51 1.57 -5.23
N ILE D 165 -34.93 1.01 -6.36
CA ILE D 165 -34.48 1.43 -7.68
C ILE D 165 -35.72 1.52 -8.55
N ASN D 166 -36.07 2.74 -9.00
CA ASN D 166 -37.24 2.92 -9.85
C ASN D 166 -36.85 2.56 -11.26
N ALA D 167 -37.72 1.84 -11.96
CA ALA D 167 -37.44 1.42 -13.32
C ALA D 167 -38.72 1.39 -14.12
N LYS D 168 -38.61 1.64 -15.42
CA LYS D 168 -39.79 1.59 -16.29
C LYS D 168 -40.13 0.12 -16.52
N TYR D 169 -39.08 -0.74 -16.63
CA TYR D 169 -39.24 -2.19 -16.83
C TYR D 169 -38.26 -2.96 -15.98
N VAL D 170 -38.69 -4.13 -15.50
CA VAL D 170 -37.86 -5.01 -14.69
C VAL D 170 -37.76 -6.33 -15.45
N ILE D 171 -36.58 -6.95 -15.44
CA ILE D 171 -36.41 -8.24 -16.11
C ILE D 171 -36.06 -9.27 -15.09
N ASP D 172 -36.80 -10.38 -15.04
CA ASP D 172 -36.50 -11.48 -14.14
C ASP D 172 -35.63 -12.45 -14.96
N ALA D 173 -34.32 -12.40 -14.73
CA ALA D 173 -33.34 -13.25 -15.41
C ALA D 173 -32.58 -14.02 -14.33
N THR D 174 -33.31 -14.47 -13.29
CA THR D 174 -32.71 -15.15 -12.15
C THR D 174 -32.54 -16.66 -12.28
N GLY D 175 -32.81 -17.20 -13.46
CA GLY D 175 -32.67 -18.64 -13.70
C GLY D 175 -33.90 -19.45 -13.38
N HIS D 176 -33.73 -20.78 -13.23
CA HIS D 176 -34.85 -21.69 -12.95
C HIS D 176 -35.64 -21.36 -11.68
N ASP D 177 -35.07 -20.56 -10.76
CA ASP D 177 -35.76 -20.19 -9.54
C ASP D 177 -36.81 -19.10 -9.80
N ALA D 178 -36.66 -18.29 -10.88
CA ALA D 178 -37.61 -17.22 -11.20
C ALA D 178 -38.01 -16.54 -9.89
N SER D 179 -37.01 -16.16 -9.10
CA SER D 179 -37.20 -15.56 -7.77
C SER D 179 -38.01 -14.26 -7.77
N VAL D 180 -37.83 -13.39 -8.77
CA VAL D 180 -38.57 -12.12 -8.82
C VAL D 180 -40.06 -12.37 -9.05
N THR D 181 -40.40 -13.19 -10.05
CA THR D 181 -41.80 -13.49 -10.35
C THR D 181 -42.42 -14.29 -9.21
N THR D 182 -41.66 -15.21 -8.63
CA THR D 182 -42.17 -16.03 -7.51
C THR D 182 -42.49 -15.12 -6.31
N THR D 183 -41.64 -14.12 -6.02
CA THR D 183 -41.89 -13.20 -4.91
C THR D 183 -43.14 -12.37 -5.20
N LEU D 184 -43.27 -11.88 -6.44
CA LEU D 184 -44.44 -11.09 -6.82
C LEU D 184 -45.70 -11.92 -6.60
N ALA D 185 -45.69 -13.18 -7.04
CA ALA D 185 -46.84 -14.08 -6.91
C ALA D 185 -47.14 -14.47 -5.47
N ARG D 186 -46.11 -14.71 -4.66
CA ARG D 186 -46.28 -15.12 -3.27
C ARG D 186 -46.81 -13.99 -2.37
N LYS D 187 -46.30 -12.76 -2.53
CA LYS D 187 -46.70 -11.62 -1.73
C LYS D 187 -47.98 -10.92 -2.21
N ASN D 188 -48.37 -11.13 -3.47
CA ASN D 188 -49.55 -10.50 -4.03
C ASN D 188 -50.47 -11.57 -4.63
N LYS D 189 -51.14 -12.33 -3.77
CA LYS D 189 -52.05 -13.42 -4.16
C LYS D 189 -53.20 -12.93 -5.04
N ASP D 190 -53.64 -11.68 -4.84
CA ASP D 190 -54.72 -11.07 -5.60
C ASP D 190 -54.43 -10.98 -7.11
N LEU D 191 -53.14 -11.01 -7.51
CA LEU D 191 -52.77 -10.91 -8.93
C LEU D 191 -53.00 -12.21 -9.72
N GLY D 192 -53.17 -13.34 -9.03
CA GLY D 192 -53.41 -14.61 -9.68
C GLY D 192 -52.24 -15.16 -10.49
N ILE D 193 -51.01 -14.78 -10.13
CA ILE D 193 -49.82 -15.27 -10.85
C ILE D 193 -49.42 -16.62 -10.26
N GLU D 194 -49.03 -17.56 -11.13
CA GLU D 194 -48.59 -18.90 -10.73
C GLU D 194 -47.23 -19.18 -11.35
N VAL D 195 -46.30 -19.74 -10.56
CA VAL D 195 -44.97 -20.09 -11.07
C VAL D 195 -44.86 -21.61 -10.88
N PRO D 196 -45.23 -22.40 -11.91
CA PRO D 196 -45.20 -23.86 -11.75
C PRO D 196 -43.80 -24.47 -11.64
N GLY D 197 -42.82 -23.83 -12.23
CA GLY D 197 -41.45 -24.31 -12.23
C GLY D 197 -41.18 -25.11 -13.49
N GLU D 198 -39.91 -25.34 -13.79
CA GLU D 198 -39.50 -26.08 -14.98
C GLU D 198 -39.95 -27.54 -14.94
N LYS D 199 -40.04 -28.14 -16.13
CA LYS D 199 -40.43 -29.54 -16.26
C LYS D 199 -39.12 -30.34 -16.28
N SER D 200 -39.18 -31.63 -16.61
CA SER D 200 -37.95 -32.43 -16.66
C SER D 200 -37.13 -32.06 -17.90
N MET D 201 -35.99 -32.73 -18.10
CA MET D 201 -35.15 -32.43 -19.25
C MET D 201 -35.59 -32.99 -20.61
N TRP D 202 -35.60 -32.11 -21.61
CA TRP D 202 -35.93 -32.38 -23.01
C TRP D 202 -35.37 -31.19 -23.79
N ALA D 203 -34.06 -31.25 -24.09
CA ALA D 203 -33.36 -30.15 -24.76
C ALA D 203 -34.04 -29.62 -26.00
N ASP D 204 -34.48 -30.50 -26.89
CA ASP D 204 -35.13 -30.08 -28.13
C ASP D 204 -36.35 -29.19 -27.86
N LYS D 205 -37.26 -29.65 -27.00
CA LYS D 205 -38.47 -28.89 -26.68
C LYS D 205 -38.19 -27.70 -25.74
N GLY D 206 -37.28 -27.87 -24.79
CA GLY D 206 -36.92 -26.82 -23.85
C GLY D 206 -36.30 -25.60 -24.53
N GLU D 207 -35.36 -25.83 -25.45
CA GLU D 207 -34.70 -24.74 -26.18
C GLU D 207 -35.66 -24.03 -27.12
N ASN D 208 -36.59 -24.77 -27.72
CA ASN D 208 -37.53 -24.18 -28.67
C ASN D 208 -38.80 -23.55 -28.06
N SER D 209 -38.86 -23.42 -26.74
CA SER D 209 -40.01 -22.76 -26.10
C SER D 209 -39.54 -21.49 -25.39
N LEU D 210 -38.22 -21.33 -25.18
CA LEU D 210 -37.65 -20.16 -24.49
C LEU D 210 -38.04 -18.83 -25.09
N LEU D 211 -37.97 -18.70 -26.43
CA LEU D 211 -38.32 -17.44 -27.08
C LEU D 211 -39.79 -17.13 -26.95
N ARG D 212 -40.62 -18.13 -27.14
CA ARG D 212 -42.07 -17.99 -27.02
C ARG D 212 -42.42 -17.59 -25.57
N ASN D 213 -41.70 -18.15 -24.59
CA ASN D 213 -41.91 -17.87 -23.15
C ASN D 213 -41.23 -16.58 -22.66
N THR D 214 -40.41 -15.95 -23.49
CA THR D 214 -39.76 -14.69 -23.11
C THR D 214 -40.82 -13.63 -23.39
N ARG D 215 -41.44 -13.12 -22.33
CA ARG D 215 -42.52 -12.15 -22.50
C ARG D 215 -42.77 -11.42 -21.20
N GLU D 216 -43.73 -10.50 -21.25
CA GLU D 216 -44.16 -9.71 -20.12
C GLU D 216 -45.15 -10.56 -19.30
N VAL D 217 -44.78 -11.01 -18.08
CA VAL D 217 -45.66 -11.85 -17.25
C VAL D 217 -46.67 -11.02 -16.43
N TYR D 218 -46.35 -9.75 -16.22
CA TYR D 218 -47.18 -8.78 -15.51
C TYR D 218 -46.73 -7.44 -16.05
N PRO D 219 -47.61 -6.43 -16.22
CA PRO D 219 -47.14 -5.16 -16.79
C PRO D 219 -45.91 -4.60 -16.08
N GLY D 220 -44.86 -4.35 -16.85
CA GLY D 220 -43.61 -3.82 -16.33
C GLY D 220 -42.61 -4.89 -15.96
N LEU D 221 -43.02 -6.15 -15.94
CA LEU D 221 -42.12 -7.25 -15.57
C LEU D 221 -41.98 -8.26 -16.70
N PHE D 222 -40.77 -8.40 -17.22
CA PHE D 222 -40.45 -9.33 -18.29
C PHE D 222 -39.71 -10.50 -17.68
N VAL D 223 -39.78 -11.64 -18.35
CA VAL D 223 -39.09 -12.84 -17.90
C VAL D 223 -38.23 -13.31 -19.07
N CYS D 224 -37.00 -13.74 -18.81
CA CYS D 224 -36.14 -14.23 -19.88
C CYS D 224 -35.19 -15.29 -19.33
N GLY D 225 -34.52 -16.01 -20.22
CA GLY D 225 -33.62 -17.08 -19.81
C GLY D 225 -34.39 -18.26 -19.26
N MET D 226 -33.74 -19.06 -18.40
CA MET D 226 -34.42 -20.22 -17.82
C MET D 226 -35.64 -19.83 -16.97
N ALA D 227 -35.69 -18.59 -16.42
CA ALA D 227 -36.85 -18.12 -15.63
C ALA D 227 -38.10 -18.15 -16.51
N ALA D 228 -37.94 -17.93 -17.83
CA ALA D 228 -39.05 -17.93 -18.78
C ALA D 228 -39.69 -19.32 -18.84
N ASN D 229 -38.86 -20.38 -18.84
CA ASN D 229 -39.36 -21.75 -18.88
C ASN D 229 -39.91 -22.15 -17.51
N ALA D 230 -39.37 -21.60 -16.41
CA ALA D 230 -39.86 -21.93 -15.07
C ALA D 230 -41.26 -21.33 -14.85
N VAL D 231 -41.48 -20.10 -15.31
CA VAL D 231 -42.76 -19.42 -15.16
C VAL D 231 -43.83 -20.04 -16.06
N HIS D 232 -43.44 -20.63 -17.21
CA HIS D 232 -44.37 -21.24 -18.16
C HIS D 232 -44.29 -22.75 -18.24
N ALA D 233 -43.68 -23.40 -17.25
CA ALA D 233 -43.56 -24.86 -17.22
C ALA D 233 -42.99 -25.45 -18.51
N GLY D 234 -41.82 -25.00 -18.90
CA GLY D 234 -41.12 -25.50 -20.08
C GLY D 234 -40.09 -26.51 -19.65
N TYR D 235 -39.57 -27.31 -20.60
CA TYR D 235 -38.57 -28.32 -20.28
C TYR D 235 -37.18 -27.71 -20.08
N ARG D 236 -36.26 -28.48 -19.46
CA ARG D 236 -34.89 -28.05 -19.24
C ARG D 236 -34.09 -28.47 -20.47
N MET D 237 -32.89 -27.92 -20.66
CA MET D 237 -32.07 -28.29 -21.81
C MET D 237 -30.62 -28.63 -21.48
N GLY D 238 -30.21 -28.44 -20.24
CA GLY D 238 -28.84 -28.74 -19.85
C GLY D 238 -27.85 -27.66 -20.20
N ALA D 239 -26.60 -28.07 -20.46
CA ALA D 239 -25.48 -27.16 -20.74
C ALA D 239 -25.40 -26.60 -22.18
N ILE D 240 -26.55 -26.38 -22.83
CA ILE D 240 -26.59 -25.79 -24.17
C ILE D 240 -27.19 -24.40 -23.90
N PHE D 241 -26.49 -23.32 -24.31
CA PHE D 241 -26.93 -21.97 -24.00
C PHE D 241 -27.45 -21.08 -25.13
N GLY D 242 -27.61 -21.59 -26.34
CA GLY D 242 -28.11 -20.76 -27.44
C GLY D 242 -29.40 -20.03 -27.12
N GLY D 243 -30.36 -20.74 -26.56
CA GLY D 243 -31.65 -20.19 -26.20
C GLY D 243 -31.55 -19.12 -25.13
N MET D 244 -30.59 -19.26 -24.19
CA MET D 244 -30.40 -18.27 -23.11
C MET D 244 -30.00 -16.93 -23.72
N TYR D 245 -29.05 -16.95 -24.67
CA TYR D 245 -28.57 -15.72 -25.31
C TYR D 245 -29.65 -15.11 -26.19
N LEU D 246 -30.31 -15.92 -27.03
CA LEU D 246 -31.36 -15.41 -27.90
C LEU D 246 -32.55 -14.89 -27.10
N SER D 247 -32.84 -15.52 -25.94
CA SER D 247 -33.93 -15.10 -25.05
C SER D 247 -33.63 -13.70 -24.48
N GLY D 248 -32.39 -13.49 -24.05
CA GLY D 248 -31.97 -12.20 -23.50
C GLY D 248 -32.03 -11.10 -24.55
N LYS D 249 -31.58 -11.40 -25.78
CA LYS D 249 -31.61 -10.43 -26.87
C LYS D 249 -33.06 -10.12 -27.26
N LYS D 250 -33.94 -11.13 -27.29
CA LYS D 250 -35.35 -10.91 -27.63
C LYS D 250 -35.98 -10.02 -26.56
N CYS D 251 -35.67 -10.28 -25.29
CA CYS D 251 -36.19 -9.49 -24.18
C CYS D 251 -35.84 -8.01 -24.36
N ALA D 252 -34.58 -7.73 -24.74
CA ALA D 252 -34.12 -6.36 -24.97
C ALA D 252 -34.92 -5.72 -26.12
N GLU D 253 -35.08 -6.46 -27.23
CA GLU D 253 -35.82 -5.98 -28.41
C GLU D 253 -37.28 -5.69 -28.07
N MET D 254 -37.92 -6.53 -27.23
CA MET D 254 -39.31 -6.33 -26.84
C MET D 254 -39.46 -5.07 -25.99
N ILE D 255 -38.52 -4.82 -25.06
CA ILE D 255 -38.56 -3.63 -24.20
C ILE D 255 -38.26 -2.39 -25.01
N LEU D 256 -37.33 -2.47 -25.98
CA LEU D 256 -37.00 -1.32 -26.82
C LEU D 256 -38.21 -0.88 -27.60
N GLU D 257 -39.03 -1.84 -28.02
CA GLU D 257 -40.24 -1.56 -28.77
C GLU D 257 -41.23 -0.81 -27.89
N LYS D 258 -41.37 -1.26 -26.64
CA LYS D 258 -42.30 -0.62 -25.71
C LYS D 258 -41.89 0.79 -25.36
N LEU D 259 -40.58 1.04 -25.24
CA LEU D 259 -40.07 2.37 -24.90
C LEU D 259 -39.98 3.32 -26.11
N ASN D 260 -40.06 2.82 -27.33
CA ASN D 260 -39.99 3.67 -28.52
C ASN D 260 -41.33 3.60 -29.23
N LYS D 261 -42.42 3.80 -28.49
CA LYS D 261 -43.77 3.73 -29.07
C LYS D 261 -44.70 4.81 -28.54
N MET E 1 30.86 12.85 -46.44
CA MET E 1 30.49 14.18 -45.97
C MET E 1 31.64 14.80 -45.18
N ASP E 2 32.20 15.91 -45.69
CA ASP E 2 33.30 16.60 -45.00
C ASP E 2 32.74 17.15 -43.70
N TYR E 3 33.50 17.06 -42.60
CA TYR E 3 33.01 17.55 -41.31
C TYR E 3 33.83 18.71 -40.79
N LYS E 4 33.22 19.89 -40.60
CA LYS E 4 33.91 21.03 -40.03
C LYS E 4 33.57 20.97 -38.54
N LEU E 5 34.53 20.55 -37.70
CA LEU E 5 34.28 20.41 -36.27
C LEU E 5 34.64 21.60 -35.40
N LYS E 6 33.77 21.89 -34.43
CA LYS E 6 33.95 22.98 -33.48
C LYS E 6 34.83 22.46 -32.35
N ALA E 7 36.01 23.04 -32.16
CA ALA E 7 36.89 22.59 -31.10
C ALA E 7 37.77 23.74 -30.62
N ASP E 8 38.08 23.75 -29.32
CA ASP E 8 38.93 24.75 -28.70
C ASP E 8 39.49 24.15 -27.43
N GLU E 9 40.31 24.90 -26.70
CA GLU E 9 40.89 24.41 -25.46
C GLU E 9 40.13 24.92 -24.25
N TYR E 10 39.86 26.22 -24.20
CA TYR E 10 39.19 26.86 -23.07
C TYR E 10 37.83 26.27 -22.68
N ASN E 11 36.90 26.18 -23.62
CA ASN E 11 35.57 25.66 -23.31
C ASN E 11 35.54 24.17 -23.01
N VAL E 12 36.52 23.41 -23.52
CA VAL E 12 36.57 21.99 -23.24
C VAL E 12 36.99 21.83 -21.77
N THR E 13 38.06 22.54 -21.36
CA THR E 13 38.56 22.51 -19.99
C THR E 13 37.50 23.00 -19.01
N LYS E 14 36.83 24.11 -19.35
CA LYS E 14 35.80 24.70 -18.48
C LYS E 14 34.64 23.74 -18.27
N ALA E 15 34.18 23.09 -19.35
CA ALA E 15 33.08 22.13 -19.29
C ALA E 15 33.42 20.94 -18.41
N ILE E 16 34.64 20.42 -18.54
CA ILE E 16 35.10 19.27 -17.75
C ILE E 16 35.19 19.64 -16.26
N LEU E 17 35.78 20.80 -15.95
CA LEU E 17 35.92 21.25 -14.57
C LEU E 17 34.57 21.50 -13.93
N SER E 18 33.63 22.12 -14.67
CA SER E 18 32.30 22.40 -14.13
C SER E 18 31.55 21.12 -13.82
N SER E 19 31.56 20.16 -14.74
CA SER E 19 30.86 18.89 -14.53
C SER E 19 31.47 18.12 -13.37
N ALA E 20 32.81 18.06 -13.29
CA ALA E 20 33.52 17.35 -12.23
C ALA E 20 33.24 17.97 -10.87
N PHE E 21 33.15 19.29 -10.83
CA PHE E 21 32.86 20.05 -9.62
C PHE E 21 31.45 19.75 -9.13
N LYS E 22 30.48 19.86 -10.03
CA LYS E 22 29.08 19.58 -9.69
C LYS E 22 28.95 18.15 -9.20
N MET E 23 29.70 17.22 -9.82
CA MET E 23 29.70 15.81 -9.46
C MET E 23 30.23 15.62 -8.03
N TRP E 24 31.42 16.17 -7.73
CA TRP E 24 32.03 16.04 -6.41
C TRP E 24 31.14 16.62 -5.31
N MET E 25 30.45 17.73 -5.56
CA MET E 25 29.57 18.34 -4.56
C MET E 25 28.40 17.44 -4.22
N ASP E 26 27.97 16.61 -5.17
CA ASP E 26 26.87 15.68 -5.00
C ASP E 26 27.28 14.35 -4.38
N VAL E 27 28.45 13.83 -4.74
CA VAL E 27 28.91 12.53 -4.25
C VAL E 27 29.44 12.51 -2.80
N ILE E 28 29.75 13.66 -2.18
CA ILE E 28 30.31 13.67 -0.81
C ILE E 28 29.34 13.22 0.29
N GLU E 29 28.06 13.00 -0.04
CA GLU E 29 27.05 12.44 0.88
C GLU E 29 26.25 11.46 0.05
N VAL E 30 26.28 10.17 0.39
CA VAL E 30 25.55 9.14 -0.35
C VAL E 30 24.81 8.24 0.63
N ASP E 31 23.97 7.35 0.11
CA ASP E 31 23.27 6.42 0.98
C ASP E 31 24.23 5.27 1.23
N VAL E 32 24.85 4.75 0.14
CA VAL E 32 25.80 3.64 0.22
C VAL E 32 27.07 3.95 -0.57
N ALA E 33 28.23 3.65 0.03
CA ALA E 33 29.53 3.83 -0.62
C ALA E 33 30.07 2.41 -0.79
N ILE E 34 30.21 1.95 -2.03
CA ILE E 34 30.72 0.61 -2.30
C ILE E 34 32.20 0.72 -2.63
N VAL E 35 33.06 0.01 -1.90
CA VAL E 35 34.49 0.05 -2.14
C VAL E 35 34.89 -1.19 -2.94
N GLY E 36 35.33 -0.97 -4.18
CA GLY E 36 35.74 -2.03 -5.08
C GLY E 36 34.78 -2.10 -6.26
N GLY E 37 35.32 -1.98 -7.46
CA GLY E 37 34.53 -2.05 -8.68
C GLY E 37 34.63 -3.40 -9.36
N GLY E 38 34.67 -4.46 -8.57
CA GLY E 38 34.74 -5.82 -9.09
C GLY E 38 33.36 -6.40 -9.30
N PRO E 39 33.27 -7.69 -9.65
CA PRO E 39 31.95 -8.30 -9.92
C PRO E 39 30.89 -8.12 -8.82
N SER E 40 31.26 -8.36 -7.54
CA SER E 40 30.29 -8.23 -6.44
C SER E 40 29.93 -6.75 -6.17
N GLY E 41 30.91 -5.86 -6.23
CA GLY E 41 30.68 -4.44 -6.00
C GLY E 41 29.81 -3.81 -7.06
N LEU E 42 30.04 -4.18 -8.34
CA LEU E 42 29.23 -3.65 -9.45
C LEU E 42 27.79 -4.19 -9.37
N THR E 43 27.62 -5.42 -8.88
CA THR E 43 26.29 -6.02 -8.74
C THR E 43 25.55 -5.35 -7.60
N ALA E 44 26.20 -5.20 -6.43
CA ALA E 44 25.56 -4.55 -5.28
C ALA E 44 25.13 -3.13 -5.62
N GLY E 45 25.97 -2.41 -6.33
CA GLY E 45 25.67 -1.04 -6.75
C GLY E 45 24.48 -0.94 -7.67
N LYS E 46 24.37 -1.88 -8.62
CA LYS E 46 23.25 -1.90 -9.56
C LYS E 46 21.92 -2.14 -8.84
N TYR E 47 21.87 -3.17 -7.99
CA TYR E 47 20.64 -3.50 -7.27
C TYR E 47 20.25 -2.47 -6.22
N LEU E 48 21.21 -1.68 -5.70
CA LEU E 48 20.88 -0.63 -4.72
C LEU E 48 20.33 0.59 -5.49
N ALA E 49 21.04 1.02 -6.56
CA ALA E 49 20.65 2.18 -7.37
C ALA E 49 19.30 1.92 -8.07
N LYS E 50 19.07 0.67 -8.48
CA LYS E 50 17.83 0.22 -9.13
C LYS E 50 16.61 0.60 -8.28
N GLU E 51 16.78 0.63 -6.95
CA GLU E 51 15.71 0.96 -6.01
C GLU E 51 15.65 2.43 -5.60
N GLY E 52 16.37 3.31 -6.30
CA GLY E 52 16.35 4.74 -6.01
C GLY E 52 17.34 5.27 -5.00
N LEU E 53 18.25 4.42 -4.50
CA LEU E 53 19.23 4.90 -3.53
C LEU E 53 20.37 5.66 -4.22
N LYS E 54 21.00 6.59 -3.49
CA LYS E 54 22.13 7.38 -3.97
C LYS E 54 23.35 6.53 -3.64
N VAL E 55 23.99 5.96 -4.68
CA VAL E 55 25.11 5.05 -4.51
C VAL E 55 26.35 5.46 -5.30
N VAL E 56 27.54 5.21 -4.72
CA VAL E 56 28.81 5.48 -5.39
C VAL E 56 29.69 4.24 -5.26
N ILE E 57 30.31 3.83 -6.37
CA ILE E 57 31.22 2.68 -6.39
C ILE E 57 32.60 3.28 -6.54
N LEU E 58 33.48 3.03 -5.59
CA LEU E 58 34.83 3.60 -5.62
C LEU E 58 35.85 2.54 -5.98
N GLU E 59 36.55 2.75 -7.10
CA GLU E 59 37.56 1.82 -7.60
C GLU E 59 38.94 2.48 -7.62
N ARG E 60 39.94 1.79 -7.07
CA ARG E 60 41.32 2.28 -7.00
C ARG E 60 41.95 2.46 -8.37
N HIS E 61 41.84 1.46 -9.24
CA HIS E 61 42.45 1.53 -10.57
C HIS E 61 41.68 2.43 -11.51
N LEU E 62 42.31 2.81 -12.63
CA LEU E 62 41.70 3.69 -13.63
C LEU E 62 40.46 3.08 -14.25
N SER E 63 40.42 1.76 -14.34
CA SER E 63 39.28 1.06 -14.90
C SER E 63 38.73 0.09 -13.85
N PHE E 64 37.43 -0.20 -13.93
CA PHE E 64 36.80 -1.15 -13.01
C PHE E 64 36.81 -2.56 -13.60
N GLY E 65 36.22 -3.52 -12.90
CA GLY E 65 36.16 -4.91 -13.34
C GLY E 65 36.87 -5.88 -12.43
N GLY E 66 37.86 -5.39 -11.71
CA GLY E 66 38.63 -6.23 -10.78
C GLY E 66 39.39 -7.37 -11.44
N GLY E 67 39.19 -8.58 -10.93
CA GLY E 67 39.87 -9.77 -11.43
C GLY E 67 39.14 -10.56 -12.51
N THR E 68 38.11 -9.96 -13.15
CA THR E 68 37.38 -10.64 -14.21
C THR E 68 38.15 -10.62 -15.53
N TRP E 69 38.64 -9.44 -15.95
CA TRP E 69 39.35 -9.23 -17.23
C TRP E 69 40.24 -10.40 -17.71
N GLY E 70 41.13 -10.89 -16.86
CA GLY E 70 42.05 -11.95 -17.21
C GLY E 70 41.51 -13.37 -17.28
N GLY E 71 40.28 -13.59 -16.85
CA GLY E 71 39.68 -14.92 -16.86
C GLY E 71 40.41 -15.86 -15.93
N GLY E 72 40.83 -17.01 -16.45
CA GLY E 72 41.58 -17.99 -15.67
C GLY E 72 42.97 -18.18 -16.23
N MET E 73 44.00 -17.73 -15.50
CA MET E 73 45.41 -17.84 -15.91
C MET E 73 45.67 -17.16 -17.27
N GLY E 74 44.91 -16.13 -17.58
CA GLY E 74 45.06 -15.42 -18.84
C GLY E 74 44.10 -15.89 -19.93
N PHE E 75 43.53 -17.12 -19.79
CA PHE E 75 42.56 -17.65 -20.76
C PHE E 75 41.33 -16.76 -20.55
N PRO E 76 40.90 -15.99 -21.57
CA PRO E 76 39.83 -14.99 -21.33
C PRO E 76 38.38 -15.45 -21.25
N TYR E 77 38.07 -16.36 -20.32
CA TYR E 77 36.71 -16.84 -20.13
C TYR E 77 36.49 -17.07 -18.64
N ILE E 78 35.25 -16.90 -18.17
CA ILE E 78 34.93 -17.12 -16.76
C ILE E 78 33.65 -17.93 -16.70
N VAL E 79 33.47 -18.71 -15.63
CA VAL E 79 32.30 -19.56 -15.48
C VAL E 79 31.33 -18.97 -14.48
N VAL E 80 30.03 -19.19 -14.74
CA VAL E 80 28.97 -18.74 -13.84
C VAL E 80 28.02 -19.93 -13.77
N GLU E 81 27.58 -20.28 -12.57
CA GLU E 81 26.66 -21.41 -12.41
C GLU E 81 25.28 -20.88 -12.08
N GLU E 82 24.23 -21.64 -12.43
CA GLU E 82 22.88 -21.19 -12.15
C GLU E 82 22.64 -21.12 -10.64
N PRO E 83 21.80 -20.19 -10.15
CA PRO E 83 21.01 -19.20 -10.89
C PRO E 83 21.71 -17.85 -11.14
N ALA E 84 23.00 -17.71 -10.77
CA ALA E 84 23.74 -16.46 -10.97
C ALA E 84 23.84 -16.03 -12.43
N ASP E 85 23.69 -16.98 -13.37
CA ASP E 85 23.76 -16.67 -14.81
C ASP E 85 22.72 -15.61 -15.19
N GLU E 86 21.54 -15.60 -14.51
CA GLU E 86 20.48 -14.64 -14.78
C GLU E 86 20.92 -13.21 -14.53
N ILE E 87 21.79 -13.00 -13.55
CA ILE E 87 22.30 -11.66 -13.24
C ILE E 87 23.11 -11.15 -14.43
N LEU E 88 23.93 -12.02 -15.06
CA LEU E 88 24.73 -11.64 -16.22
C LEU E 88 23.85 -11.42 -17.45
N ARG E 89 22.77 -12.19 -17.59
CA ARG E 89 21.87 -12.00 -18.73
C ARG E 89 21.13 -10.69 -18.59
N ASP E 90 20.80 -10.29 -17.35
CA ASP E 90 20.11 -9.03 -17.11
C ASP E 90 20.98 -7.86 -17.58
N ALA E 91 22.31 -8.04 -17.62
CA ALA E 91 23.25 -7.01 -18.06
C ALA E 91 23.52 -7.12 -19.57
N GLY E 92 22.87 -8.05 -20.23
CA GLY E 92 23.02 -8.25 -21.67
C GLY E 92 24.25 -9.06 -22.07
N ILE E 93 24.84 -9.79 -21.11
CA ILE E 93 26.03 -10.59 -21.39
C ILE E 93 25.65 -11.89 -22.09
N LYS E 94 26.39 -12.21 -23.15
CA LYS E 94 26.19 -13.41 -23.94
C LYS E 94 26.77 -14.61 -23.19
N LEU E 95 25.97 -15.66 -22.94
CA LEU E 95 26.41 -16.84 -22.21
C LEU E 95 26.28 -18.07 -23.08
N GLU E 96 27.19 -19.03 -22.91
CA GLU E 96 27.17 -20.28 -23.66
C GLU E 96 27.10 -21.39 -22.64
N LYS E 97 26.35 -22.46 -22.92
CA LYS E 97 26.24 -23.58 -21.99
C LYS E 97 27.50 -24.41 -22.03
N VAL E 98 27.98 -24.84 -20.87
CA VAL E 98 29.16 -25.68 -20.82
C VAL E 98 28.69 -27.08 -21.14
N GLU E 99 29.41 -27.70 -22.08
CA GLU E 99 29.18 -29.05 -22.54
C GLU E 99 29.55 -30.01 -21.44
N ASP E 100 28.62 -30.87 -21.04
CA ASP E 100 28.86 -31.89 -20.04
C ASP E 100 28.64 -31.45 -18.60
N VAL E 101 28.40 -30.16 -18.31
CA VAL E 101 28.08 -29.75 -16.95
C VAL E 101 26.81 -28.93 -16.97
N GLU E 102 25.68 -29.52 -16.51
CA GLU E 102 24.41 -28.81 -16.48
C GLU E 102 24.49 -27.80 -15.34
N GLY E 103 24.12 -26.57 -15.63
CA GLY E 103 24.16 -25.51 -14.64
C GLY E 103 25.31 -24.55 -14.84
N TYR E 104 26.34 -24.96 -15.63
CA TYR E 104 27.51 -24.11 -15.89
C TYR E 104 27.34 -23.35 -17.19
N TYR E 105 27.73 -22.07 -17.17
CA TYR E 105 27.69 -21.20 -18.34
C TYR E 105 29.04 -20.53 -18.42
N ILE E 106 29.50 -20.20 -19.61
CA ILE E 106 30.79 -19.58 -19.80
C ILE E 106 30.59 -18.23 -20.49
N ALA E 107 31.37 -17.22 -20.10
CA ALA E 107 31.26 -15.88 -20.69
C ALA E 107 32.62 -15.30 -20.99
N ASP E 108 32.68 -14.42 -22.00
CA ASP E 108 33.91 -13.74 -22.40
C ASP E 108 34.29 -12.86 -21.20
N SER E 109 35.48 -13.07 -20.64
CA SER E 109 35.96 -12.32 -19.47
C SER E 109 36.11 -10.80 -19.68
N VAL E 110 36.14 -10.33 -20.93
CA VAL E 110 36.24 -8.91 -21.27
C VAL E 110 34.84 -8.29 -21.39
N GLU E 111 33.87 -9.08 -21.83
CA GLU E 111 32.49 -8.62 -21.99
C GLU E 111 31.80 -8.40 -20.64
N VAL E 112 32.06 -9.28 -19.67
CA VAL E 112 31.46 -9.22 -18.34
C VAL E 112 31.69 -7.89 -17.61
N PRO E 113 32.94 -7.48 -17.32
CA PRO E 113 33.14 -6.22 -16.60
C PRO E 113 32.55 -4.99 -17.30
N ALA E 114 32.71 -4.91 -18.63
CA ALA E 114 32.17 -3.78 -19.40
C ALA E 114 30.66 -3.66 -19.24
N LYS E 115 29.94 -4.78 -19.41
CA LYS E 115 28.48 -4.79 -19.30
C LYS E 115 27.96 -4.66 -17.87
N LEU E 116 28.68 -5.23 -16.88
CA LEU E 116 28.24 -5.12 -15.49
C LEU E 116 28.35 -3.66 -15.05
N GLY E 117 29.42 -2.99 -15.47
CA GLY E 117 29.63 -1.59 -15.14
C GLY E 117 28.61 -0.69 -15.81
N ALA E 118 28.34 -0.96 -17.10
CA ALA E 118 27.35 -0.19 -17.86
C ALA E 118 25.95 -0.37 -17.25
N SER E 119 25.64 -1.58 -16.78
CA SER E 119 24.34 -1.87 -16.17
C SER E 119 24.19 -1.14 -14.83
N ALA E 120 25.27 -1.06 -14.03
CA ALA E 120 25.23 -0.35 -12.76
C ALA E 120 25.02 1.12 -13.00
N ILE E 121 25.68 1.69 -14.02
CA ILE E 121 25.54 3.10 -14.36
C ILE E 121 24.11 3.37 -14.84
N ASP E 122 23.56 2.49 -15.66
CA ASP E 122 22.19 2.66 -16.15
C ASP E 122 21.16 2.54 -15.04
N ALA E 123 21.48 1.79 -13.97
CA ALA E 123 20.57 1.64 -12.83
C ALA E 123 20.60 2.92 -11.97
N GLY E 124 21.58 3.78 -12.20
CA GLY E 124 21.73 5.04 -11.46
C GLY E 124 22.93 5.13 -10.54
N ALA E 125 23.79 4.09 -10.53
CA ALA E 125 24.96 4.12 -9.64
C ALA E 125 26.06 4.96 -10.25
N LYS E 126 26.81 5.67 -9.40
CA LYS E 126 27.92 6.48 -9.88
C LYS E 126 29.20 5.67 -9.67
N ILE E 127 30.03 5.51 -10.71
CA ILE E 127 31.28 4.78 -10.57
C ILE E 127 32.42 5.77 -10.69
N LEU E 128 33.27 5.83 -9.66
CA LEU E 128 34.43 6.72 -9.67
C LEU E 128 35.66 5.84 -9.66
N THR E 129 36.52 5.96 -10.69
CA THR E 129 37.75 5.17 -10.76
C THR E 129 38.92 6.05 -10.36
N SER E 130 40.10 5.45 -10.18
CA SER E 130 41.29 6.19 -9.79
C SER E 130 41.11 6.84 -8.40
N VAL E 131 40.26 6.23 -7.54
CA VAL E 131 39.97 6.72 -6.19
C VAL E 131 40.19 5.57 -5.20
N ALA E 132 41.15 5.71 -4.31
CA ALA E 132 41.47 4.70 -3.31
C ALA E 132 40.85 5.02 -1.95
N VAL E 133 40.16 4.06 -1.32
CA VAL E 133 39.58 4.27 0.00
C VAL E 133 40.72 3.87 0.95
N GLU E 134 41.25 4.82 1.72
CA GLU E 134 42.36 4.56 2.62
C GLU E 134 41.95 4.41 4.08
N ASP E 135 40.72 4.80 4.44
CA ASP E 135 40.27 4.69 5.82
C ASP E 135 38.75 4.85 5.86
N LEU E 136 38.18 4.75 7.07
CA LEU E 136 36.74 4.89 7.26
C LEU E 136 36.42 6.04 8.18
N ILE E 137 35.19 6.53 8.12
CA ILE E 137 34.73 7.59 8.99
C ILE E 137 33.99 6.85 10.10
N LEU E 138 34.31 7.14 11.36
CA LEU E 138 33.64 6.45 12.46
C LEU E 138 32.77 7.37 13.27
N ARG E 139 31.83 6.76 13.97
CA ARG E 139 30.91 7.42 14.88
C ARG E 139 30.81 6.46 16.04
N GLU E 140 30.07 6.81 17.08
CA GLU E 140 29.94 5.93 18.23
C GLU E 140 29.31 4.59 17.78
N ASP E 141 30.07 3.50 17.93
CA ASP E 141 29.62 2.14 17.59
C ASP E 141 29.16 1.95 16.13
N LYS E 142 29.73 2.69 15.16
CA LYS E 142 29.33 2.51 13.76
C LYS E 142 30.28 3.17 12.76
N VAL E 143 30.25 2.70 11.51
CA VAL E 143 31.03 3.27 10.41
C VAL E 143 30.05 4.27 9.79
N ALA E 144 30.52 5.46 9.40
CA ALA E 144 29.65 6.49 8.82
C ALA E 144 30.13 7.03 7.48
N GLY E 145 31.06 6.34 6.82
CA GLY E 145 31.55 6.80 5.53
C GLY E 145 32.95 6.30 5.24
N VAL E 146 33.56 6.85 4.18
CA VAL E 146 34.90 6.46 3.74
C VAL E 146 35.83 7.66 3.55
N VAL E 147 37.13 7.41 3.67
CA VAL E 147 38.17 8.44 3.48
C VAL E 147 38.82 8.09 2.15
N VAL E 148 38.70 8.99 1.17
CA VAL E 148 39.23 8.73 -0.16
C VAL E 148 40.47 9.53 -0.53
N GLN E 149 41.32 8.94 -1.34
CA GLN E 149 42.54 9.58 -1.83
C GLN E 149 42.71 9.22 -3.30
N GLY E 150 43.32 10.10 -4.06
CA GLY E 150 43.56 9.86 -5.47
C GLY E 150 44.57 8.73 -5.62
N TYR E 151 44.30 7.80 -6.51
CA TYR E 151 45.18 6.65 -6.74
C TYR E 151 46.58 7.10 -7.18
N ALA E 152 46.68 8.11 -8.05
CA ALA E 152 47.97 8.62 -8.51
C ALA E 152 48.77 9.21 -7.35
N ILE E 153 48.10 9.95 -6.43
CA ILE E 153 48.75 10.55 -5.26
C ILE E 153 49.26 9.43 -4.36
N GLU E 154 48.43 8.40 -4.16
CA GLU E 154 48.79 7.26 -3.34
C GLU E 154 49.98 6.52 -3.97
N LYS E 155 49.90 6.21 -5.27
CA LYS E 155 50.96 5.52 -5.99
C LYS E 155 52.27 6.32 -6.02
N ALA E 156 52.18 7.65 -6.20
CA ALA E 156 53.35 8.52 -6.24
C ALA E 156 53.99 8.71 -4.86
N GLY E 157 53.33 8.25 -3.81
CA GLY E 157 53.83 8.36 -2.45
C GLY E 157 53.83 9.78 -1.89
N LEU E 158 53.03 10.67 -2.49
CA LEU E 158 52.96 12.06 -2.02
C LEU E 158 52.26 12.14 -0.68
N HIS E 159 52.76 13.02 0.20
CA HIS E 159 52.15 13.21 1.52
C HIS E 159 51.05 14.26 1.34
N VAL E 160 49.82 13.80 1.11
CA VAL E 160 48.68 14.68 0.88
C VAL E 160 47.48 14.19 1.69
N ASP E 161 46.70 15.12 2.25
CA ASP E 161 45.52 14.77 3.02
C ASP E 161 44.43 14.26 2.10
N PRO E 162 43.55 13.39 2.59
CA PRO E 162 42.47 12.90 1.74
C PRO E 162 41.21 13.75 1.92
N ILE E 163 40.12 13.35 1.27
CA ILE E 163 38.83 14.01 1.45
C ILE E 163 37.88 12.92 1.90
N THR E 164 36.62 13.23 2.14
CA THR E 164 35.69 12.23 2.65
C THR E 164 34.36 12.11 1.92
N ILE E 165 33.68 10.98 2.15
CA ILE E 165 32.37 10.70 1.59
C ILE E 165 31.52 10.13 2.72
N ASN E 166 30.48 10.86 3.14
CA ASN E 166 29.60 10.39 4.22
C ASN E 166 28.61 9.42 3.63
N ALA E 167 28.34 8.31 4.33
CA ALA E 167 27.43 7.29 3.84
C ALA E 167 26.69 6.64 4.98
N LYS E 168 25.47 6.17 4.74
CA LYS E 168 24.69 5.49 5.77
C LYS E 168 25.28 4.09 5.93
N TYR E 169 25.70 3.48 4.81
CA TYR E 169 26.31 2.15 4.80
C TYR E 169 27.51 2.09 3.87
N VAL E 170 28.52 1.31 4.24
CA VAL E 170 29.72 1.13 3.45
C VAL E 170 29.79 -0.34 3.13
N ILE E 171 30.20 -0.70 1.90
CA ILE E 171 30.33 -2.10 1.52
C ILE E 171 31.77 -2.37 1.19
N ASP E 172 32.35 -3.38 1.83
CA ASP E 172 33.72 -3.77 1.53
C ASP E 172 33.61 -4.86 0.47
N ALA E 173 33.86 -4.50 -0.81
CA ALA E 173 33.82 -5.41 -1.94
C ALA E 173 35.19 -5.36 -2.63
N THR E 174 36.26 -5.26 -1.81
CA THR E 174 37.64 -5.13 -2.30
C THR E 174 38.35 -6.45 -2.64
N GLY E 175 37.62 -7.56 -2.65
CA GLY E 175 38.21 -8.85 -2.97
C GLY E 175 38.86 -9.53 -1.80
N HIS E 176 39.71 -10.53 -2.09
CA HIS E 176 40.39 -11.31 -1.06
C HIS E 176 41.24 -10.49 -0.09
N ASP E 177 41.60 -9.25 -0.44
CA ASP E 177 42.40 -8.40 0.44
C ASP E 177 41.54 -7.83 1.56
N ALA E 178 40.20 -7.71 1.37
CA ALA E 178 39.28 -7.14 2.38
C ALA E 178 39.98 -5.94 3.01
N SER E 179 40.50 -5.04 2.16
CA SER E 179 41.27 -3.88 2.60
C SER E 179 40.52 -2.94 3.54
N VAL E 180 39.23 -2.72 3.32
CA VAL E 180 38.45 -1.82 4.16
C VAL E 180 38.30 -2.38 5.57
N THR E 181 37.87 -3.64 5.70
CA THR E 181 37.71 -4.28 7.00
C THR E 181 39.07 -4.44 7.69
N THR E 182 40.12 -4.77 6.91
CA THR E 182 41.46 -4.93 7.47
C THR E 182 41.97 -3.60 8.04
N THR E 183 41.71 -2.48 7.34
CA THR E 183 42.14 -1.16 7.81
C THR E 183 41.38 -0.81 9.09
N LEU E 184 40.08 -1.08 9.12
CA LEU E 184 39.26 -0.81 10.30
C LEU E 184 39.83 -1.57 11.49
N ALA E 185 40.14 -2.86 11.31
CA ALA E 185 40.67 -3.70 12.36
C ALA E 185 42.08 -3.32 12.81
N ARG E 186 42.94 -2.97 11.86
CA ARG E 186 44.33 -2.60 12.16
C ARG E 186 44.46 -1.27 12.91
N LYS E 187 43.69 -0.25 12.50
CA LYS E 187 43.74 1.07 13.11
C LYS E 187 42.89 1.23 14.38
N ASN E 188 41.93 0.33 14.59
CA ASN E 188 41.06 0.40 15.76
C ASN E 188 41.08 -0.93 16.49
N LYS E 189 42.19 -1.22 17.18
CA LYS E 189 42.39 -2.47 17.92
C LYS E 189 41.34 -2.69 19.00
N ASP E 190 40.81 -1.60 19.57
CA ASP E 190 39.78 -1.64 20.62
C ASP E 190 38.49 -2.32 20.16
N LEU E 191 38.22 -2.39 18.84
CA LEU E 191 37.00 -3.01 18.31
C LEU E 191 37.03 -4.54 18.31
N GLY E 192 38.21 -5.13 18.43
CA GLY E 192 38.36 -6.58 18.46
C GLY E 192 38.03 -7.29 17.16
N ILE E 193 38.16 -6.61 16.02
CA ILE E 193 37.88 -7.21 14.72
C ILE E 193 39.12 -7.96 14.25
N GLU E 194 38.92 -9.15 13.65
CA GLU E 194 40.00 -9.98 13.13
C GLU E 194 39.71 -10.33 11.68
N VAL E 195 40.71 -10.23 10.81
CA VAL E 195 40.56 -10.58 9.39
C VAL E 195 41.56 -11.71 9.16
N PRO E 196 41.12 -12.97 9.30
CA PRO E 196 42.06 -14.09 9.13
C PRO E 196 42.57 -14.31 7.71
N GLY E 197 41.77 -13.93 6.73
CA GLY E 197 42.12 -14.11 5.33
C GLY E 197 41.50 -15.39 4.82
N GLU E 198 41.45 -15.54 3.49
CA GLU E 198 40.87 -16.72 2.86
C GLU E 198 41.66 -17.99 3.16
N LYS E 199 41.02 -19.14 3.02
CA LYS E 199 41.66 -20.42 3.24
C LYS E 199 42.13 -20.90 1.87
N SER E 200 42.57 -22.15 1.75
CA SER E 200 43.03 -22.65 0.46
C SER E 200 41.83 -22.88 -0.46
N MET E 201 42.06 -23.38 -1.68
CA MET E 201 40.98 -23.60 -2.62
C MET E 201 40.13 -24.87 -2.42
N TRP E 202 38.80 -24.67 -2.45
CA TRP E 202 37.78 -25.71 -2.32
C TRP E 202 36.52 -25.05 -2.86
N ALA E 203 36.36 -25.04 -4.18
CA ALA E 203 35.25 -24.38 -4.86
C ALA E 203 33.87 -24.71 -4.30
N ASP E 204 33.58 -25.99 -4.08
CA ASP E 204 32.28 -26.40 -3.55
C ASP E 204 31.96 -25.71 -2.23
N LYS E 205 32.89 -25.76 -1.27
CA LYS E 205 32.66 -25.13 0.05
C LYS E 205 32.81 -23.62 0.01
N GLY E 206 33.76 -23.14 -0.78
CA GLY E 206 34.01 -21.71 -0.92
C GLY E 206 32.80 -20.97 -1.45
N GLU E 207 32.20 -21.47 -2.54
CA GLU E 207 31.03 -20.85 -3.17
C GLU E 207 29.80 -20.91 -2.27
N ASN E 208 29.64 -22.00 -1.52
CA ASN E 208 28.47 -22.17 -0.66
C ASN E 208 28.58 -21.52 0.73
N SER E 209 29.62 -20.71 0.99
CA SER E 209 29.75 -20.00 2.26
C SER E 209 29.66 -18.50 2.04
N LEU E 210 29.83 -18.04 0.78
CA LEU E 210 29.78 -16.62 0.43
C LEU E 210 28.51 -15.91 0.88
N LEU E 211 27.35 -16.50 0.65
CA LEU E 211 26.09 -15.86 1.04
C LEU E 211 25.94 -15.78 2.55
N ARG E 212 26.30 -16.84 3.25
CA ARG E 212 26.26 -16.91 4.71
C ARG E 212 27.21 -15.84 5.28
N ASN E 213 28.38 -15.65 4.65
CA ASN E 213 29.40 -14.69 5.07
C ASN E 213 29.13 -13.25 4.61
N THR E 214 28.13 -13.04 3.74
CA THR E 214 27.79 -11.69 3.27
C THR E 214 26.93 -11.12 4.38
N ARG E 215 27.50 -10.22 5.18
CA ARG E 215 26.76 -9.67 6.31
C ARG E 215 27.41 -8.39 6.83
N GLU E 216 26.81 -7.81 7.87
CA GLU E 216 27.29 -6.61 8.53
C GLU E 216 28.32 -7.05 9.57
N VAL E 217 29.61 -6.76 9.33
CA VAL E 217 30.70 -7.15 10.24
C VAL E 217 30.84 -6.18 11.41
N TYR E 218 30.47 -4.92 11.19
CA TYR E 218 30.53 -3.87 12.20
C TYR E 218 29.37 -2.95 11.82
N PRO E 219 28.66 -2.32 12.76
CA PRO E 219 27.52 -1.49 12.35
C PRO E 219 27.88 -0.46 11.28
N GLY E 220 27.15 -0.50 10.17
CA GLY E 220 27.36 0.40 9.04
C GLY E 220 28.32 -0.14 7.99
N LEU E 221 28.98 -1.27 8.28
CA LEU E 221 29.92 -1.85 7.33
C LEU E 221 29.52 -3.26 6.96
N PHE E 222 29.22 -3.47 5.67
CA PHE E 222 28.85 -4.77 5.13
C PHE E 222 30.03 -5.31 4.36
N VAL E 223 30.09 -6.62 4.20
CA VAL E 223 31.17 -7.25 3.46
C VAL E 223 30.52 -8.16 2.42
N CYS E 224 31.02 -8.17 1.19
CA CYS E 224 30.44 -9.03 0.15
C CYS E 224 31.53 -9.47 -0.82
N GLY E 225 31.19 -10.43 -1.68
CA GLY E 225 32.16 -10.95 -2.62
C GLY E 225 33.23 -11.75 -1.91
N MET E 226 34.43 -11.86 -2.51
CA MET E 226 35.54 -12.61 -1.91
C MET E 226 35.97 -12.03 -0.55
N ALA E 227 35.74 -10.72 -0.32
CA ALA E 227 36.09 -10.09 0.97
C ALA E 227 35.31 -10.76 2.11
N ALA E 228 34.07 -11.24 1.85
CA ALA E 228 33.27 -11.92 2.87
C ALA E 228 33.94 -13.22 3.29
N ASN E 229 34.54 -13.97 2.35
CA ASN E 229 35.24 -15.21 2.69
C ASN E 229 36.58 -14.91 3.35
N ALA E 230 37.21 -13.79 3.00
CA ALA E 230 38.49 -13.39 3.59
C ALA E 230 38.30 -13.01 5.08
N VAL E 231 37.21 -12.29 5.39
CA VAL E 231 36.90 -11.86 6.75
C VAL E 231 36.44 -13.03 7.62
N HIS E 232 35.82 -14.06 7.02
CA HIS E 232 35.31 -15.21 7.78
C HIS E 232 36.08 -16.50 7.52
N ALA E 233 37.30 -16.42 6.97
CA ALA E 233 38.14 -17.59 6.69
C ALA E 233 37.40 -18.69 5.90
N GLY E 234 36.88 -18.32 4.75
CA GLY E 234 36.19 -19.25 3.86
C GLY E 234 37.17 -19.68 2.79
N TYR E 235 36.85 -20.76 2.08
CA TYR E 235 37.73 -21.27 1.03
C TYR E 235 37.62 -20.44 -0.24
N ARG E 236 38.61 -20.61 -1.15
CA ARG E 236 38.63 -19.93 -2.44
C ARG E 236 37.87 -20.80 -3.42
N MET E 237 37.46 -20.25 -4.57
CA MET E 237 36.75 -21.04 -5.57
C MET E 237 37.28 -20.90 -7.00
N GLY E 238 38.22 -20.01 -7.23
CA GLY E 238 38.78 -19.85 -8.57
C GLY E 238 37.94 -19.01 -9.49
N ALA E 239 38.03 -19.31 -10.80
CA ALA E 239 37.35 -18.57 -11.85
C ALA E 239 35.85 -18.87 -12.05
N ILE E 240 35.13 -19.21 -10.97
CA ILE E 240 33.67 -19.44 -11.04
C ILE E 240 33.12 -18.24 -10.26
N PHE E 241 32.23 -17.45 -10.89
CA PHE E 241 31.73 -16.22 -10.27
C PHE E 241 30.28 -16.16 -9.80
N GLY E 242 29.54 -17.25 -9.85
CA GLY E 242 28.15 -17.22 -9.42
C GLY E 242 27.95 -16.64 -8.03
N GLY E 243 28.76 -17.09 -7.09
CA GLY E 243 28.70 -16.63 -5.71
C GLY E 243 29.01 -15.14 -5.55
N MET E 244 29.92 -14.61 -6.40
CA MET E 244 30.29 -13.19 -6.35
C MET E 244 29.08 -12.33 -6.71
N TYR E 245 28.35 -12.71 -7.76
CA TYR E 245 27.17 -11.96 -8.21
C TYR E 245 26.04 -12.08 -7.19
N LEU E 246 25.75 -13.30 -6.72
CA LEU E 246 24.68 -13.50 -5.74
C LEU E 246 25.01 -12.82 -4.41
N SER E 247 26.29 -12.77 -4.03
CA SER E 247 26.72 -12.13 -2.78
C SER E 247 26.48 -10.61 -2.88
N GLY E 248 26.79 -10.02 -4.03
CA GLY E 248 26.57 -8.59 -4.25
C GLY E 248 25.10 -8.25 -4.22
N LYS E 249 24.25 -9.08 -4.85
CA LYS E 249 22.80 -8.87 -4.87
C LYS E 249 22.22 -9.04 -3.47
N LYS E 250 22.69 -10.04 -2.71
CA LYS E 250 22.21 -10.26 -1.34
C LYS E 250 22.57 -9.05 -0.48
N CYS E 251 23.79 -8.54 -0.65
CA CYS E 251 24.25 -7.37 0.10
C CYS E 251 23.31 -6.19 -0.12
N ALA E 252 22.94 -5.95 -1.39
CA ALA E 252 22.03 -4.86 -1.73
C ALA E 252 20.68 -5.07 -1.05
N GLU E 253 20.14 -6.31 -1.12
CA GLU E 253 18.85 -6.66 -0.51
C GLU E 253 18.88 -6.47 1.01
N MET E 254 20.00 -6.82 1.67
CA MET E 254 20.13 -6.66 3.12
C MET E 254 20.13 -5.18 3.51
N ILE E 255 20.84 -4.34 2.74
CA ILE E 255 20.90 -2.91 3.04
C ILE E 255 19.55 -2.26 2.75
N LEU E 256 18.86 -2.69 1.68
CA LEU E 256 17.55 -2.13 1.33
C LEU E 256 16.54 -2.39 2.44
N GLU E 257 16.61 -3.57 3.09
CA GLU E 257 15.68 -3.89 4.17
C GLU E 257 15.96 -2.99 5.36
N LYS E 258 17.23 -2.73 5.65
CA LYS E 258 17.61 -1.88 6.77
C LYS E 258 17.13 -0.45 6.53
N LEU E 259 17.31 0.08 5.31
CA LEU E 259 16.92 1.45 4.98
C LEU E 259 15.42 1.64 4.75
N ASN E 260 14.65 0.55 4.63
CA ASN E 260 13.19 0.66 4.42
C ASN E 260 12.42 0.06 5.58
N LYS E 261 13.01 0.02 6.77
CA LYS E 261 12.35 -0.53 7.95
C LYS E 261 12.56 0.40 9.13
N TYR F 3 -54.66 15.55 4.68
CA TYR F 3 -55.13 14.36 5.37
C TYR F 3 -54.32 13.11 4.99
N LYS F 4 -53.61 13.15 3.85
CA LYS F 4 -52.82 12.02 3.38
C LYS F 4 -51.33 12.25 3.63
N LEU F 5 -50.62 11.21 4.09
CA LEU F 5 -49.19 11.29 4.37
C LEU F 5 -48.40 11.28 3.07
N LYS F 6 -47.35 12.12 3.01
CA LYS F 6 -46.49 12.24 1.85
C LYS F 6 -45.45 11.13 1.94
N ALA F 7 -45.43 10.22 0.95
CA ALA F 7 -44.47 9.12 0.96
C ALA F 7 -44.21 8.63 -0.46
N ASP F 8 -42.98 8.21 -0.71
CA ASP F 8 -42.57 7.67 -2.01
C ASP F 8 -41.33 6.81 -1.79
N GLU F 9 -40.77 6.23 -2.85
CA GLU F 9 -39.58 5.40 -2.72
C GLU F 9 -38.33 6.17 -3.12
N TYR F 10 -38.36 6.85 -4.26
CA TYR F 10 -37.20 7.60 -4.79
C TYR F 10 -36.59 8.62 -3.85
N ASN F 11 -37.39 9.56 -3.34
CA ASN F 11 -36.87 10.61 -2.47
C ASN F 11 -36.44 10.11 -1.10
N VAL F 12 -37.00 8.99 -0.64
CA VAL F 12 -36.62 8.42 0.65
C VAL F 12 -35.22 7.84 0.47
N THR F 13 -35.02 7.02 -0.58
CA THR F 13 -33.73 6.41 -0.87
C THR F 13 -32.65 7.47 -1.12
N LYS F 14 -32.98 8.48 -1.92
CA LYS F 14 -32.05 9.56 -2.24
C LYS F 14 -31.61 10.33 -0.99
N ALA F 15 -32.57 10.65 -0.10
CA ALA F 15 -32.28 11.36 1.14
C ALA F 15 -31.37 10.54 2.06
N ILE F 16 -31.62 9.24 2.17
CA ILE F 16 -30.80 8.36 3.01
C ILE F 16 -29.38 8.25 2.46
N LEU F 17 -29.24 8.05 1.14
CA LEU F 17 -27.93 7.94 0.51
C LEU F 17 -27.13 9.25 0.62
N SER F 18 -27.79 10.39 0.44
CA SER F 18 -27.13 11.70 0.55
C SER F 18 -26.63 11.95 1.95
N SER F 19 -27.47 11.70 2.96
CA SER F 19 -27.07 11.92 4.35
C SER F 19 -25.93 10.98 4.74
N ALA F 20 -26.02 9.71 4.34
CA ALA F 20 -24.98 8.71 4.63
C ALA F 20 -23.66 9.08 3.95
N PHE F 21 -23.74 9.63 2.72
CA PHE F 21 -22.59 10.06 1.93
C PHE F 21 -21.90 11.22 2.65
N LYS F 22 -22.67 12.26 2.99
CA LYS F 22 -22.12 13.42 3.68
C LYS F 22 -21.48 12.98 4.97
N MET F 23 -22.12 12.03 5.68
CA MET F 23 -21.62 11.52 6.95
C MET F 23 -20.28 10.82 6.78
N TRP F 24 -20.19 9.87 5.83
CA TRP F 24 -18.94 9.13 5.58
C TRP F 24 -17.79 10.03 5.20
N MET F 25 -18.04 11.08 4.41
CA MET F 25 -17.00 12.02 3.99
C MET F 25 -16.42 12.77 5.18
N ASP F 26 -17.23 12.99 6.22
CA ASP F 26 -16.83 13.69 7.43
C ASP F 26 -16.15 12.79 8.47
N VAL F 27 -16.61 11.54 8.63
CA VAL F 27 -16.06 10.62 9.64
C VAL F 27 -14.72 9.96 9.27
N ILE F 28 -14.25 10.05 8.01
CA ILE F 28 -12.99 9.39 7.65
C ILE F 28 -11.73 10.05 8.26
N GLU F 29 -11.88 11.21 8.93
CA GLU F 29 -10.79 11.87 9.66
C GLU F 29 -11.42 12.39 10.95
N VAL F 30 -10.98 11.90 12.11
CA VAL F 30 -11.52 12.32 13.40
C VAL F 30 -10.39 12.62 14.36
N ASP F 31 -10.70 13.15 15.55
CA ASP F 31 -9.68 13.42 16.56
C ASP F 31 -9.47 12.12 17.32
N VAL F 32 -10.58 11.47 17.70
CA VAL F 32 -10.52 10.20 18.42
C VAL F 32 -11.49 9.19 17.82
N ALA F 33 -11.03 7.94 17.64
CA ALA F 33 -11.87 6.85 17.14
C ALA F 33 -11.99 5.88 18.31
N ILE F 34 -13.20 5.73 18.87
CA ILE F 34 -13.42 4.83 19.99
C ILE F 34 -13.95 3.52 19.44
N VAL F 35 -13.28 2.40 19.75
CA VAL F 35 -13.72 1.08 19.28
C VAL F 35 -14.45 0.39 20.40
N GLY F 36 -15.75 0.18 20.20
CA GLY F 36 -16.61 -0.45 21.18
C GLY F 36 -17.63 0.54 21.72
N GLY F 37 -18.91 0.20 21.58
CA GLY F 37 -19.99 1.04 22.06
C GLY F 37 -20.56 0.58 23.38
N GLY F 38 -19.69 0.10 24.26
CA GLY F 38 -20.10 -0.38 25.57
C GLY F 38 -20.08 0.75 26.59
N PRO F 39 -20.32 0.44 27.87
CA PRO F 39 -20.33 1.50 28.90
C PRO F 39 -19.12 2.43 28.95
N SER F 40 -17.90 1.88 28.88
CA SER F 40 -16.69 2.71 28.94
C SER F 40 -16.49 3.53 27.64
N GLY F 41 -16.75 2.90 26.50
CA GLY F 41 -16.63 3.56 25.20
C GLY F 41 -17.62 4.71 25.03
N LEU F 42 -18.87 4.50 25.47
CA LEU F 42 -19.90 5.54 25.39
C LEU F 42 -19.59 6.69 26.35
N THR F 43 -18.97 6.39 27.49
CA THR F 43 -18.60 7.42 28.46
C THR F 43 -17.41 8.22 27.93
N ALA F 44 -16.38 7.55 27.43
CA ALA F 44 -15.21 8.26 26.89
C ALA F 44 -15.61 9.16 25.73
N GLY F 45 -16.50 8.68 24.87
CA GLY F 45 -16.99 9.45 23.73
C GLY F 45 -17.74 10.69 24.15
N LYS F 46 -18.58 10.58 25.18
CA LYS F 46 -19.35 11.71 25.70
C LYS F 46 -18.44 12.80 26.24
N TYR F 47 -17.50 12.44 27.12
CA TYR F 47 -16.61 13.41 27.73
C TYR F 47 -15.58 14.02 26.77
N LEU F 48 -15.29 13.35 25.63
CA LEU F 48 -14.36 13.91 24.64
C LEU F 48 -15.14 14.89 23.76
N ALA F 49 -16.34 14.46 23.28
CA ALA F 49 -17.18 15.30 22.43
C ALA F 49 -17.65 16.55 23.19
N LYS F 50 -17.92 16.39 24.49
CA LYS F 50 -18.36 17.47 25.39
C LYS F 50 -17.40 18.66 25.31
N GLU F 51 -16.10 18.38 25.08
CA GLU F 51 -15.07 19.42 24.99
C GLU F 51 -14.79 19.94 23.57
N GLY F 52 -15.65 19.59 22.61
CA GLY F 52 -15.50 20.06 21.23
C GLY F 52 -14.70 19.20 20.28
N LEU F 53 -14.23 18.01 20.73
CA LEU F 53 -13.45 17.15 19.84
C LEU F 53 -14.35 16.41 18.85
N LYS F 54 -13.80 16.06 17.68
CA LYS F 54 -14.49 15.31 16.63
C LYS F 54 -14.26 13.84 16.99
N VAL F 55 -15.32 13.16 17.45
CA VAL F 55 -15.23 11.79 17.92
C VAL F 55 -16.20 10.84 17.23
N VAL F 56 -15.77 9.58 17.00
CA VAL F 56 -16.62 8.56 16.43
C VAL F 56 -16.50 7.30 17.28
N ILE F 57 -17.63 6.68 17.62
CA ILE F 57 -17.66 5.46 18.41
C ILE F 57 -18.04 4.41 17.39
N LEU F 58 -17.21 3.36 17.23
CA LEU F 58 -17.47 2.30 16.27
C LEU F 58 -17.89 1.03 16.98
N GLU F 59 -19.10 0.57 16.70
CA GLU F 59 -19.66 -0.63 17.31
C GLU F 59 -19.91 -1.71 16.26
N ARG F 60 -19.43 -2.93 16.52
CA ARG F 60 -19.58 -4.06 15.61
C ARG F 60 -21.04 -4.46 15.40
N HIS F 61 -21.80 -4.59 16.49
CA HIS F 61 -23.20 -5.00 16.37
C HIS F 61 -24.10 -3.90 15.89
N LEU F 62 -25.33 -4.26 15.46
CA LEU F 62 -26.30 -3.28 14.94
C LEU F 62 -26.70 -2.27 16.00
N SER F 63 -26.68 -2.68 17.27
CA SER F 63 -27.03 -1.79 18.37
C SER F 63 -25.84 -1.69 19.34
N PHE F 64 -25.73 -0.56 20.05
CA PHE F 64 -24.66 -0.36 21.01
C PHE F 64 -25.14 -0.78 22.41
N GLY F 65 -24.28 -0.61 23.41
CA GLY F 65 -24.59 -0.97 24.79
C GLY F 65 -23.71 -2.06 25.36
N GLY F 66 -23.16 -2.90 24.49
CA GLY F 66 -22.27 -3.98 24.91
C GLY F 66 -22.93 -5.00 25.81
N GLY F 67 -22.29 -5.27 26.94
CA GLY F 67 -22.77 -6.25 27.90
C GLY F 67 -23.69 -5.73 29.00
N THR F 68 -24.25 -4.52 28.85
CA THR F 68 -25.16 -4.00 29.89
C THR F 68 -26.56 -4.60 29.76
N TRP F 69 -27.13 -4.58 28.54
CA TRP F 69 -28.49 -5.05 28.26
C TRP F 69 -28.98 -6.22 29.12
N GLY F 70 -28.21 -7.30 29.17
CA GLY F 70 -28.56 -8.50 29.91
C GLY F 70 -28.44 -8.47 31.43
N GLY F 71 -27.83 -7.43 31.97
CA GLY F 71 -27.64 -7.31 33.41
C GLY F 71 -26.74 -8.42 33.94
N GLY F 72 -27.20 -9.15 34.95
CA GLY F 72 -26.45 -10.26 35.53
C GLY F 72 -27.17 -11.59 35.33
N MET F 73 -26.62 -12.47 34.49
CA MET F 73 -27.20 -13.78 34.16
C MET F 73 -28.63 -13.65 33.61
N GLY F 74 -28.92 -12.55 32.92
CA GLY F 74 -30.24 -12.33 32.36
C GLY F 74 -31.15 -11.48 33.25
N PHE F 75 -30.85 -11.39 34.56
CA PHE F 75 -31.63 -10.57 35.50
C PHE F 75 -31.33 -9.13 35.05
N PRO F 76 -32.35 -8.36 34.61
CA PRO F 76 -32.06 -7.04 34.02
C PRO F 76 -31.75 -5.85 34.92
N TYR F 77 -30.72 -5.97 35.74
CA TYR F 77 -30.30 -4.87 36.62
C TYR F 77 -28.79 -4.89 36.71
N ILE F 78 -28.18 -3.73 36.90
CA ILE F 78 -26.73 -3.62 37.03
C ILE F 78 -26.43 -2.72 38.22
N VAL F 79 -25.28 -2.92 38.86
CA VAL F 79 -24.90 -2.13 40.02
C VAL F 79 -23.84 -1.11 39.66
N VAL F 80 -23.90 0.06 40.32
CA VAL F 80 -22.93 1.12 40.14
C VAL F 80 -22.62 1.62 41.54
N GLU F 81 -21.34 1.80 41.86
CA GLU F 81 -20.95 2.27 43.18
C GLU F 81 -20.50 3.73 43.11
N GLU F 82 -20.63 4.46 44.20
CA GLU F 82 -20.21 5.86 44.20
C GLU F 82 -18.68 5.96 44.04
N PRO F 83 -18.17 7.02 43.39
CA PRO F 83 -18.87 8.19 42.82
C PRO F 83 -19.34 8.04 41.37
N ALA F 84 -19.24 6.84 40.77
CA ALA F 84 -19.65 6.62 39.39
C ALA F 84 -21.14 6.83 39.15
N ASP F 85 -21.95 6.80 40.21
CA ASP F 85 -23.40 7.01 40.07
C ASP F 85 -23.70 8.39 39.46
N GLU F 86 -22.82 9.36 39.72
CA GLU F 86 -23.00 10.72 39.19
C GLU F 86 -22.93 10.72 37.67
N ILE F 87 -22.12 9.83 37.07
CA ILE F 87 -22.00 9.75 35.62
C ILE F 87 -23.34 9.29 35.04
N LEU F 88 -23.98 8.30 35.68
CA LEU F 88 -25.28 7.79 35.22
C LEU F 88 -26.39 8.81 35.47
N ARG F 89 -26.29 9.57 36.58
CA ARG F 89 -27.28 10.60 36.88
C ARG F 89 -27.22 11.71 35.83
N ASP F 90 -26.00 12.01 35.34
CA ASP F 90 -25.80 13.04 34.31
C ASP F 90 -26.46 12.65 32.99
N ALA F 91 -26.66 11.34 32.77
CA ALA F 91 -27.32 10.85 31.56
C ALA F 91 -28.83 10.71 31.77
N GLY F 92 -29.32 11.06 32.96
CA GLY F 92 -30.74 10.99 33.29
C GLY F 92 -31.22 9.60 33.70
N ILE F 93 -30.28 8.71 34.06
CA ILE F 93 -30.65 7.35 34.45
C ILE F 93 -31.17 7.34 35.88
N LYS F 94 -32.30 6.66 36.09
CA LYS F 94 -32.93 6.54 37.39
C LYS F 94 -32.15 5.50 38.18
N LEU F 95 -31.76 5.84 39.41
CA LEU F 95 -31.00 4.95 40.28
C LEU F 95 -31.74 4.74 41.59
N GLU F 96 -31.59 3.55 42.18
CA GLU F 96 -32.20 3.22 43.47
C GLU F 96 -31.09 2.78 44.39
N LYS F 97 -31.17 3.15 45.67
CA LYS F 97 -30.14 2.77 46.64
C LYS F 97 -30.28 1.31 47.00
N VAL F 98 -29.16 0.57 47.07
CA VAL F 98 -29.20 -0.83 47.47
C VAL F 98 -29.33 -0.78 49.00
N GLU F 99 -30.37 -1.43 49.55
CA GLU F 99 -30.71 -1.38 50.98
C GLU F 99 -29.60 -1.66 52.02
N ASP F 100 -28.87 -2.77 51.96
CA ASP F 100 -27.86 -3.05 52.99
C ASP F 100 -26.42 -2.67 52.63
N VAL F 101 -26.21 -1.98 51.51
CA VAL F 101 -24.86 -1.58 51.11
C VAL F 101 -24.81 -0.11 50.78
N GLU F 102 -24.18 0.71 51.65
CA GLU F 102 -24.06 2.13 51.40
C GLU F 102 -23.02 2.33 50.29
N GLY F 103 -23.36 3.12 49.29
CA GLY F 103 -22.48 3.37 48.16
C GLY F 103 -22.91 2.64 46.90
N TYR F 104 -23.77 1.61 47.04
CA TYR F 104 -24.26 0.83 45.91
C TYR F 104 -25.58 1.37 45.41
N TYR F 105 -25.73 1.44 44.09
CA TYR F 105 -26.95 1.89 43.43
C TYR F 105 -27.27 0.86 42.37
N ILE F 106 -28.55 0.66 42.08
CA ILE F 106 -28.96 -0.32 41.08
C ILE F 106 -29.75 0.41 39.99
N ALA F 107 -29.55 -0.02 38.73
CA ALA F 107 -30.24 0.60 37.60
C ALA F 107 -30.77 -0.45 36.65
N ASP F 108 -31.86 -0.12 35.93
CA ASP F 108 -32.47 -0.99 34.94
C ASP F 108 -31.42 -1.16 33.82
N SER F 109 -30.99 -2.40 33.56
CA SER F 109 -29.96 -2.70 32.55
C SER F 109 -30.32 -2.29 31.11
N VAL F 110 -31.62 -2.05 30.83
CA VAL F 110 -32.07 -1.64 29.49
C VAL F 110 -32.06 -0.10 29.39
N GLU F 111 -32.31 0.60 30.51
CA GLU F 111 -32.31 2.06 30.56
C GLU F 111 -30.91 2.63 30.40
N VAL F 112 -29.91 1.99 31.01
CA VAL F 112 -28.52 2.46 30.99
C VAL F 112 -27.95 2.62 29.56
N PRO F 113 -27.87 1.55 28.75
CA PRO F 113 -27.29 1.73 27.40
C PRO F 113 -28.00 2.77 26.54
N ALA F 114 -29.33 2.78 26.57
CA ALA F 114 -30.13 3.73 25.80
C ALA F 114 -29.79 5.18 26.16
N LYS F 115 -29.76 5.49 27.47
CA LYS F 115 -29.46 6.84 27.93
C LYS F 115 -27.98 7.22 27.81
N LEU F 116 -27.05 6.26 27.98
CA LEU F 116 -25.62 6.57 27.83
C LEU F 116 -25.31 6.91 26.37
N GLY F 117 -25.93 6.18 25.45
CA GLY F 117 -25.75 6.42 24.02
C GLY F 117 -26.38 7.74 23.60
N ALA F 118 -27.58 8.03 24.12
CA ALA F 118 -28.27 9.29 23.80
C ALA F 118 -27.46 10.48 24.35
N SER F 119 -26.84 10.31 25.52
CA SER F 119 -26.03 11.37 26.15
C SER F 119 -24.75 11.62 25.34
N ALA F 120 -24.12 10.55 24.80
CA ALA F 120 -22.91 10.70 24.00
C ALA F 120 -23.25 11.43 22.71
N ILE F 121 -24.40 11.10 22.09
CA ILE F 121 -24.84 11.74 20.86
C ILE F 121 -25.13 13.21 21.12
N ASP F 122 -25.79 13.52 22.25
CA ASP F 122 -26.10 14.90 22.60
C ASP F 122 -24.85 15.71 22.91
N ALA F 123 -23.77 15.05 23.36
CA ALA F 123 -22.51 15.73 23.65
C ALA F 123 -21.77 16.04 22.33
N GLY F 124 -22.20 15.44 21.23
CA GLY F 124 -21.60 15.67 19.91
C GLY F 124 -20.86 14.48 19.33
N ALA F 125 -20.89 13.32 20.00
CA ALA F 125 -20.19 12.14 19.50
C ALA F 125 -21.00 11.44 18.42
N LYS F 126 -20.33 10.89 17.41
CA LYS F 126 -21.01 10.16 16.36
C LYS F 126 -20.91 8.68 16.69
N ILE F 127 -22.04 7.96 16.69
CA ILE F 127 -22.01 6.51 16.96
C ILE F 127 -22.35 5.79 15.68
N LEU F 128 -21.44 4.92 15.20
CA LEU F 128 -21.68 4.13 13.99
C LEU F 128 -21.76 2.68 14.42
N THR F 129 -22.90 2.02 14.16
CA THR F 129 -23.08 0.63 14.51
C THR F 129 -22.91 -0.21 13.26
N SER F 130 -22.82 -1.54 13.41
CA SER F 130 -22.65 -2.46 12.28
C SER F 130 -21.32 -2.21 11.55
N VAL F 131 -20.31 -1.70 12.30
CA VAL F 131 -18.97 -1.41 11.76
C VAL F 131 -17.94 -2.09 12.65
N ALA F 132 -17.19 -3.04 12.09
CA ALA F 132 -16.16 -3.77 12.81
C ALA F 132 -14.77 -3.21 12.53
N VAL F 133 -13.97 -2.98 13.58
CA VAL F 133 -12.61 -2.50 13.40
C VAL F 133 -11.79 -3.79 13.30
N GLU F 134 -11.19 -4.03 12.14
CA GLU F 134 -10.42 -5.27 11.93
C GLU F 134 -8.91 -5.08 12.02
N ASP F 135 -8.43 -3.83 11.99
CA ASP F 135 -7.01 -3.58 12.07
C ASP F 135 -6.76 -2.11 12.40
N LEU F 136 -5.49 -1.73 12.52
CA LEU F 136 -5.11 -0.36 12.83
C LEU F 136 -4.26 0.24 11.74
N ILE F 137 -4.20 1.57 11.70
CA ILE F 137 -3.36 2.28 10.75
C ILE F 137 -2.11 2.60 11.54
N LEU F 138 -0.93 2.27 11.01
CA LEU F 138 0.30 2.54 11.72
C LEU F 138 1.16 3.58 11.04
N ARG F 139 2.02 4.19 11.83
CA ARG F 139 2.99 5.17 11.38
C ARG F 139 4.23 4.82 12.18
N GLU F 140 5.35 5.51 11.95
CA GLU F 140 6.55 5.20 12.70
C GLU F 140 6.31 5.40 14.20
N ASP F 141 6.43 4.32 14.99
CA ASP F 141 6.26 4.34 16.44
C ASP F 141 4.90 4.87 16.93
N LYS F 142 3.81 4.67 16.18
CA LYS F 142 2.50 5.15 16.64
C LYS F 142 1.33 4.59 15.84
N VAL F 143 0.14 4.62 16.46
CA VAL F 143 -1.12 4.19 15.84
C VAL F 143 -1.71 5.48 15.26
N ALA F 144 -2.25 5.43 14.04
CA ALA F 144 -2.76 6.64 13.39
C ALA F 144 -4.21 6.54 12.92
N GLY F 145 -4.92 5.51 13.36
CA GLY F 145 -6.29 5.32 12.95
C GLY F 145 -6.72 3.88 13.00
N VAL F 146 -7.90 3.58 12.41
CA VAL F 146 -8.48 2.24 12.40
C VAL F 146 -8.88 1.80 10.99
N VAL F 147 -8.93 0.48 10.78
CA VAL F 147 -9.33 -0.13 9.51
C VAL F 147 -10.70 -0.71 9.80
N VAL F 148 -11.73 -0.22 9.11
CA VAL F 148 -13.10 -0.66 9.35
C VAL F 148 -13.68 -1.52 8.24
N GLN F 149 -14.56 -2.44 8.63
CA GLN F 149 -15.25 -3.32 7.69
C GLN F 149 -16.69 -3.43 8.15
N GLY F 150 -17.60 -3.66 7.22
CA GLY F 150 -19.01 -3.82 7.55
C GLY F 150 -19.18 -5.12 8.32
N TYR F 151 -19.96 -5.08 9.39
CA TYR F 151 -20.19 -6.26 10.22
C TYR F 151 -20.85 -7.39 9.43
N ALA F 152 -21.80 -7.06 8.54
CA ALA F 152 -22.48 -8.07 7.72
C ALA F 152 -21.48 -8.75 6.78
N ILE F 153 -20.57 -7.96 6.17
CA ILE F 153 -19.55 -8.49 5.26
C ILE F 153 -18.63 -9.44 6.04
N GLU F 154 -18.23 -9.01 7.24
CA GLU F 154 -17.36 -9.80 8.10
C GLU F 154 -18.07 -11.09 8.50
N LYS F 155 -19.32 -10.99 8.98
CA LYS F 155 -20.09 -12.15 9.41
C LYS F 155 -20.38 -13.10 8.24
N ALA F 156 -20.68 -12.56 7.05
CA ALA F 156 -20.98 -13.38 5.87
C ALA F 156 -19.73 -14.06 5.31
N GLY F 157 -18.56 -13.70 5.82
CA GLY F 157 -17.30 -14.30 5.38
C GLY F 157 -16.87 -13.89 3.98
N LEU F 158 -17.43 -12.79 3.46
CA LEU F 158 -17.09 -12.32 2.12
C LEU F 158 -15.66 -11.77 2.09
N HIS F 159 -14.94 -12.05 1.00
CA HIS F 159 -13.57 -11.58 0.85
C HIS F 159 -13.67 -10.17 0.24
N VAL F 160 -13.68 -9.14 1.10
CA VAL F 160 -13.81 -7.76 0.65
C VAL F 160 -12.81 -6.87 1.38
N ASP F 161 -12.24 -5.88 0.68
CA ASP F 161 -11.29 -4.94 1.29
C ASP F 161 -12.02 -3.97 2.22
N PRO F 162 -11.35 -3.47 3.25
CA PRO F 162 -12.00 -2.52 4.16
C PRO F 162 -11.72 -1.09 3.73
N ILE F 163 -12.18 -0.13 4.54
CA ILE F 163 -11.89 1.29 4.31
C ILE F 163 -11.23 1.78 5.59
N THR F 164 -10.85 3.05 5.68
CA THR F 164 -10.14 3.54 6.86
C THR F 164 -10.67 4.80 7.48
N ILE F 165 -10.27 5.05 8.74
CA ILE F 165 -10.63 6.24 9.49
C ILE F 165 -9.35 6.74 10.16
N ASN F 166 -8.87 7.91 9.76
CA ASN F 166 -7.66 8.48 10.36
C ASN F 166 -8.03 9.14 11.67
N ALA F 167 -7.21 8.95 12.70
CA ALA F 167 -7.48 9.53 14.02
C ALA F 167 -6.20 9.89 14.72
N LYS F 168 -6.24 10.91 15.58
CA LYS F 168 -5.06 11.31 16.34
C LYS F 168 -4.85 10.26 17.44
N TYR F 169 -5.96 9.77 18.02
CA TYR F 169 -5.93 8.76 19.07
C TYR F 169 -7.01 7.72 18.86
N VAL F 170 -6.71 6.46 19.21
CA VAL F 170 -7.65 5.36 19.10
C VAL F 170 -7.86 4.84 20.50
N ILE F 171 -9.09 4.46 20.85
CA ILE F 171 -9.37 3.91 22.17
C ILE F 171 -9.86 2.50 22.00
N ASP F 172 -9.22 1.55 22.68
CA ASP F 172 -9.66 0.17 22.63
C ASP F 172 -10.61 0.03 23.82
N ALA F 173 -11.93 0.03 23.56
CA ALA F 173 -12.97 -0.12 24.58
C ALA F 173 -13.83 -1.32 24.17
N THR F 174 -13.19 -2.37 23.62
CA THR F 174 -13.86 -3.57 23.11
C THR F 174 -14.18 -4.65 24.15
N GLY F 175 -13.99 -4.34 25.42
CA GLY F 175 -14.29 -5.28 26.49
C GLY F 175 -13.16 -6.24 26.77
N HIS F 176 -13.49 -7.33 27.45
CA HIS F 176 -12.49 -8.35 27.84
C HIS F 176 -11.71 -8.96 26.68
N ASP F 177 -12.21 -8.85 25.46
CA ASP F 177 -11.51 -9.40 24.30
C ASP F 177 -10.33 -8.52 23.91
N ALA F 178 -10.36 -7.20 24.25
CA ALA F 178 -9.29 -6.26 23.89
C ALA F 178 -8.85 -6.59 22.46
N SER F 179 -9.84 -6.69 21.55
CA SER F 179 -9.60 -7.07 20.16
C SER F 179 -8.65 -6.15 19.40
N VAL F 180 -8.72 -4.83 19.64
CA VAL F 180 -7.86 -3.88 18.94
C VAL F 180 -6.40 -4.08 19.33
N THR F 181 -6.11 -4.10 20.64
CA THR F 181 -4.75 -4.28 21.13
C THR F 181 -4.24 -5.69 20.77
N THR F 182 -5.12 -6.71 20.84
CA THR F 182 -4.73 -8.08 20.49
C THR F 182 -4.35 -8.17 19.01
N THR F 183 -5.09 -7.49 18.13
CA THR F 183 -4.80 -7.51 16.70
C THR F 183 -3.45 -6.81 16.45
N LEU F 184 -3.22 -5.67 17.13
CA LEU F 184 -1.98 -4.94 16.98
C LEU F 184 -0.82 -5.84 17.36
N ALA F 185 -0.93 -6.53 18.51
CA ALA F 185 0.11 -7.42 19.01
C ALA F 185 0.33 -8.65 18.15
N ARG F 186 -0.75 -9.25 17.65
CA ARG F 186 -0.68 -10.47 16.84
C ARG F 186 -0.06 -10.23 15.46
N LYS F 187 -0.45 -9.13 14.79
CA LYS F 187 0.05 -8.81 13.44
C LYS F 187 1.39 -8.09 13.42
N ASN F 188 1.80 -7.49 14.55
CA ASN F 188 3.06 -6.76 14.62
C ASN F 188 3.89 -7.30 15.80
N LYS F 189 4.45 -8.51 15.63
CA LYS F 189 5.26 -9.18 16.67
C LYS F 189 6.49 -8.37 17.07
N ASP F 190 7.03 -7.58 16.14
CA ASP F 190 8.20 -6.73 16.37
C ASP F 190 7.98 -5.69 17.48
N LEU F 191 6.72 -5.32 17.77
CA LEU F 191 6.41 -4.33 18.81
C LEU F 191 6.53 -4.85 20.24
N GLY F 192 6.56 -6.17 20.41
CA GLY F 192 6.69 -6.78 21.73
C GLY F 192 5.50 -6.58 22.65
N ILE F 193 4.30 -6.37 22.09
CA ILE F 193 3.11 -6.18 22.91
C ILE F 193 2.54 -7.55 23.27
N GLU F 194 2.08 -7.70 24.52
CA GLU F 194 1.49 -8.96 25.01
C GLU F 194 0.13 -8.65 25.61
N VAL F 195 -0.88 -9.47 25.29
CA VAL F 195 -2.23 -9.30 25.83
C VAL F 195 -2.50 -10.60 26.59
N PRO F 196 -2.19 -10.63 27.89
CA PRO F 196 -2.40 -11.86 28.66
C PRO F 196 -3.86 -12.27 28.87
N GLY F 197 -4.75 -11.30 28.88
CA GLY F 197 -6.16 -11.53 29.10
C GLY F 197 -6.50 -11.33 30.56
N GLU F 198 -7.78 -11.21 30.88
CA GLU F 198 -8.23 -11.00 32.24
C GLU F 198 -7.95 -12.22 33.10
N LYS F 199 -7.89 -11.99 34.42
CA LYS F 199 -7.67 -13.07 35.38
C LYS F 199 -9.06 -13.53 35.84
N SER F 200 -9.14 -14.35 36.87
CA SER F 200 -10.43 -14.80 37.36
C SER F 200 -11.15 -13.67 38.10
N MET F 201 -12.34 -13.93 38.62
CA MET F 201 -13.10 -12.89 39.32
C MET F 201 -12.65 -12.55 40.76
N TRP F 202 -12.50 -11.24 41.02
CA TRP F 202 -12.14 -10.64 42.31
C TRP F 202 -12.55 -9.18 42.16
N ALA F 203 -13.84 -8.89 42.39
CA ALA F 203 -14.40 -7.55 42.22
C ALA F 203 -13.63 -6.43 42.91
N ASP F 204 -13.25 -6.62 44.17
CA ASP F 204 -12.51 -5.60 44.91
C ASP F 204 -11.23 -5.21 44.19
N LYS F 205 -10.40 -6.19 43.80
CA LYS F 205 -9.15 -5.90 43.12
C LYS F 205 -9.34 -5.51 41.66
N GLY F 206 -10.29 -6.15 40.99
CA GLY F 206 -10.58 -5.87 39.59
C GLY F 206 -11.03 -4.43 39.37
N GLU F 207 -11.97 -3.94 40.21
CA GLU F 207 -12.48 -2.56 40.10
C GLU F 207 -11.42 -1.53 40.44
N ASN F 208 -10.55 -1.83 41.41
CA ASN F 208 -9.53 -0.88 41.84
C ASN F 208 -8.23 -0.89 41.01
N SER F 209 -8.17 -1.63 39.91
CA SER F 209 -7.00 -1.64 39.04
C SER F 209 -7.35 -1.06 37.67
N LEU F 210 -8.65 -0.88 37.37
CA LEU F 210 -9.11 -0.33 36.09
C LEU F 210 -8.55 1.04 35.78
N LEU F 211 -8.56 1.96 36.74
CA LEU F 211 -8.06 3.32 36.51
C LEU F 211 -6.55 3.33 36.28
N ARG F 212 -5.76 2.55 37.03
CA ARG F 212 -4.33 2.55 36.77
C ARG F 212 -4.04 1.86 35.44
N ASN F 213 -4.85 0.85 35.08
CA ASN F 213 -4.72 0.12 33.83
C ASN F 213 -5.29 0.90 32.62
N THR F 214 -5.95 2.05 32.85
CA THR F 214 -6.46 2.89 31.76
C THR F 214 -5.29 3.76 31.36
N ARG F 215 -4.66 3.46 30.23
CA ARG F 215 -3.49 4.22 29.80
C ARG F 215 -3.19 3.97 28.34
N GLU F 216 -2.13 4.64 27.85
CA GLU F 216 -1.65 4.52 26.49
C GLU F 216 -0.74 3.31 26.43
N VAL F 217 -1.16 2.23 25.77
CA VAL F 217 -0.38 0.99 25.69
C VAL F 217 0.68 1.07 24.58
N TYR F 218 0.40 1.85 23.55
CA TYR F 218 1.29 2.05 22.42
C TYR F 218 1.00 3.48 21.97
N PRO F 219 1.97 4.28 21.50
CA PRO F 219 1.66 5.66 21.13
C PRO F 219 0.46 5.77 20.18
N GLY F 220 -0.54 6.55 20.59
CA GLY F 220 -1.75 6.78 19.82
C GLY F 220 -2.87 5.80 20.15
N LEU F 221 -2.60 4.76 20.96
CA LEU F 221 -3.60 3.76 21.30
C LEU F 221 -3.81 3.67 22.81
N PHE F 222 -5.00 4.08 23.27
CA PHE F 222 -5.38 4.03 24.69
C PHE F 222 -6.25 2.82 24.91
N VAL F 223 -6.30 2.34 26.13
CA VAL F 223 -7.12 1.19 26.47
C VAL F 223 -7.97 1.60 27.66
N CYS F 224 -9.26 1.27 27.67
CA CYS F 224 -10.13 1.63 28.78
C CYS F 224 -11.20 0.56 28.98
N GLY F 225 -11.91 0.62 30.08
CA GLY F 225 -12.94 -0.38 30.38
C GLY F 225 -12.32 -1.72 30.69
N MET F 226 -13.07 -2.81 30.47
CA MET F 226 -12.54 -4.14 30.75
C MET F 226 -11.32 -4.49 29.89
N ALA F 227 -11.17 -3.86 28.71
CA ALA F 227 -10.00 -4.11 27.85
C ALA F 227 -8.72 -3.71 28.60
N ALA F 228 -8.80 -2.71 29.49
CA ALA F 228 -7.66 -2.24 30.29
C ALA F 228 -7.17 -3.36 31.22
N ASN F 229 -8.10 -4.09 31.83
CA ASN F 229 -7.75 -5.20 32.72
C ASN F 229 -7.31 -6.42 31.91
N ALA F 230 -7.83 -6.59 30.69
CA ALA F 230 -7.44 -7.72 29.84
C ALA F 230 -6.00 -7.56 29.36
N VAL F 231 -5.61 -6.33 29.00
CA VAL F 231 -4.26 -6.03 28.53
C VAL F 231 -3.23 -6.08 29.66
N HIS F 232 -3.65 -5.78 30.90
CA HIS F 232 -2.75 -5.78 32.06
C HIS F 232 -2.99 -6.91 33.05
N ALA F 233 -3.70 -7.97 32.63
CA ALA F 233 -3.99 -9.13 33.48
C ALA F 233 -4.57 -8.76 34.85
N GLY F 234 -5.66 -8.01 34.82
CA GLY F 234 -6.38 -7.61 36.02
C GLY F 234 -7.53 -8.56 36.23
N TYR F 235 -8.10 -8.56 37.43
CA TYR F 235 -9.21 -9.44 37.75
C TYR F 235 -10.53 -8.91 37.18
N ARG F 236 -11.55 -9.79 37.12
CA ARG F 236 -12.88 -9.43 36.65
C ARG F 236 -13.67 -8.93 37.84
N MET F 237 -14.79 -8.24 37.60
CA MET F 237 -15.60 -7.74 38.71
C MET F 237 -17.09 -8.05 38.61
N GLY F 238 -17.53 -8.62 37.49
CA GLY F 238 -18.93 -8.96 37.34
C GLY F 238 -19.81 -7.80 36.92
N ALA F 239 -21.07 -7.84 37.34
CA ALA F 239 -22.08 -6.85 36.97
C ALA F 239 -22.05 -5.52 37.75
N ILE F 240 -20.85 -5.07 38.19
CA ILE F 240 -20.70 -3.78 38.89
C ILE F 240 -19.97 -2.91 37.85
N PHE F 241 -20.55 -1.75 37.49
CA PHE F 241 -19.98 -0.93 36.42
C PHE F 241 -19.32 0.40 36.78
N GLY F 242 -19.19 0.72 38.05
CA GLY F 242 -18.56 2.00 38.41
C GLY F 242 -17.22 2.24 37.76
N GLY F 243 -16.35 1.24 37.80
CA GLY F 243 -15.02 1.32 37.21
C GLY F 243 -15.05 1.50 35.71
N MET F 244 -16.04 0.92 35.02
CA MET F 244 -16.17 1.05 33.57
C MET F 244 -16.42 2.49 33.20
N TYR F 245 -17.33 3.17 33.92
CA TYR F 245 -17.67 4.57 33.67
C TYR F 245 -16.50 5.48 34.01
N LEU F 246 -15.90 5.30 35.20
CA LEU F 246 -14.77 6.12 35.62
C LEU F 246 -13.56 5.91 34.70
N SER F 247 -13.37 4.69 34.20
CA SER F 247 -12.27 4.37 33.29
C SER F 247 -12.45 5.13 31.98
N GLY F 248 -13.67 5.15 31.45
CA GLY F 248 -13.98 5.86 30.21
C GLY F 248 -13.77 7.35 30.36
N LYS F 249 -14.21 7.92 31.50
CA LYS F 249 -14.06 9.35 31.76
C LYS F 249 -12.58 9.70 31.93
N LYS F 250 -11.81 8.84 32.62
CA LYS F 250 -10.37 9.07 32.80
C LYS F 250 -9.67 9.05 31.44
N CYS F 251 -10.05 8.09 30.59
CA CYS F 251 -9.47 7.97 29.25
C CYS F 251 -9.67 9.28 28.47
N ALA F 252 -10.88 9.85 28.54
CA ALA F 252 -11.19 11.10 27.86
C ALA F 252 -10.31 12.22 28.41
N GLU F 253 -10.19 12.32 29.74
CA GLU F 253 -9.37 13.34 30.41
C GLU F 253 -7.90 13.22 30.02
N MET F 254 -7.38 11.99 29.91
CA MET F 254 -5.98 11.76 29.53
C MET F 254 -5.72 12.21 28.09
N ILE F 255 -6.66 11.92 27.17
CA ILE F 255 -6.51 12.31 25.77
C ILE F 255 -6.66 13.83 25.63
N LEU F 256 -7.58 14.44 26.40
CA LEU F 256 -7.79 15.89 26.34
C LEU F 256 -6.51 16.62 26.75
N GLU F 257 -5.76 16.08 27.73
CA GLU F 257 -4.51 16.71 28.16
C GLU F 257 -3.47 16.62 27.06
N LYS F 258 -3.42 15.47 26.35
CA LYS F 258 -2.46 15.28 25.25
C LYS F 258 -2.76 16.20 24.09
N LEU F 259 -4.05 16.43 23.79
CA LEU F 259 -4.44 17.30 22.68
C LEU F 259 -4.40 18.81 23.04
N ASN F 260 -4.02 19.16 24.28
CA ASN F 260 -3.91 20.56 24.72
C ASN F 260 -2.51 20.81 25.28
TB TB G . 39.06 36.03 -22.70
TB TB H . 77.78 48.21 -8.24
TB TB I . 80.18 51.62 -4.30
TB TB J . 66.62 17.91 -15.56
TB TB K . 26.34 22.95 13.18
TB TB L . 45.07 44.95 -5.56
TB TB M . 81.70 39.46 -24.22
TB TB N . 61.83 49.72 -23.74
TB TB O . 69.70 16.92 -24.27
TB TB P . 48.72 40.66 -30.22
TB TB Q . 71.33 38.60 -32.25
TB TB R . 63.65 43.26 10.74
O1A 48F S . 65.73 25.19 -11.51
PA 48F S . 65.16 26.47 -11.03
O2A 48F S . 65.81 26.88 -9.62
O3A 48F S . 65.36 27.59 -12.18
PB 48F S . 65.90 29.10 -12.01
O1B 48F S . 66.20 29.60 -13.37
O5D 48F S . 67.23 29.11 -11.09
C5D 48F S . 68.35 28.26 -11.43
C4D 48F S . 69.29 28.02 -10.24
O4D 48F S . 68.64 27.32 -9.18
C3D 48F S . 70.55 27.23 -10.62
C2D 48F S . 71.79 28.08 -10.58
C1D 48F S . 71.93 29.18 -9.54
O1D 48F S . 71.68 30.46 -10.14
O2D 48F S . 72.72 27.88 -11.36
O3D 48F S . 70.38 26.57 -11.88
O2B 48F S . 64.76 30.06 -11.43
O5' 48F S . 63.59 26.25 -10.85
C5' 48F S . 62.80 25.85 -11.95
C4' 48F S . 61.59 25.12 -11.40
O4' 48F S . 60.73 24.77 -12.48
C1' 48F S . 60.19 23.47 -12.24
C2' 48F S . 61.28 22.72 -11.48
O2' 48F S . 60.73 21.75 -10.59
C3' 48F S . 61.97 23.82 -10.70
O3' 48F S . 61.45 23.86 -9.38
N9 48F S . 59.85 22.87 -13.56
C8 48F S . 60.71 22.39 -14.48
N7 48F S . 60.06 21.92 -15.57
C5 48F S . 58.75 22.11 -15.36
C4 48F S . 58.60 22.74 -14.03
C6 48F S . 57.49 21.84 -16.10
N6 48F S . 57.53 21.27 -17.33
N1 48F S . 56.32 22.20 -15.52
C2 48F S . 56.27 22.79 -14.31
N3 48F S . 57.37 23.06 -13.57
C1 GOL T . 44.25 34.57 -9.19
O1 GOL T . 45.08 35.63 -8.72
C2 GOL T . 44.45 34.34 -10.70
O2 GOL T . 45.84 34.48 -11.03
C3 GOL T . 43.97 32.96 -11.14
O3 GOL T . 43.17 32.31 -10.14
C1 PGE U . 59.27 34.05 -35.88
O1 PGE U . 57.97 33.54 -36.21
C2 PGE U . 59.84 33.28 -34.70
O2 PGE U . 60.86 34.03 -34.01
C3 PGE U . 60.39 35.27 -33.47
C4 PGE U . 61.19 35.70 -32.24
O4 PGE U . 57.93 39.04 -31.90
C6 PGE U . 58.90 38.39 -31.06
C5 PGE U . 60.01 37.76 -31.89
O3 PGE U . 60.36 36.48 -31.37
TB TB V . -8.37 -17.04 4.73
TB TB W . 7.58 -32.99 -20.53
TB TB X . 8.55 -10.81 -26.46
TB TB Y . -29.91 -35.00 -36.47
TB TB Z . -5.42 10.67 -19.51
O1A 48F AA . -7.02 -12.39 -2.42
PA 48F AA . -6.60 -12.09 -3.80
O2A 48F AA . -7.49 -10.86 -4.34
O3A 48F AA . -5.00 -11.82 -3.81
PB 48F AA . -4.19 -10.63 -4.54
O1B 48F AA . -2.82 -10.65 -4.01
O5D 48F AA . -4.89 -9.20 -4.20
C5D 48F AA . -5.02 -8.75 -2.85
C4D 48F AA . -6.13 -7.70 -2.70
O4D 48F AA . -7.36 -8.20 -3.24
C3D 48F AA . -6.38 -7.24 -1.27
C2D 48F AA . -5.70 -5.92 -0.93
C1D 48F AA . -5.04 -5.70 0.41
O1D 48F AA . -5.91 -5.15 1.40
O2D 48F AA . -5.68 -5.01 -1.75
O3D 48F AA . -6.02 -8.27 -0.32
O2B 48F AA . -4.10 -10.91 -6.12
O5' 48F AA . -6.85 -13.37 -4.75
C5' 48F AA . -6.28 -14.63 -4.40
C4' 48F AA . -7.17 -15.73 -4.93
O4' 48F AA . -6.52 -16.97 -4.74
C1' 48F AA . -7.49 -17.94 -4.42
C2' 48F AA . -8.55 -17.22 -3.63
O2' 48F AA . -9.83 -17.84 -3.82
C3' 48F AA . -8.52 -15.82 -4.22
O3' 48F AA . -9.56 -15.73 -5.20
N9 48F AA . -6.90 -19.08 -3.67
C8 48F AA . -6.53 -19.07 -2.37
N7 48F AA . -6.05 -20.28 -2.00
C5 48F AA . -6.11 -21.09 -3.08
C4 48F AA . -6.68 -20.29 -4.18
C6 48F AA . -5.76 -22.50 -3.38
N6 48F AA . -5.22 -23.30 -2.43
N1 48F AA . -5.98 -22.95 -4.64
C2 48F AA . -6.52 -22.15 -5.61
N3 48F AA . -6.86 -20.87 -5.39
TB TB BA . -55.64 -8.09 39.12
TB TB CA . -54.22 13.09 30.23
TB TB DA . -38.84 -12.80 10.18
TB TB EA . -18.00 -3.84 54.17
TB TB FA . -57.79 3.79 -1.83
TB TB GA . -64.38 -5.49 29.52
TB TB HA . -63.84 -3.41 7.24
TB TB IA . -38.57 23.61 11.72
O1A 48F JA . -39.65 -4.79 12.96
PA 48F JA . -40.07 -3.63 13.78
O2A 48F JA . -39.01 -2.43 13.55
O3A 48F JA . -41.60 -3.24 13.41
PB 48F JA . -42.27 -1.76 13.33
O1B 48F JA . -43.68 -1.93 12.94
O5D 48F JA . -41.49 -0.88 12.22
C5D 48F JA . -41.28 -1.43 10.90
C4D 48F JA . -39.97 -0.98 10.26
O4D 48F JA . -38.87 -1.23 11.14
C3D 48F JA . -39.67 -1.69 8.93
C2D 48F JA . -40.39 -1.10 7.73
C1D 48F JA . -40.68 -2.00 6.54
O1D 48F JA . -41.08 -1.27 5.37
O2D 48F JA . -40.72 0.07 7.71
O3D 48F JA . -39.92 -3.10 9.03
O2B 48F JA . -42.28 -1.06 14.78
O5' 48F JA . -40.04 -4.08 15.33
C5' 48F JA . -40.58 -5.33 15.72
C4' 48F JA . -39.78 -5.80 16.93
O4' 48F JA . -40.50 -6.86 17.58
C1' 48F JA . -39.61 -7.92 17.88
C2' 48F JA . -38.50 -7.85 16.85
O2' 48F JA . -37.27 -8.34 17.39
C3' 48F JA . -38.43 -6.36 16.52
O3' 48F JA . -37.44 -5.72 17.33
N9 48F JA . -40.34 -9.21 17.87
C8 48F JA . -40.72 -9.94 16.79
N7 48F JA . -41.38 -11.06 17.17
C5 48F JA . -41.44 -11.06 18.52
C4 48F JA . -40.75 -9.83 18.98
C6 48F JA . -42.00 -11.94 19.58
N6 48F JA . -42.67 -13.08 19.29
N1 48F JA . -41.83 -11.55 20.87
C2 48F JA . -41.19 -10.42 21.22
N3 48F JA . -40.66 -9.57 20.31
C1 PEG KA . -65.37 -12.00 17.23
O1 PEG KA . -65.17 -12.40 18.60
C2 PEG KA . -64.09 -11.37 16.64
O2 PEG KA . -64.21 -9.94 16.61
C3 PEG KA . -63.06 -9.31 16.06
C4 PEG KA . -63.18 -7.79 16.15
O4 PEG KA . -63.06 -7.31 17.50
TB TB LA . -37.64 10.47 -13.46
TB TB MA . 12.10 7.66 -0.94
TB TB NA . -29.76 1.79 -33.15
TB TB OA . -32.23 -22.01 -6.17
TB TB PA . 14.39 6.06 -13.00
TB TB QA . -24.51 -24.27 -40.42
TB TB RA . -17.09 -19.81 -38.60
O1A 48F SA . -29.04 -19.09 -13.23
PA 48F SA . -28.67 -18.14 -14.31
O2A 48F SA . -27.34 -18.70 -15.04
O3A 48F SA . -29.91 -17.98 -15.32
PB 48F SA . -29.86 -17.95 -16.94
O1B 48F SA . -31.26 -17.97 -17.41
O5D 48F SA . -29.08 -19.25 -17.49
C5D 48F SA . -29.52 -20.58 -17.11
C4D 48F SA . -28.42 -21.63 -17.31
O4D 48F SA . -27.24 -21.26 -16.58
C3D 48F SA . -28.85 -23.03 -16.86
C2D 48F SA . -29.33 -23.89 -18.00
C1D 48F SA . -29.91 -25.27 -17.69
O1D 48F SA . -31.25 -25.44 -18.20
O2D 48F SA . -29.23 -23.52 -19.17
O3D 48F SA . -29.82 -22.96 -15.80
O2B 48F SA . -29.16 -16.60 -17.46
O5' 48F SA . -28.34 -16.70 -13.68
C5' 48F SA . -29.25 -16.07 -12.79
C4' 48F SA . -28.46 -15.18 -11.82
O4' 48F SA . -29.35 -14.39 -11.05
C1' 48F SA . -28.90 -14.34 -9.69
C2' 48F SA . -28.20 -15.67 -9.47
O2' 48F SA . -27.18 -15.53 -8.47
C3' 48F SA . -27.62 -15.99 -10.84
O3' 48F SA . -26.28 -15.51 -10.98
N9 48F SA . -30.06 -14.10 -8.80
C8 48F SA . -31.01 -14.98 -8.43
N7 48F SA . -31.94 -14.41 -7.64
C5 48F SA . -31.60 -13.12 -7.49
C4 48F SA . -30.36 -12.91 -8.26
C6 48F SA . -32.16 -11.94 -6.78
N6 48F SA . -33.29 -12.04 -6.05
N1 48F SA . -31.47 -10.76 -6.89
C2 48F SA . -30.35 -10.64 -7.62
N3 48F SA . -29.80 -11.68 -8.29
TB TB TA . 22.48 14.80 4.89
TB TB UA . 15.56 -11.03 4.83
TB TB VA . 17.66 -6.47 -18.27
TB TB WA . 46.52 -7.85 -2.76
TB TB XA . 32.56 30.71 -30.82
TB TB YA . 36.53 17.32 -48.21
TB TB ZA . 21.96 -29.68 -21.03
TB TB AB . 20.04 4.58 11.98
TB TB BB . 29.14 -27.09 6.47
TB TB CB . 28.46 -16.87 14.27
TB TB DB . 20.50 -20.87 4.47
O1A 48F EB . 39.10 -8.61 -6.68
PA 48F EB . 37.71 -8.30 -7.07
O2A 48F EB . 37.38 -8.97 -8.51
O3A 48F EB . 36.69 -8.78 -5.91
PB 48F EB . 35.31 -9.62 -6.09
O1B 48F EB . 34.88 -10.06 -4.75
O5D 48F EB . 35.61 -10.90 -7.02
C5D 48F EB . 36.68 -11.79 -6.69
C4D 48F EB . 37.07 -12.70 -7.85
O4D 48F EB . 37.60 -11.90 -8.91
C3D 48F EB . 38.13 -13.72 -7.44
C2D 48F EB . 37.63 -15.14 -7.38
C1D 48F EB . 38.58 -16.25 -6.94
O1D 48F EB . 38.24 -16.82 -5.67
O2D 48F EB . 36.48 -15.44 -7.68
O3D 48F EB . 38.77 -13.33 -6.22
O2B 48F EB . 34.15 -8.70 -6.70
O5' 48F EB . 37.57 -6.70 -7.19
C5' 48F EB . 37.97 -5.88 -6.10
C4' 48F EB . 38.24 -4.50 -6.67
O4' 48F EB . 38.35 -3.59 -5.59
C1' 48F EB . 39.44 -2.70 -5.83
C2' 48F EB . 40.44 -3.52 -6.62
O2' 48F EB . 41.30 -2.70 -7.42
C3' 48F EB . 39.55 -4.44 -7.45
O3' 48F EB . 39.27 -3.81 -8.72
N9 48F EB . 39.97 -2.24 -4.53
C8 48F EB . 40.64 -2.97 -3.63
N7 48F EB . 40.98 -2.22 -2.55
C5 48F EB . 40.51 -0.98 -2.76
C4 48F EB . 39.84 -0.99 -4.08
C6 48F EB . 40.53 0.32 -2.04
N6 48F EB . 41.11 0.42 -0.82
N1 48F EB . 39.92 1.38 -2.62
C2 48F EB . 39.31 1.29 -3.82
N3 48F EB . 39.26 0.15 -4.54
NA NA FB . 32.20 13.95 3.32
C1 PGE GB . 29.28 -2.89 18.14
O1 PGE GB . 28.13 -2.45 18.87
C2 PGE GB . 29.19 -4.39 17.88
O2 PGE GB . 29.93 -4.71 16.69
C3 PGE GB . 29.52 -5.93 16.07
C4 PGE GB . 28.10 -5.78 15.50
O4 PGE GB . 25.00 -4.71 13.39
C6 PGE GB . 25.66 -5.94 13.74
C5 PGE GB . 27.12 -5.85 13.33
O3 PGE GB . 27.96 -6.51 14.29
TB TB HB . -15.33 -12.65 22.52
TB TB IB . -6.43 16.62 8.26
TB TB JB . -14.45 22.38 29.56
TB TB KB . -44.36 15.64 -5.29
TB TB LB . 4.41 -0.55 34.82
TB TB MB . -28.88 10.81 46.36
O1A 48F NB . -18.10 -5.61 26.35
PA 48F NB . -18.28 -4.16 26.61
O2A 48F NB . -19.62 -3.93 27.47
O3A 48F NB . -16.95 -3.58 27.32
PB 48F NB . -16.90 -2.49 28.52
O1B 48F NB . -15.47 -2.34 28.87
O5D 48F NB . -17.74 -3.06 29.77
C5D 48F NB . -17.47 -4.37 30.30
C4D 48F NB . -18.70 -4.95 31.01
O4D 48F NB . -19.82 -4.95 30.13
C3D 48F NB . -18.45 -6.36 31.54
C2D 48F NB . -17.94 -6.35 32.96
C1D 48F NB . -16.78 -7.23 33.37
O1D 48F NB . -17.18 -8.26 34.31
O2D 48F NB . -18.47 -5.61 33.79
O3D 48F NB . -17.54 -7.09 30.69
O2B 48F NB . -17.43 -1.05 28.06
O5' 48F NB . -18.41 -3.42 25.20
C5' 48F NB . -17.47 -3.68 24.17
C4' 48F NB . -18.19 -3.47 22.84
O4' 48F NB . -17.23 -3.33 21.80
C1' 48F NB . -17.67 -4.05 20.66
C2' 48F NB . -18.50 -5.20 21.21
O2' 48F NB . -19.52 -5.54 20.26
C3' 48F NB . -19.08 -4.65 22.49
O3' 48F NB . -20.40 -4.14 22.25
N9 48F NB . -16.52 -4.53 19.86
C8 48F NB . -15.71 -5.55 20.16
N7 48F NB . -14.76 -5.72 19.20
C5 48F NB . -14.97 -4.78 18.27
C4 48F NB . -16.14 -4.00 18.69
C6 48F NB . -14.35 -4.39 16.98
N6 48F NB . -13.27 -5.08 16.52
N1 48F NB . -14.89 -3.37 16.29
C2 48F NB . -15.96 -2.68 16.76
N3 48F NB . -16.58 -2.98 17.91
C1 GOL OB . -19.91 13.97 13.67
O1 GOL OB . -19.59 14.37 15.01
C2 GOL OB . -18.64 13.54 12.93
O2 GOL OB . -17.68 13.03 13.86
C3 GOL OB . -18.95 12.46 11.89
O3 GOL OB . -20.01 12.88 11.02
C1 PGE PB . 3.14 5.83 25.79
O1 PGE PB . 3.57 7.04 25.16
C2 PGE PB . 3.38 4.64 24.87
O2 PGE PB . 3.95 3.54 25.59
C3 PGE PB . 4.34 2.45 24.77
C4 PGE PB . 5.76 2.67 24.21
O4 PGE PB . 7.61 3.74 20.71
C6 PGE PB . 7.53 3.14 22.02
C5 PGE PB . 6.47 2.04 22.02
O3 PGE PB . 6.15 1.60 23.35
#